data_4C8W
# 
_entry.id   4C8W 
# 
_audit_conform.dict_name       mmcif_pdbx.dic 
_audit_conform.dict_version    5.398 
_audit_conform.dict_location   http://mmcif.pdb.org/dictionaries/ascii/mmcif_pdbx.dic 
# 
loop_
_database_2.database_id 
_database_2.database_code 
_database_2.pdbx_database_accession 
_database_2.pdbx_DOI 
PDB   4C8W         pdb_00004c8w 10.2210/pdb4c8w/pdb 
PDBE  EBI-58586    ?            ?                   
WWPDB D_1290058586 ?            ?                   
# 
loop_
_pdbx_audit_revision_history.ordinal 
_pdbx_audit_revision_history.data_content_type 
_pdbx_audit_revision_history.major_revision 
_pdbx_audit_revision_history.minor_revision 
_pdbx_audit_revision_history.revision_date 
1 'Structure model' 1 0 2013-11-20 
2 'Structure model' 1 1 2013-11-27 
3 'Structure model' 1 2 2024-11-06 
# 
_pdbx_audit_revision_details.ordinal             1 
_pdbx_audit_revision_details.revision_ordinal    1 
_pdbx_audit_revision_details.data_content_type   'Structure model' 
_pdbx_audit_revision_details.provider            repository 
_pdbx_audit_revision_details.type                'Initial release' 
_pdbx_audit_revision_details.description         ? 
_pdbx_audit_revision_details.details             ? 
# 
loop_
_pdbx_audit_revision_group.ordinal 
_pdbx_audit_revision_group.revision_ordinal 
_pdbx_audit_revision_group.data_content_type 
_pdbx_audit_revision_group.group 
1 2 'Structure model' 'Database references' 
2 3 'Structure model' 'Data collection'     
3 3 'Structure model' 'Database references' 
4 3 'Structure model' Other                 
5 3 'Structure model' 'Structure summary'   
# 
loop_
_pdbx_audit_revision_category.ordinal 
_pdbx_audit_revision_category.revision_ordinal 
_pdbx_audit_revision_category.data_content_type 
_pdbx_audit_revision_category.category 
1 3 'Structure model' chem_comp_atom            
2 3 'Structure model' chem_comp_bond            
3 3 'Structure model' database_2                
4 3 'Structure model' pdbx_database_status      
5 3 'Structure model' pdbx_entry_details        
6 3 'Structure model' pdbx_modification_feature 
# 
loop_
_pdbx_audit_revision_item.ordinal 
_pdbx_audit_revision_item.revision_ordinal 
_pdbx_audit_revision_item.data_content_type 
_pdbx_audit_revision_item.item 
1 3 'Structure model' '_database_2.pdbx_DOI'                 
2 3 'Structure model' '_database_2.pdbx_database_accession'  
3 3 'Structure model' '_pdbx_database_status.status_code_sf' 
# 
_pdbx_database_status.status_code                     REL 
_pdbx_database_status.entry_id                        4C8W 
_pdbx_database_status.deposit_site                    PDBE 
_pdbx_database_status.process_site                    PDBE 
_pdbx_database_status.SG_entry                        . 
_pdbx_database_status.recvd_initial_deposition_date   2013-10-01 
_pdbx_database_status.pdb_format_compatible           Y 
_pdbx_database_status.status_code_sf                  REL 
_pdbx_database_status.status_code_mr                  ? 
_pdbx_database_status.status_code_cs                  ? 
_pdbx_database_status.methods_development_category    ? 
_pdbx_database_status.status_code_nmr_data            ? 
# 
loop_
_pdbx_database_related.db_name 
_pdbx_database_related.db_id 
_pdbx_database_related.content_type 
_pdbx_database_related.details 
PDB 4C84 unspecified 'ZEBRAFISH ZNRF3 ECTODOMAIN CRYSTAL FORM I'                                                 
PDB 4C85 unspecified 'ZEBRAFISH ZNRF3 ECTODOMAIN CRYSTAL FORM II'                                                
PDB 4C86 unspecified 'MOUSE ZNRF3 ECTODOMAIN CRYSTAL FORM I'                                                     
PDB 4C8A unspecified 'MOUSE ZNRF3 ECTODOMAIN CRYSTAL FORM II'                                                    
PDB 4C8C unspecified 'MOUSE ZNRF3 ECTODOMAIN CRYSTAL FORM III'                                                   
PDB 4C8F unspecified 'MOUSE ZNRF3 ECTODOMAIN CRYSTAL FORM IV'                                                    
PDB 4C8P unspecified 'MOUSE ZNRF3 ECTODOMAIN CRYSTAL FORM V, DISULFIDE-BRIDGED S90C VARIANT'                     
PDB 4C8T unspecified 'XENOPUS ZNRF3 ECTODOMAIN CRYSTAL FORM I'                                                   
PDB 4C8U unspecified 'XENOPUS ZNRF3 ECTODOMAIN CRYSTAL FORM II'                                                  
PDB 4C8V unspecified 'XENOPUS RSPO2 FU1-FU2 CRYSTAL FORM I'                                                      
PDB 4C99 unspecified 'MOUSE ZNRF3 ECTODOMAIN IN COMPLEX WITH MOUSE RSPO2 FU1 -FU2 CRYSTAL FORM I'                
PDB 4C9A unspecified 'MOUSE ZNRF3 ECTODOMAIN IN COMPLEX WITH XENOPUS RSPO2 FU1-FU2 (SELENO MET) CRYSTAL FORM I'  
PDB 4C9E unspecified 'MOUSE ZNRF3 ECTODOMAIN IN COMPLEX WITH XENOPUS RSPO2 FU1-FU2 (SELENO MET) CRYSTAL FORM II' 
PDB 4C9R unspecified 'XENOPUS ZNRF3 ECTODOMAIN IN COMPLEX WITH XENOPUS RSPO2 FU1-FU2 CRYSTAL FORM I'             
PDB 4C9U unspecified 'XENOPUS ZNRF3 ECTODOMAIN IN COMPLEX WITH XENOPUS RSPO2 FU1-FU2 CRYSTAL FORM II'            
PDB 4C9V unspecified 'XENOPUS RNF43 ECTODOMAIN IN COMPLEX WITH XENOPUS RSPO2 FU1-FU2'                            
# 
loop_
_audit_author.name 
_audit_author.pdbx_ordinal 
'Zebisch, M.' 1 
'Jones, E.Y.' 2 
# 
_citation.id                        primary 
_citation.title                     
'Structural and Molecular Basis of Znrf3/Rnf43 Transmembrane Ubiquitin Ligase Inhibition by the Wnt Agonist R-Spondin.' 
_citation.journal_abbrev            Nat.Commun. 
_citation.journal_volume            4 
_citation.page_first                2787 
_citation.page_last                 ? 
_citation.year                      2013 
_citation.journal_id_ASTM           ? 
_citation.country                   UK 
_citation.journal_id_ISSN           2041-1723 
_citation.journal_id_CSD            ? 
_citation.book_publisher            ? 
_citation.pdbx_database_id_PubMed   24225776 
_citation.pdbx_database_id_DOI      10.1038/NCOMMS3787 
# 
loop_
_citation_author.citation_id 
_citation_author.name 
_citation_author.ordinal 
_citation_author.identifier_ORCID 
primary 'Zebisch, M.'     1 ? 
primary 'Xu, Y.'          2 ? 
primary 'Krastev, C.'     3 ? 
primary 'Macdonald, B.T.' 4 ? 
primary 'Chen, M.'        5 ? 
primary 'Gilbert, R.J.C.' 6 ? 
primary 'He, X.'          7 ? 
primary 'Jones, E.Y.'     8 ? 
# 
_entity.id                         1 
_entity.type                       polymer 
_entity.src_method                 man 
_entity.pdbx_description           R-SPONDIN-2 
_entity.formula_weight             13781.749 
_entity.pdbx_number_of_molecules   2 
_entity.pdbx_ec                    ? 
_entity.pdbx_mutation              ? 
_entity.pdbx_fragment              'FU1-FU2, RESIDUES 35-144' 
_entity.details                    ? 
# 
_entity_name_com.entity_id   1 
_entity_name_com.name        'ROOF PLATE-SPECIFIC SPONDIN-2, RSPO2' 
# 
_entity_poly.entity_id                      1 
_entity_poly.type                           'polypeptide(L)' 
_entity_poly.nstd_linkage                   no 
_entity_poly.nstd_monomer                   no 
_entity_poly.pdbx_seq_one_letter_code       
;ETGGTNPICKGCLSCSKDNGCLRCQPKLFFYLRREGMRQYGECLQSCPPGYYGVRGPDMNRCSRCRIENCDSCFSRDFCI
KCKSGFYSHKGQCFEECPEGFAPLDDTMVCVDGTKHHHHHH
;
_entity_poly.pdbx_seq_one_letter_code_can   
;ETGGTNPICKGCLSCSKDNGCLRCQPKLFFYLRREGMRQYGECLQSCPPGYYGVRGPDMNRCSRCRIENCDSCFSRDFCI
KCKSGFYSHKGQCFEECPEGFAPLDDTMVCVDGTKHHHHHH
;
_entity_poly.pdbx_strand_id                 I,J 
_entity_poly.pdbx_target_identifier         ? 
# 
loop_
_entity_poly_seq.entity_id 
_entity_poly_seq.num 
_entity_poly_seq.mon_id 
_entity_poly_seq.hetero 
1 1   GLU n 
1 2   THR n 
1 3   GLY n 
1 4   GLY n 
1 5   THR n 
1 6   ASN n 
1 7   PRO n 
1 8   ILE n 
1 9   CYS n 
1 10  LYS n 
1 11  GLY n 
1 12  CYS n 
1 13  LEU n 
1 14  SER n 
1 15  CYS n 
1 16  SER n 
1 17  LYS n 
1 18  ASP n 
1 19  ASN n 
1 20  GLY n 
1 21  CYS n 
1 22  LEU n 
1 23  ARG n 
1 24  CYS n 
1 25  GLN n 
1 26  PRO n 
1 27  LYS n 
1 28  LEU n 
1 29  PHE n 
1 30  PHE n 
1 31  TYR n 
1 32  LEU n 
1 33  ARG n 
1 34  ARG n 
1 35  GLU n 
1 36  GLY n 
1 37  MET n 
1 38  ARG n 
1 39  GLN n 
1 40  TYR n 
1 41  GLY n 
1 42  GLU n 
1 43  CYS n 
1 44  LEU n 
1 45  GLN n 
1 46  SER n 
1 47  CYS n 
1 48  PRO n 
1 49  PRO n 
1 50  GLY n 
1 51  TYR n 
1 52  TYR n 
1 53  GLY n 
1 54  VAL n 
1 55  ARG n 
1 56  GLY n 
1 57  PRO n 
1 58  ASP n 
1 59  MET n 
1 60  ASN n 
1 61  ARG n 
1 62  CYS n 
1 63  SER n 
1 64  ARG n 
1 65  CYS n 
1 66  ARG n 
1 67  ILE n 
1 68  GLU n 
1 69  ASN n 
1 70  CYS n 
1 71  ASP n 
1 72  SER n 
1 73  CYS n 
1 74  PHE n 
1 75  SER n 
1 76  ARG n 
1 77  ASP n 
1 78  PHE n 
1 79  CYS n 
1 80  ILE n 
1 81  LYS n 
1 82  CYS n 
1 83  LYS n 
1 84  SER n 
1 85  GLY n 
1 86  PHE n 
1 87  TYR n 
1 88  SER n 
1 89  HIS n 
1 90  LYS n 
1 91  GLY n 
1 92  GLN n 
1 93  CYS n 
1 94  PHE n 
1 95  GLU n 
1 96  GLU n 
1 97  CYS n 
1 98  PRO n 
1 99  GLU n 
1 100 GLY n 
1 101 PHE n 
1 102 ALA n 
1 103 PRO n 
1 104 LEU n 
1 105 ASP n 
1 106 ASP n 
1 107 THR n 
1 108 MET n 
1 109 VAL n 
1 110 CYS n 
1 111 VAL n 
1 112 ASP n 
1 113 GLY n 
1 114 THR n 
1 115 LYS n 
1 116 HIS n 
1 117 HIS n 
1 118 HIS n 
1 119 HIS n 
1 120 HIS n 
1 121 HIS n 
# 
_entity_src_gen.entity_id                          1 
_entity_src_gen.pdbx_src_id                        1 
_entity_src_gen.pdbx_alt_source_flag               sample 
_entity_src_gen.pdbx_seq_type                      ? 
_entity_src_gen.pdbx_beg_seq_num                   ? 
_entity_src_gen.pdbx_end_seq_num                   ? 
_entity_src_gen.gene_src_common_name               'WESTERN CLAWED FROG' 
_entity_src_gen.gene_src_genus                     ? 
_entity_src_gen.pdbx_gene_src_gene                 ? 
_entity_src_gen.gene_src_species                   ? 
_entity_src_gen.gene_src_strain                    ? 
_entity_src_gen.gene_src_tissue                    ? 
_entity_src_gen.gene_src_tissue_fraction           ? 
_entity_src_gen.gene_src_details                   ? 
_entity_src_gen.pdbx_gene_src_fragment             ? 
_entity_src_gen.pdbx_gene_src_scientific_name      'XENOPUS (SILURANA) TROPICALIS' 
_entity_src_gen.pdbx_gene_src_ncbi_taxonomy_id     8364 
_entity_src_gen.pdbx_gene_src_variant              ? 
_entity_src_gen.pdbx_gene_src_cell_line            ? 
_entity_src_gen.pdbx_gene_src_atcc                 ? 
_entity_src_gen.pdbx_gene_src_organ                ? 
_entity_src_gen.pdbx_gene_src_organelle            ? 
_entity_src_gen.pdbx_gene_src_cell                 ? 
_entity_src_gen.pdbx_gene_src_cellular_location    ? 
_entity_src_gen.host_org_common_name               HUMAN 
_entity_src_gen.pdbx_host_org_scientific_name      'HOMO SAPIENS' 
_entity_src_gen.pdbx_host_org_ncbi_taxonomy_id     9606 
_entity_src_gen.host_org_genus                     ? 
_entity_src_gen.pdbx_host_org_gene                 ? 
_entity_src_gen.pdbx_host_org_organ                ? 
_entity_src_gen.host_org_species                   ? 
_entity_src_gen.pdbx_host_org_tissue               ? 
_entity_src_gen.pdbx_host_org_tissue_fraction      ? 
_entity_src_gen.pdbx_host_org_strain               ? 
_entity_src_gen.pdbx_host_org_variant              ? 
_entity_src_gen.pdbx_host_org_cell_line            HEK293T 
_entity_src_gen.pdbx_host_org_atcc                 ? 
_entity_src_gen.pdbx_host_org_culture_collection   ? 
_entity_src_gen.pdbx_host_org_cell                 ? 
_entity_src_gen.pdbx_host_org_organelle            ? 
_entity_src_gen.pdbx_host_org_cellular_location    ? 
_entity_src_gen.pdbx_host_org_vector_type          ? 
_entity_src_gen.pdbx_host_org_vector               TRANSIENT 
_entity_src_gen.host_org_details                   ? 
_entity_src_gen.expression_system_id               ? 
_entity_src_gen.plasmid_name                       PHLSEC 
_entity_src_gen.plasmid_details                    ? 
_entity_src_gen.pdbx_description                   ? 
# 
loop_
_chem_comp.id 
_chem_comp.type 
_chem_comp.mon_nstd_flag 
_chem_comp.name 
_chem_comp.pdbx_synonyms 
_chem_comp.formula 
_chem_comp.formula_weight 
ALA 'L-peptide linking' y ALANINE         ? 'C3 H7 N O2'     89.093  
ARG 'L-peptide linking' y ARGININE        ? 'C6 H15 N4 O2 1' 175.209 
ASN 'L-peptide linking' y ASPARAGINE      ? 'C4 H8 N2 O3'    132.118 
ASP 'L-peptide linking' y 'ASPARTIC ACID' ? 'C4 H7 N O4'     133.103 
CYS 'L-peptide linking' y CYSTEINE        ? 'C3 H7 N O2 S'   121.158 
GLN 'L-peptide linking' y GLUTAMINE       ? 'C5 H10 N2 O3'   146.144 
GLU 'L-peptide linking' y 'GLUTAMIC ACID' ? 'C5 H9 N O4'     147.129 
GLY 'peptide linking'   y GLYCINE         ? 'C2 H5 N O2'     75.067  
HIS 'L-peptide linking' y HISTIDINE       ? 'C6 H10 N3 O2 1' 156.162 
ILE 'L-peptide linking' y ISOLEUCINE      ? 'C6 H13 N O2'    131.173 
LEU 'L-peptide linking' y LEUCINE         ? 'C6 H13 N O2'    131.173 
LYS 'L-peptide linking' y LYSINE          ? 'C6 H15 N2 O2 1' 147.195 
MET 'L-peptide linking' y METHIONINE      ? 'C5 H11 N O2 S'  149.211 
PHE 'L-peptide linking' y PHENYLALANINE   ? 'C9 H11 N O2'    165.189 
PRO 'L-peptide linking' y PROLINE         ? 'C5 H9 N O2'     115.130 
SER 'L-peptide linking' y SERINE          ? 'C3 H7 N O3'     105.093 
THR 'L-peptide linking' y THREONINE       ? 'C4 H9 N O3'     119.119 
TYR 'L-peptide linking' y TYROSINE        ? 'C9 H11 N O3'    181.189 
VAL 'L-peptide linking' y VALINE          ? 'C5 H11 N O2'    117.146 
# 
loop_
_pdbx_poly_seq_scheme.asym_id 
_pdbx_poly_seq_scheme.entity_id 
_pdbx_poly_seq_scheme.seq_id 
_pdbx_poly_seq_scheme.mon_id 
_pdbx_poly_seq_scheme.ndb_seq_num 
_pdbx_poly_seq_scheme.pdb_seq_num 
_pdbx_poly_seq_scheme.auth_seq_num 
_pdbx_poly_seq_scheme.pdb_mon_id 
_pdbx_poly_seq_scheme.auth_mon_id 
_pdbx_poly_seq_scheme.pdb_strand_id 
_pdbx_poly_seq_scheme.pdb_ins_code 
_pdbx_poly_seq_scheme.hetero 
A 1 1   GLU 1   32  ?   ?   ?   I . n 
A 1 2   THR 2   33  ?   ?   ?   I . n 
A 1 3   GLY 3   34  ?   ?   ?   I . n 
A 1 4   GLY 4   35  ?   ?   ?   I . n 
A 1 5   THR 5   36  ?   ?   ?   I . n 
A 1 6   ASN 6   37  ?   ?   ?   I . n 
A 1 7   PRO 7   38  ?   ?   ?   I . n 
A 1 8   ILE 8   39  39  ILE ILE I . n 
A 1 9   CYS 9   40  40  CYS CYS I . n 
A 1 10  LYS 10  41  41  LYS LYS I . n 
A 1 11  GLY 11  42  42  GLY GLY I . n 
A 1 12  CYS 12  43  43  CYS CYS I . n 
A 1 13  LEU 13  44  44  LEU LEU I . n 
A 1 14  SER 14  45  45  SER SER I . n 
A 1 15  CYS 15  46  46  CYS CYS I . n 
A 1 16  SER 16  47  47  SER SER I . n 
A 1 17  LYS 17  48  48  LYS LYS I . n 
A 1 18  ASP 18  49  49  ASP ASP I . n 
A 1 19  ASN 19  50  50  ASN ASN I . n 
A 1 20  GLY 20  51  51  GLY GLY I . n 
A 1 21  CYS 21  52  52  CYS CYS I . n 
A 1 22  LEU 22  53  53  LEU LEU I . n 
A 1 23  ARG 23  54  54  ARG ARG I . n 
A 1 24  CYS 24  55  55  CYS CYS I . n 
A 1 25  GLN 25  56  56  GLN GLN I . n 
A 1 26  PRO 26  57  57  PRO PRO I . n 
A 1 27  LYS 27  58  58  LYS LYS I . n 
A 1 28  LEU 28  59  59  LEU LEU I . n 
A 1 29  PHE 29  60  60  PHE PHE I . n 
A 1 30  PHE 30  61  61  PHE PHE I . n 
A 1 31  TYR 31  62  62  TYR TYR I . n 
A 1 32  LEU 32  63  63  LEU LEU I . n 
A 1 33  ARG 33  64  64  ARG ARG I . n 
A 1 34  ARG 34  65  65  ARG ARG I . n 
A 1 35  GLU 35  66  66  GLU GLU I . n 
A 1 36  GLY 36  67  67  GLY GLY I . n 
A 1 37  MET 37  68  68  MET MET I . n 
A 1 38  ARG 38  69  69  ARG ARG I . n 
A 1 39  GLN 39  70  70  GLN GLN I . n 
A 1 40  TYR 40  71  71  TYR TYR I . n 
A 1 41  GLY 41  72  72  GLY GLY I . n 
A 1 42  GLU 42  73  73  GLU GLU I . n 
A 1 43  CYS 43  74  74  CYS CYS I . n 
A 1 44  LEU 44  75  75  LEU LEU I . n 
A 1 45  GLN 45  76  76  GLN GLN I . n 
A 1 46  SER 46  77  77  SER SER I . n 
A 1 47  CYS 47  78  78  CYS CYS I . n 
A 1 48  PRO 48  79  79  PRO PRO I . n 
A 1 49  PRO 49  80  80  PRO PRO I . n 
A 1 50  GLY 50  81  81  GLY GLY I . n 
A 1 51  TYR 51  82  82  TYR TYR I . n 
A 1 52  TYR 52  83  83  TYR TYR I . n 
A 1 53  GLY 53  84  84  GLY GLY I . n 
A 1 54  VAL 54  85  85  VAL VAL I . n 
A 1 55  ARG 55  86  86  ARG ARG I . n 
A 1 56  GLY 56  87  87  GLY GLY I . n 
A 1 57  PRO 57  88  88  PRO PRO I . n 
A 1 58  ASP 58  89  89  ASP ASP I . n 
A 1 59  MET 59  90  90  MET MET I . n 
A 1 60  ASN 60  91  91  ASN ASN I . n 
A 1 61  ARG 61  92  92  ARG ARG I . n 
A 1 62  CYS 62  93  93  CYS CYS I . n 
A 1 63  SER 63  94  94  SER SER I . n 
A 1 64  ARG 64  95  95  ARG ARG I . n 
A 1 65  CYS 65  96  96  CYS CYS I . n 
A 1 66  ARG 66  97  97  ARG ARG I . n 
A 1 67  ILE 67  98  98  ILE ILE I . n 
A 1 68  GLU 68  99  99  GLU GLU I . n 
A 1 69  ASN 69  100 100 ASN ASN I . n 
A 1 70  CYS 70  101 101 CYS CYS I . n 
A 1 71  ASP 71  102 102 ASP ASP I . n 
A 1 72  SER 72  103 103 SER SER I . n 
A 1 73  CYS 73  104 104 CYS CYS I . n 
A 1 74  PHE 74  105 105 PHE PHE I . n 
A 1 75  SER 75  106 106 SER SER I . n 
A 1 76  ARG 76  107 107 ARG ARG I . n 
A 1 77  ASP 77  108 108 ASP ASP I . n 
A 1 78  PHE 78  109 109 PHE PHE I . n 
A 1 79  CYS 79  110 110 CYS CYS I . n 
A 1 80  ILE 80  111 111 ILE ILE I . n 
A 1 81  LYS 81  112 112 LYS LYS I . n 
A 1 82  CYS 82  113 113 CYS CYS I . n 
A 1 83  LYS 83  114 114 LYS LYS I . n 
A 1 84  SER 84  115 115 SER SER I . n 
A 1 85  GLY 85  116 116 GLY GLY I . n 
A 1 86  PHE 86  117 117 PHE PHE I . n 
A 1 87  TYR 87  118 118 TYR TYR I . n 
A 1 88  SER 88  119 119 SER SER I . n 
A 1 89  HIS 89  120 120 HIS HIS I . n 
A 1 90  LYS 90  121 121 LYS LYS I . n 
A 1 91  GLY 91  122 122 GLY GLY I . n 
A 1 92  GLN 92  123 123 GLN GLN I . n 
A 1 93  CYS 93  124 124 CYS CYS I . n 
A 1 94  PHE 94  125 125 PHE PHE I . n 
A 1 95  GLU 95  126 126 GLU GLU I . n 
A 1 96  GLU 96  127 127 GLU GLU I . n 
A 1 97  CYS 97  128 128 CYS CYS I . n 
A 1 98  PRO 98  129 129 PRO PRO I . n 
A 1 99  GLU 99  130 130 GLU GLU I . n 
A 1 100 GLY 100 131 131 GLY GLY I . n 
A 1 101 PHE 101 132 132 PHE PHE I . n 
A 1 102 ALA 102 133 133 ALA ALA I . n 
A 1 103 PRO 103 134 134 PRO PRO I . n 
A 1 104 LEU 104 135 135 LEU LEU I . n 
A 1 105 ASP 105 136 136 ASP ASP I . n 
A 1 106 ASP 106 137 137 ASP ASP I . n 
A 1 107 THR 107 138 138 THR THR I . n 
A 1 108 MET 108 139 139 MET MET I . n 
A 1 109 VAL 109 140 140 VAL VAL I . n 
A 1 110 CYS 110 141 141 CYS CYS I . n 
A 1 111 VAL 111 142 142 VAL VAL I . n 
A 1 112 ASP 112 143 ?   ?   ?   I . n 
A 1 113 GLY 113 144 ?   ?   ?   I . n 
A 1 114 THR 114 145 ?   ?   ?   I . n 
A 1 115 LYS 115 146 ?   ?   ?   I . n 
A 1 116 HIS 116 147 ?   ?   ?   I . n 
A 1 117 HIS 117 148 ?   ?   ?   I . n 
A 1 118 HIS 118 149 ?   ?   ?   I . n 
A 1 119 HIS 119 150 ?   ?   ?   I . n 
A 1 120 HIS 120 151 ?   ?   ?   I . n 
A 1 121 HIS 121 152 ?   ?   ?   I . n 
B 1 1   GLU 1   32  ?   ?   ?   J . n 
B 1 2   THR 2   33  ?   ?   ?   J . n 
B 1 3   GLY 3   34  ?   ?   ?   J . n 
B 1 4   GLY 4   35  ?   ?   ?   J . n 
B 1 5   THR 5   36  ?   ?   ?   J . n 
B 1 6   ASN 6   37  ?   ?   ?   J . n 
B 1 7   PRO 7   38  ?   ?   ?   J . n 
B 1 8   ILE 8   39  ?   ?   ?   J . n 
B 1 9   CYS 9   40  40  CYS CYS J . n 
B 1 10  LYS 10  41  41  LYS LYS J . n 
B 1 11  GLY 11  42  42  GLY GLY J . n 
B 1 12  CYS 12  43  43  CYS CYS J . n 
B 1 13  LEU 13  44  44  LEU LEU J . n 
B 1 14  SER 14  45  45  SER SER J . n 
B 1 15  CYS 15  46  46  CYS CYS J . n 
B 1 16  SER 16  47  47  SER SER J . n 
B 1 17  LYS 17  48  48  LYS LYS J . n 
B 1 18  ASP 18  49  49  ASP ASP J . n 
B 1 19  ASN 19  50  50  ASN ASN J . n 
B 1 20  GLY 20  51  51  GLY GLY J . n 
B 1 21  CYS 21  52  52  CYS CYS J . n 
B 1 22  LEU 22  53  53  LEU LEU J . n 
B 1 23  ARG 23  54  54  ARG ARG J . n 
B 1 24  CYS 24  55  55  CYS CYS J . n 
B 1 25  GLN 25  56  56  GLN GLN J . n 
B 1 26  PRO 26  57  57  PRO PRO J . n 
B 1 27  LYS 27  58  58  LYS LYS J . n 
B 1 28  LEU 28  59  59  LEU LEU J . n 
B 1 29  PHE 29  60  60  PHE PHE J . n 
B 1 30  PHE 30  61  61  PHE PHE J . n 
B 1 31  TYR 31  62  62  TYR TYR J . n 
B 1 32  LEU 32  63  63  LEU LEU J . n 
B 1 33  ARG 33  64  64  ARG ARG J . n 
B 1 34  ARG 34  65  65  ARG ARG J . n 
B 1 35  GLU 35  66  66  GLU GLU J . n 
B 1 36  GLY 36  67  67  GLY GLY J . n 
B 1 37  MET 37  68  68  MET MET J . n 
B 1 38  ARG 38  69  69  ARG ARG J . n 
B 1 39  GLN 39  70  70  GLN GLN J . n 
B 1 40  TYR 40  71  71  TYR TYR J . n 
B 1 41  GLY 41  72  72  GLY GLY J . n 
B 1 42  GLU 42  73  73  GLU GLU J . n 
B 1 43  CYS 43  74  74  CYS CYS J . n 
B 1 44  LEU 44  75  75  LEU LEU J . n 
B 1 45  GLN 45  76  76  GLN GLN J . n 
B 1 46  SER 46  77  77  SER SER J . n 
B 1 47  CYS 47  78  78  CYS CYS J . n 
B 1 48  PRO 48  79  79  PRO PRO J . n 
B 1 49  PRO 49  80  80  PRO PRO J . n 
B 1 50  GLY 50  81  81  GLY GLY J . n 
B 1 51  TYR 51  82  82  TYR TYR J . n 
B 1 52  TYR 52  83  83  TYR TYR J . n 
B 1 53  GLY 53  84  84  GLY GLY J . n 
B 1 54  VAL 54  85  85  VAL VAL J . n 
B 1 55  ARG 55  86  86  ARG ARG J . n 
B 1 56  GLY 56  87  87  GLY GLY J . n 
B 1 57  PRO 57  88  88  PRO PRO J . n 
B 1 58  ASP 58  89  89  ASP ASP J . n 
B 1 59  MET 59  90  90  MET MET J . n 
B 1 60  ASN 60  91  91  ASN ASN J . n 
B 1 61  ARG 61  92  92  ARG ARG J . n 
B 1 62  CYS 62  93  93  CYS CYS J . n 
B 1 63  SER 63  94  94  SER SER J . n 
B 1 64  ARG 64  95  95  ARG ARG J . n 
B 1 65  CYS 65  96  96  CYS CYS J . n 
B 1 66  ARG 66  97  97  ARG ARG J . n 
B 1 67  ILE 67  98  98  ILE ILE J . n 
B 1 68  GLU 68  99  99  GLU GLU J . n 
B 1 69  ASN 69  100 100 ASN ASN J . n 
B 1 70  CYS 70  101 101 CYS CYS J . n 
B 1 71  ASP 71  102 102 ASP ASP J . n 
B 1 72  SER 72  103 103 SER SER J . n 
B 1 73  CYS 73  104 104 CYS CYS J . n 
B 1 74  PHE 74  105 105 PHE PHE J . n 
B 1 75  SER 75  106 106 SER SER J . n 
B 1 76  ARG 76  107 107 ARG ARG J . n 
B 1 77  ASP 77  108 108 ASP ASP J . n 
B 1 78  PHE 78  109 109 PHE PHE J . n 
B 1 79  CYS 79  110 110 CYS CYS J . n 
B 1 80  ILE 80  111 111 ILE ILE J . n 
B 1 81  LYS 81  112 112 LYS LYS J . n 
B 1 82  CYS 82  113 113 CYS CYS J . n 
B 1 83  LYS 83  114 114 LYS LYS J . n 
B 1 84  SER 84  115 115 SER SER J . n 
B 1 85  GLY 85  116 116 GLY GLY J . n 
B 1 86  PHE 86  117 117 PHE PHE J . n 
B 1 87  TYR 87  118 118 TYR TYR J . n 
B 1 88  SER 88  119 119 SER SER J . n 
B 1 89  HIS 89  120 120 HIS HIS J . n 
B 1 90  LYS 90  121 121 LYS LYS J . n 
B 1 91  GLY 91  122 122 GLY GLY J . n 
B 1 92  GLN 92  123 123 GLN GLN J . n 
B 1 93  CYS 93  124 124 CYS CYS J . n 
B 1 94  PHE 94  125 125 PHE PHE J . n 
B 1 95  GLU 95  126 126 GLU GLU J . n 
B 1 96  GLU 96  127 127 GLU GLU J . n 
B 1 97  CYS 97  128 128 CYS CYS J . n 
B 1 98  PRO 98  129 129 PRO PRO J . n 
B 1 99  GLU 99  130 130 GLU GLU J . n 
B 1 100 GLY 100 131 131 GLY GLY J . n 
B 1 101 PHE 101 132 132 PHE PHE J . n 
B 1 102 ALA 102 133 133 ALA ALA J . n 
B 1 103 PRO 103 134 134 PRO PRO J . n 
B 1 104 LEU 104 135 135 LEU LEU J . n 
B 1 105 ASP 105 136 136 ASP ASP J . n 
B 1 106 ASP 106 137 137 ASP ASP J . n 
B 1 107 THR 107 138 138 THR THR J . n 
B 1 108 MET 108 139 139 MET MET J . n 
B 1 109 VAL 109 140 140 VAL VAL J . n 
B 1 110 CYS 110 141 141 CYS CYS J . n 
B 1 111 VAL 111 142 142 VAL VAL J . n 
B 1 112 ASP 112 143 143 ASP ASP J . n 
B 1 113 GLY 113 144 ?   ?   ?   J . n 
B 1 114 THR 114 145 ?   ?   ?   J . n 
B 1 115 LYS 115 146 ?   ?   ?   J . n 
B 1 116 HIS 116 147 ?   ?   ?   J . n 
B 1 117 HIS 117 148 ?   ?   ?   J . n 
B 1 118 HIS 118 149 ?   ?   ?   J . n 
B 1 119 HIS 119 150 ?   ?   ?   J . n 
B 1 120 HIS 120 151 ?   ?   ?   J . n 
B 1 121 HIS 121 152 ?   ?   ?   J . n 
# 
loop_
_pdbx_unobs_or_zero_occ_atoms.id 
_pdbx_unobs_or_zero_occ_atoms.PDB_model_num 
_pdbx_unobs_or_zero_occ_atoms.polymer_flag 
_pdbx_unobs_or_zero_occ_atoms.occupancy_flag 
_pdbx_unobs_or_zero_occ_atoms.auth_asym_id 
_pdbx_unobs_or_zero_occ_atoms.auth_comp_id 
_pdbx_unobs_or_zero_occ_atoms.auth_seq_id 
_pdbx_unobs_or_zero_occ_atoms.PDB_ins_code 
_pdbx_unobs_or_zero_occ_atoms.auth_atom_id 
_pdbx_unobs_or_zero_occ_atoms.label_alt_id 
_pdbx_unobs_or_zero_occ_atoms.label_asym_id 
_pdbx_unobs_or_zero_occ_atoms.label_comp_id 
_pdbx_unobs_or_zero_occ_atoms.label_seq_id 
_pdbx_unobs_or_zero_occ_atoms.label_atom_id 
1  1 Y 1 I ARG 65  ? CG  ? A ARG 34  CG  
2  1 Y 1 I ARG 65  ? CD  ? A ARG 34  CD  
3  1 Y 1 I ARG 65  ? NE  ? A ARG 34  NE  
4  1 Y 1 I ARG 65  ? CZ  ? A ARG 34  CZ  
5  1 Y 1 I ARG 65  ? NH1 ? A ARG 34  NH1 
6  1 Y 1 I ARG 65  ? NH2 ? A ARG 34  NH2 
7  1 Y 1 I ARG 69  ? CG  ? A ARG 38  CG  
8  1 Y 1 I ARG 69  ? CD  ? A ARG 38  CD  
9  1 Y 1 I ARG 69  ? NE  ? A ARG 38  NE  
10 1 Y 1 I ARG 69  ? CZ  ? A ARG 38  CZ  
11 1 Y 1 I ARG 69  ? NH1 ? A ARG 38  NH1 
12 1 Y 1 I ARG 69  ? NH2 ? A ARG 38  NH2 
13 1 Y 1 I LYS 114 ? CG  ? A LYS 83  CG  
14 1 Y 1 I LYS 114 ? CD  ? A LYS 83  CD  
15 1 Y 1 I LYS 114 ? CE  ? A LYS 83  CE  
16 1 Y 1 I LYS 114 ? NZ  ? A LYS 83  NZ  
17 1 Y 1 I GLU 126 ? CG  ? A GLU 95  CG  
18 1 Y 1 I GLU 126 ? CD  ? A GLU 95  CD  
19 1 Y 1 I GLU 126 ? OE1 ? A GLU 95  OE1 
20 1 Y 1 I GLU 126 ? OE2 ? A GLU 95  OE2 
21 1 Y 1 I GLU 127 ? CG  ? A GLU 96  CG  
22 1 Y 1 I GLU 127 ? CD  ? A GLU 96  CD  
23 1 Y 1 I GLU 127 ? OE1 ? A GLU 96  OE1 
24 1 Y 1 I GLU 127 ? OE2 ? A GLU 96  OE2 
25 1 Y 1 I GLU 130 ? CG  ? A GLU 99  CG  
26 1 Y 1 I GLU 130 ? CD  ? A GLU 99  CD  
27 1 Y 1 I GLU 130 ? OE1 ? A GLU 99  OE1 
28 1 Y 1 I GLU 130 ? OE2 ? A GLU 99  OE2 
29 1 Y 1 I ASP 136 ? CG  ? A ASP 105 CG  
30 1 Y 1 I ASP 136 ? OD1 ? A ASP 105 OD1 
31 1 Y 1 I ASP 136 ? OD2 ? A ASP 105 OD2 
32 1 Y 1 I ASP 137 ? CG  ? A ASP 106 CG  
33 1 Y 1 I ASP 137 ? OD1 ? A ASP 106 OD1 
34 1 Y 1 I ASP 137 ? OD2 ? A ASP 106 OD2 
35 1 Y 1 J LYS 48  ? CG  ? B LYS 17  CG  
36 1 Y 1 J LYS 48  ? CD  ? B LYS 17  CD  
37 1 Y 1 J LYS 48  ? CE  ? B LYS 17  CE  
38 1 Y 1 J LYS 48  ? NZ  ? B LYS 17  NZ  
39 1 Y 1 J ASP 49  ? CG  ? B ASP 18  CG  
40 1 Y 1 J ASP 49  ? OD1 ? B ASP 18  OD1 
41 1 Y 1 J ASP 49  ? OD2 ? B ASP 18  OD2 
42 1 Y 1 J ASN 50  ? CG  ? B ASN 19  CG  
43 1 Y 1 J ASN 50  ? OD1 ? B ASN 19  OD1 
44 1 Y 1 J ASN 50  ? ND2 ? B ASN 19  ND2 
45 1 Y 1 J ARG 54  ? CG  ? B ARG 23  CG  
46 1 Y 1 J ARG 54  ? CD  ? B ARG 23  CD  
47 1 Y 1 J ARG 54  ? NE  ? B ARG 23  NE  
48 1 Y 1 J ARG 54  ? CZ  ? B ARG 23  CZ  
49 1 Y 1 J ARG 54  ? NH1 ? B ARG 23  NH1 
50 1 Y 1 J ARG 54  ? NH2 ? B ARG 23  NH2 
51 1 Y 1 J LYS 58  ? CG  ? B LYS 27  CG  
52 1 Y 1 J LYS 58  ? CD  ? B LYS 27  CD  
53 1 Y 1 J LYS 58  ? CE  ? B LYS 27  CE  
54 1 Y 1 J LYS 58  ? NZ  ? B LYS 27  NZ  
55 1 Y 1 J ARG 64  ? CG  ? B ARG 33  CG  
56 1 Y 1 J ARG 64  ? CD  ? B ARG 33  CD  
57 1 Y 1 J ARG 64  ? NE  ? B ARG 33  NE  
58 1 Y 1 J ARG 64  ? CZ  ? B ARG 33  CZ  
59 1 Y 1 J ARG 64  ? NH1 ? B ARG 33  NH1 
60 1 Y 1 J ARG 64  ? NH2 ? B ARG 33  NH2 
61 1 Y 1 J ARG 65  ? CG  ? B ARG 34  CG  
62 1 Y 1 J ARG 65  ? CD  ? B ARG 34  CD  
63 1 Y 1 J ARG 65  ? NE  ? B ARG 34  NE  
64 1 Y 1 J ARG 65  ? CZ  ? B ARG 34  CZ  
65 1 Y 1 J ARG 65  ? NH1 ? B ARG 34  NH1 
66 1 Y 1 J ARG 65  ? NH2 ? B ARG 34  NH2 
67 1 Y 1 J ARG 69  ? CG  ? B ARG 38  CG  
68 1 Y 1 J ARG 69  ? CD  ? B ARG 38  CD  
69 1 Y 1 J ARG 69  ? NE  ? B ARG 38  NE  
70 1 Y 1 J ARG 69  ? CZ  ? B ARG 38  CZ  
71 1 Y 1 J ARG 69  ? NH1 ? B ARG 38  NH1 
72 1 Y 1 J ARG 69  ? NH2 ? B ARG 38  NH2 
73 1 Y 1 J ARG 97  ? CG  ? B ARG 66  CG  
74 1 Y 1 J ARG 97  ? CD  ? B ARG 66  CD  
75 1 Y 1 J ARG 97  ? NE  ? B ARG 66  NE  
76 1 Y 1 J ARG 97  ? CZ  ? B ARG 66  CZ  
77 1 Y 1 J ARG 97  ? NH1 ? B ARG 66  NH1 
78 1 Y 1 J ARG 97  ? NH2 ? B ARG 66  NH2 
79 1 Y 1 J LYS 112 ? CG  ? B LYS 81  CG  
80 1 Y 1 J LYS 112 ? CD  ? B LYS 81  CD  
81 1 Y 1 J LYS 112 ? CE  ? B LYS 81  CE  
82 1 Y 1 J LYS 112 ? NZ  ? B LYS 81  NZ  
83 1 Y 1 J ASP 143 ? CG  ? B ASP 112 CG  
84 1 Y 1 J ASP 143 ? OD1 ? B ASP 112 OD1 
85 1 Y 1 J ASP 143 ? OD2 ? B ASP 112 OD2 
# 
_software.name             REFMAC 
_software.classification   refinement 
_software.version          5.7.0029 
_software.citation_id      ? 
_software.pdbx_ordinal     1 
# 
_cell.entry_id           4C8W 
_cell.length_a           87.122 
_cell.length_b           87.122 
_cell.length_c           76.951 
_cell.angle_alpha        90.00 
_cell.angle_beta         90.00 
_cell.angle_gamma        90.00 
_cell.Z_PDB              16 
_cell.pdbx_unique_axis   ? 
# 
_symmetry.entry_id                         4C8W 
_symmetry.space_group_name_H-M             'P 4 2 2' 
_symmetry.pdbx_full_space_group_name_H-M   ? 
_symmetry.cell_setting                     ? 
_symmetry.Int_Tables_number                89 
# 
_exptl.entry_id          4C8W 
_exptl.method            'X-RAY DIFFRACTION' 
_exptl.crystals_number   ? 
# 
_exptl_crystal.id                    1 
_exptl_crystal.density_meas          ? 
_exptl_crystal.density_Matthews      2.65 
_exptl_crystal.density_percent_sol   53.56 
_exptl_crystal.description           NONE 
# 
_diffrn.id                     1 
_diffrn.ambient_temp           100 
_diffrn.ambient_temp_details   ? 
_diffrn.crystal_id             1 
# 
_diffrn_detector.diffrn_id              1 
_diffrn_detector.detector               PIXEL 
_diffrn_detector.type                   'DECTRIS PIXEL' 
_diffrn_detector.pdbx_collection_date   2012-05-31 
_diffrn_detector.details                ? 
# 
_diffrn_radiation.diffrn_id                        1 
_diffrn_radiation.wavelength_id                    1 
_diffrn_radiation.pdbx_monochromatic_or_laue_m_l   M 
_diffrn_radiation.monochromator                    ? 
_diffrn_radiation.pdbx_diffrn_protocol             'SINGLE WAVELENGTH' 
_diffrn_radiation.pdbx_scattering_type             x-ray 
# 
_diffrn_radiation_wavelength.id           1 
_diffrn_radiation_wavelength.wavelength   0.9795 
_diffrn_radiation_wavelength.wt           1.0 
# 
_diffrn_source.diffrn_id                   1 
_diffrn_source.source                      SYNCHROTRON 
_diffrn_source.type                        'DIAMOND BEAMLINE I02' 
_diffrn_source.pdbx_synchrotron_site       Diamond 
_diffrn_source.pdbx_synchrotron_beamline   I02 
_diffrn_source.pdbx_wavelength             0.9795 
_diffrn_source.pdbx_wavelength_list        ? 
# 
_reflns.pdbx_diffrn_id               1 
_reflns.pdbx_ordinal                 1 
_reflns.entry_id                     4C8W 
_reflns.observed_criterion_sigma_I   -3.0 
_reflns.observed_criterion_sigma_F   ? 
_reflns.d_resolution_low             87.00 
_reflns.d_resolution_high            3.10 
_reflns.number_obs                   5686 
_reflns.number_all                   ? 
_reflns.percent_possible_obs         99.1 
_reflns.pdbx_Rmerge_I_obs            0.19 
_reflns.pdbx_Rsym_value              ? 
_reflns.pdbx_netI_over_sigmaI        6.80 
_reflns.B_iso_Wilson_estimate        ? 
_reflns.pdbx_redundancy              4.8 
# 
_refine.pdbx_refine_id                           'X-RAY DIFFRACTION' 
_refine.entry_id                                 4C8W 
_refine.pdbx_diffrn_id                           1 
_refine.pdbx_TLS_residual_ADP_flag               ? 
_refine.ls_number_reflns_obs                     5423 
_refine.ls_number_reflns_all                     ? 
_refine.pdbx_ls_sigma_I                          ? 
_refine.pdbx_ls_sigma_F                          ? 
_refine.pdbx_data_cutoff_high_absF               ? 
_refine.pdbx_data_cutoff_low_absF                ? 
_refine.pdbx_data_cutoff_high_rms_absF           ? 
_refine.ls_d_res_low                             87.12 
_refine.ls_d_res_high                            3.10 
_refine.ls_percent_reflns_obs                    98.42 
_refine.ls_R_factor_obs                          0.23360 
_refine.ls_R_factor_all                          ? 
_refine.ls_R_factor_R_work                       0.22978 
_refine.ls_R_factor_R_free                       0.31284 
_refine.ls_R_factor_R_free_error                 ? 
_refine.ls_R_factor_R_free_error_details         ? 
_refine.ls_percent_reflns_R_free                 4.6 
_refine.ls_number_reflns_R_free                  262 
_refine.ls_number_parameters                     ? 
_refine.ls_number_restraints                     ? 
_refine.occupancy_min                            ? 
_refine.occupancy_max                            ? 
_refine.correlation_coeff_Fo_to_Fc               0.885 
_refine.correlation_coeff_Fo_to_Fc_free          0.837 
_refine.B_iso_mean                               57.287 
_refine.aniso_B[1][1]                            -1.31 
_refine.aniso_B[2][2]                            -1.31 
_refine.aniso_B[3][3]                            2.62 
_refine.aniso_B[1][2]                            0.00 
_refine.aniso_B[1][3]                            0.00 
_refine.aniso_B[2][3]                            0.00 
_refine.solvent_model_details                    MASK 
_refine.solvent_model_param_ksol                 ? 
_refine.solvent_model_param_bsol                 ? 
_refine.pdbx_solvent_vdw_probe_radii             1.20 
_refine.pdbx_solvent_ion_probe_radii             0.80 
_refine.pdbx_solvent_shrinkage_radii             0.80 
_refine.pdbx_ls_cross_valid_method               THROUGHOUT 
_refine.details                                  
'HYDROGENS HAVE BEEN ADDED IN THE RIDING POSITIONS. U VALUES REFINED INDIVIDUALLY.' 
_refine.pdbx_starting_model                      NONE 
_refine.pdbx_method_to_determine_struct          OTHER 
_refine.pdbx_isotropic_thermal_model             ? 
_refine.pdbx_stereochemistry_target_values       'MAXIMUM LIKELIHOOD' 
_refine.pdbx_stereochem_target_val_spec_case     ? 
_refine.pdbx_R_Free_selection_details            RANDOM 
_refine.pdbx_overall_ESU_R                       ? 
_refine.pdbx_overall_ESU_R_Free                  0.529 
_refine.overall_SU_ML                            0.403 
_refine.pdbx_overall_phase_error                 ? 
_refine.overall_SU_B                             23.074 
_refine.overall_SU_R_Cruickshank_DPI             ? 
_refine.pdbx_overall_SU_R_free_Cruickshank_DPI   ? 
_refine.pdbx_overall_SU_R_Blow_DPI               ? 
_refine.pdbx_overall_SU_R_free_Blow_DPI          ? 
# 
_refine_hist.pdbx_refine_id                   'X-RAY DIFFRACTION' 
_refine_hist.cycle_id                         LAST 
_refine_hist.pdbx_number_atoms_protein        1549 
_refine_hist.pdbx_number_atoms_nucleic_acid   0 
_refine_hist.pdbx_number_atoms_ligand         0 
_refine_hist.number_atoms_solvent             0 
_refine_hist.number_atoms_total               1549 
_refine_hist.d_res_high                       3.10 
_refine_hist.d_res_low                        87.12 
# 
loop_
_refine_ls_restr.type 
_refine_ls_restr.dev_ideal 
_refine_ls_restr.dev_ideal_target 
_refine_ls_restr.weight 
_refine_ls_restr.number 
_refine_ls_restr.pdbx_refine_id 
_refine_ls_restr.pdbx_restraint_function 
r_bond_refined_d             0.010  0.019  ? 1601 'X-RAY DIFFRACTION' ? 
r_bond_other_d               0.001  0.020  ? 1399 'X-RAY DIFFRACTION' ? 
r_angle_refined_deg          1.369  1.967  ? 2162 'X-RAY DIFFRACTION' ? 
r_angle_other_deg            0.828  3.020  ? 3197 'X-RAY DIFFRACTION' ? 
r_dihedral_angle_1_deg       7.777  5.000  ? 206  'X-RAY DIFFRACTION' ? 
r_dihedral_angle_2_deg       37.993 22.941 ? 68   'X-RAY DIFFRACTION' ? 
r_dihedral_angle_3_deg       20.471 15.000 ? 247  'X-RAY DIFFRACTION' ? 
r_dihedral_angle_4_deg       15.961 15.000 ? 11   'X-RAY DIFFRACTION' ? 
r_chiral_restr               0.073  0.200  ? 213  'X-RAY DIFFRACTION' ? 
r_gen_planes_refined         0.006  0.021  ? 1849 'X-RAY DIFFRACTION' ? 
r_gen_planes_other           0.001  0.020  ? 382  'X-RAY DIFFRACTION' ? 
r_nbd_refined                ?      ?      ? ?    'X-RAY DIFFRACTION' ? 
r_nbd_other                  ?      ?      ? ?    'X-RAY DIFFRACTION' ? 
r_nbtor_refined              ?      ?      ? ?    'X-RAY DIFFRACTION' ? 
r_nbtor_other                ?      ?      ? ?    'X-RAY DIFFRACTION' ? 
r_xyhbond_nbd_refined        ?      ?      ? ?    'X-RAY DIFFRACTION' ? 
r_xyhbond_nbd_other          ?      ?      ? ?    'X-RAY DIFFRACTION' ? 
r_metal_ion_refined          ?      ?      ? ?    'X-RAY DIFFRACTION' ? 
r_metal_ion_other            ?      ?      ? ?    'X-RAY DIFFRACTION' ? 
r_symmetry_vdw_refined       ?      ?      ? ?    'X-RAY DIFFRACTION' ? 
r_symmetry_vdw_other         ?      ?      ? ?    'X-RAY DIFFRACTION' ? 
r_symmetry_hbond_refined     ?      ?      ? ?    'X-RAY DIFFRACTION' ? 
r_symmetry_hbond_other       ?      ?      ? ?    'X-RAY DIFFRACTION' ? 
r_symmetry_metal_ion_refined ?      ?      ? ?    'X-RAY DIFFRACTION' ? 
r_symmetry_metal_ion_other   ?      ?      ? ?    'X-RAY DIFFRACTION' ? 
r_mcbond_it                  ?      ?      ? ?    'X-RAY DIFFRACTION' ? 
r_mcbond_other               ?      ?      ? ?    'X-RAY DIFFRACTION' ? 
r_mcangle_it                 ?      ?      ? ?    'X-RAY DIFFRACTION' ? 
r_mcangle_other              ?      ?      ? ?    'X-RAY DIFFRACTION' ? 
r_scbond_it                  ?      ?      ? ?    'X-RAY DIFFRACTION' ? 
r_scbond_other               ?      ?      ? ?    'X-RAY DIFFRACTION' ? 
r_scangle_it                 ?      ?      ? ?    'X-RAY DIFFRACTION' ? 
r_scangle_other              ?      ?      ? ?    'X-RAY DIFFRACTION' ? 
r_long_range_B_refined       ?      ?      ? ?    'X-RAY DIFFRACTION' ? 
r_long_range_B_other         ?      ?      ? ?    'X-RAY DIFFRACTION' ? 
r_rigid_bond_restr           ?      ?      ? ?    'X-RAY DIFFRACTION' ? 
r_sphericity_free            ?      ?      ? ?    'X-RAY DIFFRACTION' ? 
r_sphericity_bonded          ?      ?      ? ?    'X-RAY DIFFRACTION' ? 
# 
_refine_ls_shell.pdbx_refine_id                   'X-RAY DIFFRACTION' 
_refine_ls_shell.pdbx_total_number_of_bins_used   20 
_refine_ls_shell.d_res_high                       3.100 
_refine_ls_shell.d_res_low                        3.181 
_refine_ls_shell.number_reflns_R_work             394 
_refine_ls_shell.R_factor_R_work                  0.280 
_refine_ls_shell.percent_reflns_obs               100.00 
_refine_ls_shell.R_factor_R_free                  0.316 
_refine_ls_shell.R_factor_R_free_error            ? 
_refine_ls_shell.percent_reflns_R_free            ? 
_refine_ls_shell.number_reflns_R_free             20 
_refine_ls_shell.number_reflns_all                ? 
_refine_ls_shell.R_factor_all                     ? 
# 
_struct.entry_id                  4C8W 
_struct.title                     'Xenopus RSPO2 Fu1-Fu2 crystal form II' 
_struct.pdbx_model_details        ? 
_struct.pdbx_CASP_flag            ? 
_struct.pdbx_model_type_details   ? 
# 
_struct_keywords.entry_id        4C8W 
_struct_keywords.pdbx_keywords   'SIGNALING PROTEIN' 
_struct_keywords.text            
'SIGNALING PROTEIN, WNT, ZNRF3, RNF43, LGR4, LGR5, LGR6, RSPO, R-SPO, RSPO1, RSPO3, RSPO4, RECEPTOR, MEMBRANE, SIGNALLING' 
# 
loop_
_struct_asym.id 
_struct_asym.pdbx_blank_PDB_chainid_flag 
_struct_asym.pdbx_modified 
_struct_asym.entity_id 
_struct_asym.details 
A N N 1 ? 
B N N 1 ? 
# 
_struct_ref.id                         1 
_struct_ref.db_name                    UNP 
_struct_ref.db_code                    RSPO2_XENTR 
_struct_ref.entity_id                  1 
_struct_ref.pdbx_seq_one_letter_code   ? 
_struct_ref.pdbx_align_begin           ? 
_struct_ref.pdbx_db_accession          Q5M7L6 
_struct_ref.pdbx_db_isoform            ? 
# 
loop_
_struct_ref_seq.align_id 
_struct_ref_seq.ref_id 
_struct_ref_seq.pdbx_PDB_id_code 
_struct_ref_seq.pdbx_strand_id 
_struct_ref_seq.seq_align_beg 
_struct_ref_seq.pdbx_seq_align_beg_ins_code 
_struct_ref_seq.seq_align_end 
_struct_ref_seq.pdbx_seq_align_end_ins_code 
_struct_ref_seq.pdbx_db_accession 
_struct_ref_seq.db_align_beg 
_struct_ref_seq.pdbx_db_align_beg_ins_code 
_struct_ref_seq.db_align_end 
_struct_ref_seq.pdbx_db_align_end_ins_code 
_struct_ref_seq.pdbx_auth_seq_align_beg 
_struct_ref_seq.pdbx_auth_seq_align_end 
1 1 4C8W I 4 ? 113 ? Q5M7L6 35 ? 144 ? 35 144 
2 1 4C8W J 4 ? 113 ? Q5M7L6 35 ? 144 ? 35 144 
# 
loop_
_struct_ref_seq_dif.align_id 
_struct_ref_seq_dif.pdbx_pdb_id_code 
_struct_ref_seq_dif.mon_id 
_struct_ref_seq_dif.pdbx_pdb_strand_id 
_struct_ref_seq_dif.seq_num 
_struct_ref_seq_dif.pdbx_pdb_ins_code 
_struct_ref_seq_dif.pdbx_seq_db_name 
_struct_ref_seq_dif.pdbx_seq_db_accession_code 
_struct_ref_seq_dif.db_mon_id 
_struct_ref_seq_dif.pdbx_seq_db_seq_num 
_struct_ref_seq_dif.details 
_struct_ref_seq_dif.pdbx_auth_seq_num 
_struct_ref_seq_dif.pdbx_ordinal 
1 4C8W GLU I 1   ? UNP Q5M7L6 ? ? 'expression tag' 32  1  
1 4C8W THR I 2   ? UNP Q5M7L6 ? ? 'expression tag' 33  2  
1 4C8W GLY I 3   ? UNP Q5M7L6 ? ? 'expression tag' 34  3  
1 4C8W THR I 114 ? UNP Q5M7L6 ? ? 'expression tag' 145 4  
1 4C8W LYS I 115 ? UNP Q5M7L6 ? ? 'expression tag' 146 5  
1 4C8W HIS I 116 ? UNP Q5M7L6 ? ? 'expression tag' 147 6  
1 4C8W HIS I 117 ? UNP Q5M7L6 ? ? 'expression tag' 148 7  
1 4C8W HIS I 118 ? UNP Q5M7L6 ? ? 'expression tag' 149 8  
1 4C8W HIS I 119 ? UNP Q5M7L6 ? ? 'expression tag' 150 9  
1 4C8W HIS I 120 ? UNP Q5M7L6 ? ? 'expression tag' 151 10 
1 4C8W HIS I 121 ? UNP Q5M7L6 ? ? 'expression tag' 152 11 
2 4C8W GLU J 1   ? UNP Q5M7L6 ? ? 'expression tag' 32  12 
2 4C8W THR J 2   ? UNP Q5M7L6 ? ? 'expression tag' 33  13 
2 4C8W GLY J 3   ? UNP Q5M7L6 ? ? 'expression tag' 34  14 
2 4C8W THR J 114 ? UNP Q5M7L6 ? ? 'expression tag' 145 15 
2 4C8W LYS J 115 ? UNP Q5M7L6 ? ? 'expression tag' 146 16 
2 4C8W HIS J 116 ? UNP Q5M7L6 ? ? 'expression tag' 147 17 
2 4C8W HIS J 117 ? UNP Q5M7L6 ? ? 'expression tag' 148 18 
2 4C8W HIS J 118 ? UNP Q5M7L6 ? ? 'expression tag' 149 19 
2 4C8W HIS J 119 ? UNP Q5M7L6 ? ? 'expression tag' 150 20 
2 4C8W HIS J 120 ? UNP Q5M7L6 ? ? 'expression tag' 151 21 
2 4C8W HIS J 121 ? UNP Q5M7L6 ? ? 'expression tag' 152 22 
# 
loop_
_pdbx_struct_assembly.id 
_pdbx_struct_assembly.details 
_pdbx_struct_assembly.method_details 
_pdbx_struct_assembly.oligomeric_details 
_pdbx_struct_assembly.oligomeric_count 
1 author_and_software_defined_assembly PISA monomeric 1 
2 author_and_software_defined_assembly PISA monomeric 1 
# 
loop_
_pdbx_struct_assembly_gen.assembly_id 
_pdbx_struct_assembly_gen.oper_expression 
_pdbx_struct_assembly_gen.asym_id_list 
1 1 A 
2 1 B 
# 
_pdbx_struct_oper_list.id                   1 
_pdbx_struct_oper_list.type                 'identity operation' 
_pdbx_struct_oper_list.name                 1_555 
_pdbx_struct_oper_list.symmetry_operation   x,y,z 
_pdbx_struct_oper_list.matrix[1][1]         1.0000000000 
_pdbx_struct_oper_list.matrix[1][2]         0.0000000000 
_pdbx_struct_oper_list.matrix[1][3]         0.0000000000 
_pdbx_struct_oper_list.vector[1]            0.0000000000 
_pdbx_struct_oper_list.matrix[2][1]         0.0000000000 
_pdbx_struct_oper_list.matrix[2][2]         1.0000000000 
_pdbx_struct_oper_list.matrix[2][3]         0.0000000000 
_pdbx_struct_oper_list.vector[2]            0.0000000000 
_pdbx_struct_oper_list.matrix[3][1]         0.0000000000 
_pdbx_struct_oper_list.matrix[3][2]         0.0000000000 
_pdbx_struct_oper_list.matrix[3][3]         1.0000000000 
_pdbx_struct_oper_list.vector[3]            0.0000000000 
# 
_struct_biol.id   1 
# 
loop_
_struct_conn.id 
_struct_conn.conn_type_id 
_struct_conn.pdbx_leaving_atom_flag 
_struct_conn.pdbx_PDB_id 
_struct_conn.ptnr1_label_asym_id 
_struct_conn.ptnr1_label_comp_id 
_struct_conn.ptnr1_label_seq_id 
_struct_conn.ptnr1_label_atom_id 
_struct_conn.pdbx_ptnr1_label_alt_id 
_struct_conn.pdbx_ptnr1_PDB_ins_code 
_struct_conn.pdbx_ptnr1_standard_comp_id 
_struct_conn.ptnr1_symmetry 
_struct_conn.ptnr2_label_asym_id 
_struct_conn.ptnr2_label_comp_id 
_struct_conn.ptnr2_label_seq_id 
_struct_conn.ptnr2_label_atom_id 
_struct_conn.pdbx_ptnr2_label_alt_id 
_struct_conn.pdbx_ptnr2_PDB_ins_code 
_struct_conn.ptnr1_auth_asym_id 
_struct_conn.ptnr1_auth_comp_id 
_struct_conn.ptnr1_auth_seq_id 
_struct_conn.ptnr2_auth_asym_id 
_struct_conn.ptnr2_auth_comp_id 
_struct_conn.ptnr2_auth_seq_id 
_struct_conn.ptnr2_symmetry 
_struct_conn.pdbx_ptnr3_label_atom_id 
_struct_conn.pdbx_ptnr3_label_seq_id 
_struct_conn.pdbx_ptnr3_label_comp_id 
_struct_conn.pdbx_ptnr3_label_asym_id 
_struct_conn.pdbx_ptnr3_label_alt_id 
_struct_conn.pdbx_ptnr3_PDB_ins_code 
_struct_conn.details 
_struct_conn.pdbx_dist_value 
_struct_conn.pdbx_value_order 
_struct_conn.pdbx_role 
disulf1  disulf ? ? A CYS 9  SG ? ? ? 1_555 A CYS 15  SG ? ? I CYS 40  I CYS 46  1_555 ? ? ? ? ? ? ? 2.050 ? ? 
disulf2  disulf ? ? A CYS 12 SG ? ? ? 1_555 A CYS 21  SG ? ? I CYS 43  I CYS 52  1_555 ? ? ? ? ? ? ? 2.060 ? ? 
disulf3  disulf ? ? A CYS 24 SG ? ? ? 1_555 A CYS 43  SG ? ? I CYS 55  I CYS 74  1_555 ? ? ? ? ? ? ? 2.049 ? ? 
disulf4  disulf ? ? A CYS 47 SG ? ? ? 1_555 A CYS 62  SG ? ? I CYS 78  I CYS 93  1_555 ? ? ? ? ? ? ? 2.068 ? ? 
disulf5  disulf ? ? A CYS 65 SG ? ? ? 1_555 A CYS 73  SG ? ? I CYS 96  I CYS 104 1_555 ? ? ? ? ? ? ? 2.057 ? ? 
disulf6  disulf ? ? A CYS 70 SG ? ? ? 1_555 A CYS 79  SG ? ? I CYS 101 I CYS 110 1_555 ? ? ? ? ? ? ? 2.038 ? ? 
disulf7  disulf ? ? A CYS 82 SG ? ? ? 1_555 A CYS 93  SG ? ? I CYS 113 I CYS 124 1_555 ? ? ? ? ? ? ? 2.034 ? ? 
disulf8  disulf ? ? A CYS 97 SG ? ? ? 1_555 A CYS 110 SG ? ? I CYS 128 I CYS 141 1_555 ? ? ? ? ? ? ? 2.040 ? ? 
disulf9  disulf ? ? B CYS 9  SG ? ? ? 1_555 B CYS 15  SG ? ? J CYS 40  J CYS 46  1_555 ? ? ? ? ? ? ? 2.025 ? ? 
disulf10 disulf ? ? B CYS 12 SG ? ? ? 1_555 B CYS 21  SG ? ? J CYS 43  J CYS 52  1_555 ? ? ? ? ? ? ? 2.046 ? ? 
disulf11 disulf ? ? B CYS 24 SG ? ? ? 1_555 B CYS 43  SG ? ? J CYS 55  J CYS 74  1_555 ? ? ? ? ? ? ? 2.031 ? ? 
disulf12 disulf ? ? B CYS 47 SG ? ? ? 1_555 B CYS 62  SG ? ? J CYS 78  J CYS 93  1_555 ? ? ? ? ? ? ? 2.041 ? ? 
disulf13 disulf ? ? B CYS 65 SG ? ? ? 1_555 B CYS 73  SG ? ? J CYS 96  J CYS 104 1_555 ? ? ? ? ? ? ? 2.046 ? ? 
disulf14 disulf ? ? B CYS 70 SG ? ? ? 1_555 B CYS 79  SG ? ? J CYS 101 J CYS 110 1_555 ? ? ? ? ? ? ? 2.056 ? ? 
disulf15 disulf ? ? B CYS 82 SG ? ? ? 1_555 B CYS 93  SG ? ? J CYS 113 J CYS 124 1_555 ? ? ? ? ? ? ? 2.056 ? ? 
disulf16 disulf ? ? B CYS 97 SG ? ? ? 1_555 B CYS 110 SG ? ? J CYS 128 J CYS 141 1_555 ? ? ? ? ? ? ? 2.068 ? ? 
# 
_struct_conn_type.id          disulf 
_struct_conn_type.criteria    ? 
_struct_conn_type.reference   ? 
# 
loop_
_pdbx_modification_feature.ordinal 
_pdbx_modification_feature.label_comp_id 
_pdbx_modification_feature.label_asym_id 
_pdbx_modification_feature.label_seq_id 
_pdbx_modification_feature.label_alt_id 
_pdbx_modification_feature.modified_residue_label_comp_id 
_pdbx_modification_feature.modified_residue_label_asym_id 
_pdbx_modification_feature.modified_residue_label_seq_id 
_pdbx_modification_feature.modified_residue_label_alt_id 
_pdbx_modification_feature.auth_comp_id 
_pdbx_modification_feature.auth_asym_id 
_pdbx_modification_feature.auth_seq_id 
_pdbx_modification_feature.PDB_ins_code 
_pdbx_modification_feature.symmetry 
_pdbx_modification_feature.modified_residue_auth_comp_id 
_pdbx_modification_feature.modified_residue_auth_asym_id 
_pdbx_modification_feature.modified_residue_auth_seq_id 
_pdbx_modification_feature.modified_residue_PDB_ins_code 
_pdbx_modification_feature.modified_residue_symmetry 
_pdbx_modification_feature.comp_id_linking_atom 
_pdbx_modification_feature.modified_residue_id_linking_atom 
_pdbx_modification_feature.modified_residue_id 
_pdbx_modification_feature.ref_pcm_id 
_pdbx_modification_feature.ref_comp_id 
_pdbx_modification_feature.type 
_pdbx_modification_feature.category 
1  CYS A 9  ? CYS A 15  ? CYS I 40  ? 1_555 CYS I 46  ? 1_555 SG SG . . . None 'Disulfide bridge' 
2  CYS A 12 ? CYS A 21  ? CYS I 43  ? 1_555 CYS I 52  ? 1_555 SG SG . . . None 'Disulfide bridge' 
3  CYS A 24 ? CYS A 43  ? CYS I 55  ? 1_555 CYS I 74  ? 1_555 SG SG . . . None 'Disulfide bridge' 
4  CYS A 47 ? CYS A 62  ? CYS I 78  ? 1_555 CYS I 93  ? 1_555 SG SG . . . None 'Disulfide bridge' 
5  CYS A 65 ? CYS A 73  ? CYS I 96  ? 1_555 CYS I 104 ? 1_555 SG SG . . . None 'Disulfide bridge' 
6  CYS A 70 ? CYS A 79  ? CYS I 101 ? 1_555 CYS I 110 ? 1_555 SG SG . . . None 'Disulfide bridge' 
7  CYS A 82 ? CYS A 93  ? CYS I 113 ? 1_555 CYS I 124 ? 1_555 SG SG . . . None 'Disulfide bridge' 
8  CYS A 97 ? CYS A 110 ? CYS I 128 ? 1_555 CYS I 141 ? 1_555 SG SG . . . None 'Disulfide bridge' 
9  CYS B 9  ? CYS B 15  ? CYS J 40  ? 1_555 CYS J 46  ? 1_555 SG SG . . . None 'Disulfide bridge' 
10 CYS B 12 ? CYS B 21  ? CYS J 43  ? 1_555 CYS J 52  ? 1_555 SG SG . . . None 'Disulfide bridge' 
11 CYS B 24 ? CYS B 43  ? CYS J 55  ? 1_555 CYS J 74  ? 1_555 SG SG . . . None 'Disulfide bridge' 
12 CYS B 47 ? CYS B 62  ? CYS J 78  ? 1_555 CYS J 93  ? 1_555 SG SG . . . None 'Disulfide bridge' 
13 CYS B 65 ? CYS B 73  ? CYS J 96  ? 1_555 CYS J 104 ? 1_555 SG SG . . . None 'Disulfide bridge' 
14 CYS B 70 ? CYS B 79  ? CYS J 101 ? 1_555 CYS J 110 ? 1_555 SG SG . . . None 'Disulfide bridge' 
15 CYS B 82 ? CYS B 93  ? CYS J 113 ? 1_555 CYS J 124 ? 1_555 SG SG . . . None 'Disulfide bridge' 
16 CYS B 97 ? CYS B 110 ? CYS J 128 ? 1_555 CYS J 141 ? 1_555 SG SG . . . None 'Disulfide bridge' 
# 
loop_
_struct_sheet.id 
_struct_sheet.type 
_struct_sheet.number_strands 
_struct_sheet.details 
IA ? 2 ? 
IB ? 4 ? 
IC ? 2 ? 
ID ? 2 ? 
JA ? 2 ? 
JB ? 4 ? 
JC ? 2 ? 
JD ? 2 ? 
JE ? 2 ? 
# 
loop_
_struct_sheet_order.sheet_id 
_struct_sheet_order.range_id_1 
_struct_sheet_order.range_id_2 
_struct_sheet_order.offset 
_struct_sheet_order.sense 
IA 1 2 ? anti-parallel 
IB 1 2 ? anti-parallel 
IB 2 3 ? parallel      
IB 3 4 ? anti-parallel 
IC 1 2 ? anti-parallel 
ID 1 2 ? anti-parallel 
JA 1 2 ? anti-parallel 
JB 1 2 ? anti-parallel 
JB 2 3 ? parallel      
JB 3 4 ? anti-parallel 
JC 1 2 ? anti-parallel 
JD 1 2 ? anti-parallel 
JE 1 2 ? anti-parallel 
# 
loop_
_struct_sheet_range.sheet_id 
_struct_sheet_range.id 
_struct_sheet_range.beg_label_comp_id 
_struct_sheet_range.beg_label_asym_id 
_struct_sheet_range.beg_label_seq_id 
_struct_sheet_range.pdbx_beg_PDB_ins_code 
_struct_sheet_range.end_label_comp_id 
_struct_sheet_range.end_label_asym_id 
_struct_sheet_range.end_label_seq_id 
_struct_sheet_range.pdbx_end_PDB_ins_code 
_struct_sheet_range.beg_auth_comp_id 
_struct_sheet_range.beg_auth_asym_id 
_struct_sheet_range.beg_auth_seq_id 
_struct_sheet_range.end_auth_comp_id 
_struct_sheet_range.end_auth_asym_id 
_struct_sheet_range.end_auth_seq_id 
IA 1 CYS A 12  ? SER A 16  ? CYS I 43  SER I 47  
IA 2 GLY A 20  ? CYS A 24  ? GLY I 51  CYS I 55  
IB 1 GLN A 39  ? LEU A 44  ? GLN I 70  LEU I 75  
IB 2 PHE A 29  ? ARG A 34  ? PHE I 60  ARG I 65  
IB 3 ASN A 60  ? ARG A 64  ? ASN I 91  ARG I 95  
IB 4 TYR A 51  ? ARG A 55  ? TYR I 82  ARG I 86  
IC 1 CYS A 70  ? SER A 75  ? CYS I 101 SER I 106 
IC 2 PHE A 78  ? CYS A 82  ? PHE I 109 CYS I 113 
ID 1 TYR A 87  ? HIS A 89  ? TYR I 118 HIS I 120 
ID 2 GLN A 92  ? PHE A 94  ? GLN I 123 PHE I 125 
JA 1 CYS B 15  ? SER B 16  ? CYS J 46  SER J 47  
JA 2 GLY B 20  ? CYS B 21  ? GLY J 51  CYS J 52  
JB 1 ARG B 38  ? LEU B 44  ? ARG J 69  LEU J 75  
JB 2 PHE B 29  ? GLU B 35  ? PHE J 60  GLU J 66  
JB 3 ASN B 60  ? ARG B 64  ? ASN J 91  ARG J 95  
JB 4 TYR B 51  ? ARG B 55  ? TYR J 82  ARG J 86  
JC 1 CYS B 70  ? SER B 75  ? CYS J 101 SER J 106 
JC 2 PHE B 78  ? CYS B 82  ? PHE J 109 CYS J 113 
JD 1 TYR B 87  ? HIS B 89  ? TYR J 118 HIS J 120 
JD 2 GLN B 92  ? PHE B 94  ? GLN J 123 PHE J 125 
JE 1 ALA B 102 ? PRO B 103 ? ALA J 133 PRO J 134 
JE 2 CYS B 110 ? VAL B 111 ? CYS J 141 VAL J 142 
# 
loop_
_pdbx_struct_sheet_hbond.sheet_id 
_pdbx_struct_sheet_hbond.range_id_1 
_pdbx_struct_sheet_hbond.range_id_2 
_pdbx_struct_sheet_hbond.range_1_label_atom_id 
_pdbx_struct_sheet_hbond.range_1_label_comp_id 
_pdbx_struct_sheet_hbond.range_1_label_asym_id 
_pdbx_struct_sheet_hbond.range_1_label_seq_id 
_pdbx_struct_sheet_hbond.range_1_PDB_ins_code 
_pdbx_struct_sheet_hbond.range_1_auth_atom_id 
_pdbx_struct_sheet_hbond.range_1_auth_comp_id 
_pdbx_struct_sheet_hbond.range_1_auth_asym_id 
_pdbx_struct_sheet_hbond.range_1_auth_seq_id 
_pdbx_struct_sheet_hbond.range_2_label_atom_id 
_pdbx_struct_sheet_hbond.range_2_label_comp_id 
_pdbx_struct_sheet_hbond.range_2_label_asym_id 
_pdbx_struct_sheet_hbond.range_2_label_seq_id 
_pdbx_struct_sheet_hbond.range_2_PDB_ins_code 
_pdbx_struct_sheet_hbond.range_2_auth_atom_id 
_pdbx_struct_sheet_hbond.range_2_auth_comp_id 
_pdbx_struct_sheet_hbond.range_2_auth_asym_id 
_pdbx_struct_sheet_hbond.range_2_auth_seq_id 
IA 1 2 N SER A 16  ? N SER I 47  O GLY A 20  ? O GLY I 51  
IB 1 2 N LEU A 44  ? N LEU I 75  O PHE A 29  ? O PHE I 60  
IB 2 3 N PHE A 30  ? N PHE I 61  O ASN A 60  ? O ASN I 91  
IB 3 4 N SER A 63  ? N SER I 94  O TYR A 52  ? O TYR I 83  
IC 1 2 N PHE A 74  ? N PHE I 105 O PHE A 78  ? O PHE I 109 
ID 1 2 N HIS A 89  ? N HIS I 120 O GLN A 92  ? O GLN I 123 
JA 1 2 N SER B 16  ? N SER J 47  O GLY B 20  ? O GLY J 51  
JB 1 2 N LEU B 44  ? N LEU J 75  O PHE B 29  ? O PHE J 60  
JB 2 3 N PHE B 30  ? N PHE J 61  O ASN B 60  ? O ASN J 91  
JB 3 4 N SER B 63  ? N SER J 94  O TYR B 52  ? O TYR J 83  
JC 1 2 N PHE B 74  ? N PHE J 105 O PHE B 78  ? O PHE J 109 
JD 1 2 N HIS B 89  ? N HIS J 120 O GLN B 92  ? O GLN J 123 
JE 1 2 N ALA B 102 ? N ALA J 133 O VAL B 111 ? O VAL J 142 
# 
_pdbx_entry_details.entry_id                   4C8W 
_pdbx_entry_details.compound_details           ? 
_pdbx_entry_details.source_details             ? 
_pdbx_entry_details.nonpolymer_details         ? 
_pdbx_entry_details.sequence_details           ? 
_pdbx_entry_details.has_ligand_of_interest     ? 
_pdbx_entry_details.has_protein_modification   Y 
# 
loop_
_pdbx_validate_torsion.id 
_pdbx_validate_torsion.PDB_model_num 
_pdbx_validate_torsion.auth_comp_id 
_pdbx_validate_torsion.auth_asym_id 
_pdbx_validate_torsion.auth_seq_id 
_pdbx_validate_torsion.PDB_ins_code 
_pdbx_validate_torsion.label_alt_id 
_pdbx_validate_torsion.phi 
_pdbx_validate_torsion.psi 
1  1 LYS I 48  ? ? -36.47  -38.60  
2  1 ARG I 54  ? ? -169.29 110.90  
3  1 ARG I 69  ? ? -57.73  170.28  
4  1 PRO I 79  ? ? -70.43  -155.60 
5  1 SER I 103 ? ? -169.17 106.60  
6  1 PHE I 105 ? ? -132.72 -39.22  
7  1 HIS I 120 ? ? -167.52 118.80  
8  1 GLU I 126 ? ? -62.14  -71.70  
9  1 PRO I 134 ? ? -63.11  -170.25 
10 1 ASP I 136 ? ? -57.77  84.62   
11 1 MET I 139 ? ? 88.68   30.76   
12 1 SER J 45  ? ? -166.27 77.48   
13 1 ASP J 49  ? ? -90.91  -81.95  
14 1 MET J 90  ? ? 178.33  160.12  
15 1 ILE J 98  ? ? -37.33  132.24  
16 1 LYS J 114 ? ? -58.01  171.29  
17 1 HIS J 120 ? ? -161.25 113.12  
18 1 GLU J 130 ? ? -34.87  126.36  
# 
loop_
_pdbx_unobs_or_zero_occ_residues.id 
_pdbx_unobs_or_zero_occ_residues.PDB_model_num 
_pdbx_unobs_or_zero_occ_residues.polymer_flag 
_pdbx_unobs_or_zero_occ_residues.occupancy_flag 
_pdbx_unobs_or_zero_occ_residues.auth_asym_id 
_pdbx_unobs_or_zero_occ_residues.auth_comp_id 
_pdbx_unobs_or_zero_occ_residues.auth_seq_id 
_pdbx_unobs_or_zero_occ_residues.PDB_ins_code 
_pdbx_unobs_or_zero_occ_residues.label_asym_id 
_pdbx_unobs_or_zero_occ_residues.label_comp_id 
_pdbx_unobs_or_zero_occ_residues.label_seq_id 
1  1 Y 1 I GLU 32  ? A GLU 1   
2  1 Y 1 I THR 33  ? A THR 2   
3  1 Y 1 I GLY 34  ? A GLY 3   
4  1 Y 1 I GLY 35  ? A GLY 4   
5  1 Y 1 I THR 36  ? A THR 5   
6  1 Y 1 I ASN 37  ? A ASN 6   
7  1 Y 1 I PRO 38  ? A PRO 7   
8  1 Y 1 I ASP 143 ? A ASP 112 
9  1 Y 1 I GLY 144 ? A GLY 113 
10 1 Y 1 I THR 145 ? A THR 114 
11 1 Y 1 I LYS 146 ? A LYS 115 
12 1 Y 1 I HIS 147 ? A HIS 116 
13 1 Y 1 I HIS 148 ? A HIS 117 
14 1 Y 1 I HIS 149 ? A HIS 118 
15 1 Y 1 I HIS 150 ? A HIS 119 
16 1 Y 1 I HIS 151 ? A HIS 120 
17 1 Y 1 I HIS 152 ? A HIS 121 
18 1 Y 1 J GLU 32  ? B GLU 1   
19 1 Y 1 J THR 33  ? B THR 2   
20 1 Y 1 J GLY 34  ? B GLY 3   
21 1 Y 1 J GLY 35  ? B GLY 4   
22 1 Y 1 J THR 36  ? B THR 5   
23 1 Y 1 J ASN 37  ? B ASN 6   
24 1 Y 1 J PRO 38  ? B PRO 7   
25 1 Y 1 J ILE 39  ? B ILE 8   
26 1 Y 1 J GLY 144 ? B GLY 113 
27 1 Y 1 J THR 145 ? B THR 114 
28 1 Y 1 J LYS 146 ? B LYS 115 
29 1 Y 1 J HIS 147 ? B HIS 116 
30 1 Y 1 J HIS 148 ? B HIS 117 
31 1 Y 1 J HIS 149 ? B HIS 118 
32 1 Y 1 J HIS 150 ? B HIS 119 
33 1 Y 1 J HIS 151 ? B HIS 120 
34 1 Y 1 J HIS 152 ? B HIS 121 
# 
loop_
_chem_comp_atom.comp_id 
_chem_comp_atom.atom_id 
_chem_comp_atom.type_symbol 
_chem_comp_atom.pdbx_aromatic_flag 
_chem_comp_atom.pdbx_stereo_config 
_chem_comp_atom.pdbx_ordinal 
ALA N    N N N 1   
ALA CA   C N S 2   
ALA C    C N N 3   
ALA O    O N N 4   
ALA CB   C N N 5   
ALA OXT  O N N 6   
ALA H    H N N 7   
ALA H2   H N N 8   
ALA HA   H N N 9   
ALA HB1  H N N 10  
ALA HB2  H N N 11  
ALA HB3  H N N 12  
ALA HXT  H N N 13  
ARG N    N N N 14  
ARG CA   C N S 15  
ARG C    C N N 16  
ARG O    O N N 17  
ARG CB   C N N 18  
ARG CG   C N N 19  
ARG CD   C N N 20  
ARG NE   N N N 21  
ARG CZ   C N N 22  
ARG NH1  N N N 23  
ARG NH2  N N N 24  
ARG OXT  O N N 25  
ARG H    H N N 26  
ARG H2   H N N 27  
ARG HA   H N N 28  
ARG HB2  H N N 29  
ARG HB3  H N N 30  
ARG HG2  H N N 31  
ARG HG3  H N N 32  
ARG HD2  H N N 33  
ARG HD3  H N N 34  
ARG HE   H N N 35  
ARG HH11 H N N 36  
ARG HH12 H N N 37  
ARG HH21 H N N 38  
ARG HH22 H N N 39  
ARG HXT  H N N 40  
ASN N    N N N 41  
ASN CA   C N S 42  
ASN C    C N N 43  
ASN O    O N N 44  
ASN CB   C N N 45  
ASN CG   C N N 46  
ASN OD1  O N N 47  
ASN ND2  N N N 48  
ASN OXT  O N N 49  
ASN H    H N N 50  
ASN H2   H N N 51  
ASN HA   H N N 52  
ASN HB2  H N N 53  
ASN HB3  H N N 54  
ASN HD21 H N N 55  
ASN HD22 H N N 56  
ASN HXT  H N N 57  
ASP N    N N N 58  
ASP CA   C N S 59  
ASP C    C N N 60  
ASP O    O N N 61  
ASP CB   C N N 62  
ASP CG   C N N 63  
ASP OD1  O N N 64  
ASP OD2  O N N 65  
ASP OXT  O N N 66  
ASP H    H N N 67  
ASP H2   H N N 68  
ASP HA   H N N 69  
ASP HB2  H N N 70  
ASP HB3  H N N 71  
ASP HD2  H N N 72  
ASP HXT  H N N 73  
CYS N    N N N 74  
CYS CA   C N R 75  
CYS C    C N N 76  
CYS O    O N N 77  
CYS CB   C N N 78  
CYS SG   S N N 79  
CYS OXT  O N N 80  
CYS H    H N N 81  
CYS H2   H N N 82  
CYS HA   H N N 83  
CYS HB2  H N N 84  
CYS HB3  H N N 85  
CYS HG   H N N 86  
CYS HXT  H N N 87  
GLN N    N N N 88  
GLN CA   C N S 89  
GLN C    C N N 90  
GLN O    O N N 91  
GLN CB   C N N 92  
GLN CG   C N N 93  
GLN CD   C N N 94  
GLN OE1  O N N 95  
GLN NE2  N N N 96  
GLN OXT  O N N 97  
GLN H    H N N 98  
GLN H2   H N N 99  
GLN HA   H N N 100 
GLN HB2  H N N 101 
GLN HB3  H N N 102 
GLN HG2  H N N 103 
GLN HG3  H N N 104 
GLN HE21 H N N 105 
GLN HE22 H N N 106 
GLN HXT  H N N 107 
GLU N    N N N 108 
GLU CA   C N S 109 
GLU C    C N N 110 
GLU O    O N N 111 
GLU CB   C N N 112 
GLU CG   C N N 113 
GLU CD   C N N 114 
GLU OE1  O N N 115 
GLU OE2  O N N 116 
GLU OXT  O N N 117 
GLU H    H N N 118 
GLU H2   H N N 119 
GLU HA   H N N 120 
GLU HB2  H N N 121 
GLU HB3  H N N 122 
GLU HG2  H N N 123 
GLU HG3  H N N 124 
GLU HE2  H N N 125 
GLU HXT  H N N 126 
GLY N    N N N 127 
GLY CA   C N N 128 
GLY C    C N N 129 
GLY O    O N N 130 
GLY OXT  O N N 131 
GLY H    H N N 132 
GLY H2   H N N 133 
GLY HA2  H N N 134 
GLY HA3  H N N 135 
GLY HXT  H N N 136 
HIS N    N N N 137 
HIS CA   C N S 138 
HIS C    C N N 139 
HIS O    O N N 140 
HIS CB   C N N 141 
HIS CG   C Y N 142 
HIS ND1  N Y N 143 
HIS CD2  C Y N 144 
HIS CE1  C Y N 145 
HIS NE2  N Y N 146 
HIS OXT  O N N 147 
HIS H    H N N 148 
HIS H2   H N N 149 
HIS HA   H N N 150 
HIS HB2  H N N 151 
HIS HB3  H N N 152 
HIS HD1  H N N 153 
HIS HD2  H N N 154 
HIS HE1  H N N 155 
HIS HE2  H N N 156 
HIS HXT  H N N 157 
ILE N    N N N 158 
ILE CA   C N S 159 
ILE C    C N N 160 
ILE O    O N N 161 
ILE CB   C N S 162 
ILE CG1  C N N 163 
ILE CG2  C N N 164 
ILE CD1  C N N 165 
ILE OXT  O N N 166 
ILE H    H N N 167 
ILE H2   H N N 168 
ILE HA   H N N 169 
ILE HB   H N N 170 
ILE HG12 H N N 171 
ILE HG13 H N N 172 
ILE HG21 H N N 173 
ILE HG22 H N N 174 
ILE HG23 H N N 175 
ILE HD11 H N N 176 
ILE HD12 H N N 177 
ILE HD13 H N N 178 
ILE HXT  H N N 179 
LEU N    N N N 180 
LEU CA   C N S 181 
LEU C    C N N 182 
LEU O    O N N 183 
LEU CB   C N N 184 
LEU CG   C N N 185 
LEU CD1  C N N 186 
LEU CD2  C N N 187 
LEU OXT  O N N 188 
LEU H    H N N 189 
LEU H2   H N N 190 
LEU HA   H N N 191 
LEU HB2  H N N 192 
LEU HB3  H N N 193 
LEU HG   H N N 194 
LEU HD11 H N N 195 
LEU HD12 H N N 196 
LEU HD13 H N N 197 
LEU HD21 H N N 198 
LEU HD22 H N N 199 
LEU HD23 H N N 200 
LEU HXT  H N N 201 
LYS N    N N N 202 
LYS CA   C N S 203 
LYS C    C N N 204 
LYS O    O N N 205 
LYS CB   C N N 206 
LYS CG   C N N 207 
LYS CD   C N N 208 
LYS CE   C N N 209 
LYS NZ   N N N 210 
LYS OXT  O N N 211 
LYS H    H N N 212 
LYS H2   H N N 213 
LYS HA   H N N 214 
LYS HB2  H N N 215 
LYS HB3  H N N 216 
LYS HG2  H N N 217 
LYS HG3  H N N 218 
LYS HD2  H N N 219 
LYS HD3  H N N 220 
LYS HE2  H N N 221 
LYS HE3  H N N 222 
LYS HZ1  H N N 223 
LYS HZ2  H N N 224 
LYS HZ3  H N N 225 
LYS HXT  H N N 226 
MET N    N N N 227 
MET CA   C N S 228 
MET C    C N N 229 
MET O    O N N 230 
MET CB   C N N 231 
MET CG   C N N 232 
MET SD   S N N 233 
MET CE   C N N 234 
MET OXT  O N N 235 
MET H    H N N 236 
MET H2   H N N 237 
MET HA   H N N 238 
MET HB2  H N N 239 
MET HB3  H N N 240 
MET HG2  H N N 241 
MET HG3  H N N 242 
MET HE1  H N N 243 
MET HE2  H N N 244 
MET HE3  H N N 245 
MET HXT  H N N 246 
PHE N    N N N 247 
PHE CA   C N S 248 
PHE C    C N N 249 
PHE O    O N N 250 
PHE CB   C N N 251 
PHE CG   C Y N 252 
PHE CD1  C Y N 253 
PHE CD2  C Y N 254 
PHE CE1  C Y N 255 
PHE CE2  C Y N 256 
PHE CZ   C Y N 257 
PHE OXT  O N N 258 
PHE H    H N N 259 
PHE H2   H N N 260 
PHE HA   H N N 261 
PHE HB2  H N N 262 
PHE HB3  H N N 263 
PHE HD1  H N N 264 
PHE HD2  H N N 265 
PHE HE1  H N N 266 
PHE HE2  H N N 267 
PHE HZ   H N N 268 
PHE HXT  H N N 269 
PRO N    N N N 270 
PRO CA   C N S 271 
PRO C    C N N 272 
PRO O    O N N 273 
PRO CB   C N N 274 
PRO CG   C N N 275 
PRO CD   C N N 276 
PRO OXT  O N N 277 
PRO H    H N N 278 
PRO HA   H N N 279 
PRO HB2  H N N 280 
PRO HB3  H N N 281 
PRO HG2  H N N 282 
PRO HG3  H N N 283 
PRO HD2  H N N 284 
PRO HD3  H N N 285 
PRO HXT  H N N 286 
SER N    N N N 287 
SER CA   C N S 288 
SER C    C N N 289 
SER O    O N N 290 
SER CB   C N N 291 
SER OG   O N N 292 
SER OXT  O N N 293 
SER H    H N N 294 
SER H2   H N N 295 
SER HA   H N N 296 
SER HB2  H N N 297 
SER HB3  H N N 298 
SER HG   H N N 299 
SER HXT  H N N 300 
THR N    N N N 301 
THR CA   C N S 302 
THR C    C N N 303 
THR O    O N N 304 
THR CB   C N R 305 
THR OG1  O N N 306 
THR CG2  C N N 307 
THR OXT  O N N 308 
THR H    H N N 309 
THR H2   H N N 310 
THR HA   H N N 311 
THR HB   H N N 312 
THR HG1  H N N 313 
THR HG21 H N N 314 
THR HG22 H N N 315 
THR HG23 H N N 316 
THR HXT  H N N 317 
TYR N    N N N 318 
TYR CA   C N S 319 
TYR C    C N N 320 
TYR O    O N N 321 
TYR CB   C N N 322 
TYR CG   C Y N 323 
TYR CD1  C Y N 324 
TYR CD2  C Y N 325 
TYR CE1  C Y N 326 
TYR CE2  C Y N 327 
TYR CZ   C Y N 328 
TYR OH   O N N 329 
TYR OXT  O N N 330 
TYR H    H N N 331 
TYR H2   H N N 332 
TYR HA   H N N 333 
TYR HB2  H N N 334 
TYR HB3  H N N 335 
TYR HD1  H N N 336 
TYR HD2  H N N 337 
TYR HE1  H N N 338 
TYR HE2  H N N 339 
TYR HH   H N N 340 
TYR HXT  H N N 341 
VAL N    N N N 342 
VAL CA   C N S 343 
VAL C    C N N 344 
VAL O    O N N 345 
VAL CB   C N N 346 
VAL CG1  C N N 347 
VAL CG2  C N N 348 
VAL OXT  O N N 349 
VAL H    H N N 350 
VAL H2   H N N 351 
VAL HA   H N N 352 
VAL HB   H N N 353 
VAL HG11 H N N 354 
VAL HG12 H N N 355 
VAL HG13 H N N 356 
VAL HG21 H N N 357 
VAL HG22 H N N 358 
VAL HG23 H N N 359 
VAL HXT  H N N 360 
# 
loop_
_chem_comp_bond.comp_id 
_chem_comp_bond.atom_id_1 
_chem_comp_bond.atom_id_2 
_chem_comp_bond.value_order 
_chem_comp_bond.pdbx_aromatic_flag 
_chem_comp_bond.pdbx_stereo_config 
_chem_comp_bond.pdbx_ordinal 
ALA N   CA   sing N N 1   
ALA N   H    sing N N 2   
ALA N   H2   sing N N 3   
ALA CA  C    sing N N 4   
ALA CA  CB   sing N N 5   
ALA CA  HA   sing N N 6   
ALA C   O    doub N N 7   
ALA C   OXT  sing N N 8   
ALA CB  HB1  sing N N 9   
ALA CB  HB2  sing N N 10  
ALA CB  HB3  sing N N 11  
ALA OXT HXT  sing N N 12  
ARG N   CA   sing N N 13  
ARG N   H    sing N N 14  
ARG N   H2   sing N N 15  
ARG CA  C    sing N N 16  
ARG CA  CB   sing N N 17  
ARG CA  HA   sing N N 18  
ARG C   O    doub N N 19  
ARG C   OXT  sing N N 20  
ARG CB  CG   sing N N 21  
ARG CB  HB2  sing N N 22  
ARG CB  HB3  sing N N 23  
ARG CG  CD   sing N N 24  
ARG CG  HG2  sing N N 25  
ARG CG  HG3  sing N N 26  
ARG CD  NE   sing N N 27  
ARG CD  HD2  sing N N 28  
ARG CD  HD3  sing N N 29  
ARG NE  CZ   sing N N 30  
ARG NE  HE   sing N N 31  
ARG CZ  NH1  sing N N 32  
ARG CZ  NH2  doub N N 33  
ARG NH1 HH11 sing N N 34  
ARG NH1 HH12 sing N N 35  
ARG NH2 HH21 sing N N 36  
ARG NH2 HH22 sing N N 37  
ARG OXT HXT  sing N N 38  
ASN N   CA   sing N N 39  
ASN N   H    sing N N 40  
ASN N   H2   sing N N 41  
ASN CA  C    sing N N 42  
ASN CA  CB   sing N N 43  
ASN CA  HA   sing N N 44  
ASN C   O    doub N N 45  
ASN C   OXT  sing N N 46  
ASN CB  CG   sing N N 47  
ASN CB  HB2  sing N N 48  
ASN CB  HB3  sing N N 49  
ASN CG  OD1  doub N N 50  
ASN CG  ND2  sing N N 51  
ASN ND2 HD21 sing N N 52  
ASN ND2 HD22 sing N N 53  
ASN OXT HXT  sing N N 54  
ASP N   CA   sing N N 55  
ASP N   H    sing N N 56  
ASP N   H2   sing N N 57  
ASP CA  C    sing N N 58  
ASP CA  CB   sing N N 59  
ASP CA  HA   sing N N 60  
ASP C   O    doub N N 61  
ASP C   OXT  sing N N 62  
ASP CB  CG   sing N N 63  
ASP CB  HB2  sing N N 64  
ASP CB  HB3  sing N N 65  
ASP CG  OD1  doub N N 66  
ASP CG  OD2  sing N N 67  
ASP OD2 HD2  sing N N 68  
ASP OXT HXT  sing N N 69  
CYS N   CA   sing N N 70  
CYS N   H    sing N N 71  
CYS N   H2   sing N N 72  
CYS CA  C    sing N N 73  
CYS CA  CB   sing N N 74  
CYS CA  HA   sing N N 75  
CYS C   O    doub N N 76  
CYS C   OXT  sing N N 77  
CYS CB  SG   sing N N 78  
CYS CB  HB2  sing N N 79  
CYS CB  HB3  sing N N 80  
CYS SG  HG   sing N N 81  
CYS OXT HXT  sing N N 82  
GLN N   CA   sing N N 83  
GLN N   H    sing N N 84  
GLN N   H2   sing N N 85  
GLN CA  C    sing N N 86  
GLN CA  CB   sing N N 87  
GLN CA  HA   sing N N 88  
GLN C   O    doub N N 89  
GLN C   OXT  sing N N 90  
GLN CB  CG   sing N N 91  
GLN CB  HB2  sing N N 92  
GLN CB  HB3  sing N N 93  
GLN CG  CD   sing N N 94  
GLN CG  HG2  sing N N 95  
GLN CG  HG3  sing N N 96  
GLN CD  OE1  doub N N 97  
GLN CD  NE2  sing N N 98  
GLN NE2 HE21 sing N N 99  
GLN NE2 HE22 sing N N 100 
GLN OXT HXT  sing N N 101 
GLU N   CA   sing N N 102 
GLU N   H    sing N N 103 
GLU N   H2   sing N N 104 
GLU CA  C    sing N N 105 
GLU CA  CB   sing N N 106 
GLU CA  HA   sing N N 107 
GLU C   O    doub N N 108 
GLU C   OXT  sing N N 109 
GLU CB  CG   sing N N 110 
GLU CB  HB2  sing N N 111 
GLU CB  HB3  sing N N 112 
GLU CG  CD   sing N N 113 
GLU CG  HG2  sing N N 114 
GLU CG  HG3  sing N N 115 
GLU CD  OE1  doub N N 116 
GLU CD  OE2  sing N N 117 
GLU OE2 HE2  sing N N 118 
GLU OXT HXT  sing N N 119 
GLY N   CA   sing N N 120 
GLY N   H    sing N N 121 
GLY N   H2   sing N N 122 
GLY CA  C    sing N N 123 
GLY CA  HA2  sing N N 124 
GLY CA  HA3  sing N N 125 
GLY C   O    doub N N 126 
GLY C   OXT  sing N N 127 
GLY OXT HXT  sing N N 128 
HIS N   CA   sing N N 129 
HIS N   H    sing N N 130 
HIS N   H2   sing N N 131 
HIS CA  C    sing N N 132 
HIS CA  CB   sing N N 133 
HIS CA  HA   sing N N 134 
HIS C   O    doub N N 135 
HIS C   OXT  sing N N 136 
HIS CB  CG   sing N N 137 
HIS CB  HB2  sing N N 138 
HIS CB  HB3  sing N N 139 
HIS CG  ND1  sing Y N 140 
HIS CG  CD2  doub Y N 141 
HIS ND1 CE1  doub Y N 142 
HIS ND1 HD1  sing N N 143 
HIS CD2 NE2  sing Y N 144 
HIS CD2 HD2  sing N N 145 
HIS CE1 NE2  sing Y N 146 
HIS CE1 HE1  sing N N 147 
HIS NE2 HE2  sing N N 148 
HIS OXT HXT  sing N N 149 
ILE N   CA   sing N N 150 
ILE N   H    sing N N 151 
ILE N   H2   sing N N 152 
ILE CA  C    sing N N 153 
ILE CA  CB   sing N N 154 
ILE CA  HA   sing N N 155 
ILE C   O    doub N N 156 
ILE C   OXT  sing N N 157 
ILE CB  CG1  sing N N 158 
ILE CB  CG2  sing N N 159 
ILE CB  HB   sing N N 160 
ILE CG1 CD1  sing N N 161 
ILE CG1 HG12 sing N N 162 
ILE CG1 HG13 sing N N 163 
ILE CG2 HG21 sing N N 164 
ILE CG2 HG22 sing N N 165 
ILE CG2 HG23 sing N N 166 
ILE CD1 HD11 sing N N 167 
ILE CD1 HD12 sing N N 168 
ILE CD1 HD13 sing N N 169 
ILE OXT HXT  sing N N 170 
LEU N   CA   sing N N 171 
LEU N   H    sing N N 172 
LEU N   H2   sing N N 173 
LEU CA  C    sing N N 174 
LEU CA  CB   sing N N 175 
LEU CA  HA   sing N N 176 
LEU C   O    doub N N 177 
LEU C   OXT  sing N N 178 
LEU CB  CG   sing N N 179 
LEU CB  HB2  sing N N 180 
LEU CB  HB3  sing N N 181 
LEU CG  CD1  sing N N 182 
LEU CG  CD2  sing N N 183 
LEU CG  HG   sing N N 184 
LEU CD1 HD11 sing N N 185 
LEU CD1 HD12 sing N N 186 
LEU CD1 HD13 sing N N 187 
LEU CD2 HD21 sing N N 188 
LEU CD2 HD22 sing N N 189 
LEU CD2 HD23 sing N N 190 
LEU OXT HXT  sing N N 191 
LYS N   CA   sing N N 192 
LYS N   H    sing N N 193 
LYS N   H2   sing N N 194 
LYS CA  C    sing N N 195 
LYS CA  CB   sing N N 196 
LYS CA  HA   sing N N 197 
LYS C   O    doub N N 198 
LYS C   OXT  sing N N 199 
LYS CB  CG   sing N N 200 
LYS CB  HB2  sing N N 201 
LYS CB  HB3  sing N N 202 
LYS CG  CD   sing N N 203 
LYS CG  HG2  sing N N 204 
LYS CG  HG3  sing N N 205 
LYS CD  CE   sing N N 206 
LYS CD  HD2  sing N N 207 
LYS CD  HD3  sing N N 208 
LYS CE  NZ   sing N N 209 
LYS CE  HE2  sing N N 210 
LYS CE  HE3  sing N N 211 
LYS NZ  HZ1  sing N N 212 
LYS NZ  HZ2  sing N N 213 
LYS NZ  HZ3  sing N N 214 
LYS OXT HXT  sing N N 215 
MET N   CA   sing N N 216 
MET N   H    sing N N 217 
MET N   H2   sing N N 218 
MET CA  C    sing N N 219 
MET CA  CB   sing N N 220 
MET CA  HA   sing N N 221 
MET C   O    doub N N 222 
MET C   OXT  sing N N 223 
MET CB  CG   sing N N 224 
MET CB  HB2  sing N N 225 
MET CB  HB3  sing N N 226 
MET CG  SD   sing N N 227 
MET CG  HG2  sing N N 228 
MET CG  HG3  sing N N 229 
MET SD  CE   sing N N 230 
MET CE  HE1  sing N N 231 
MET CE  HE2  sing N N 232 
MET CE  HE3  sing N N 233 
MET OXT HXT  sing N N 234 
PHE N   CA   sing N N 235 
PHE N   H    sing N N 236 
PHE N   H2   sing N N 237 
PHE CA  C    sing N N 238 
PHE CA  CB   sing N N 239 
PHE CA  HA   sing N N 240 
PHE C   O    doub N N 241 
PHE C   OXT  sing N N 242 
PHE CB  CG   sing N N 243 
PHE CB  HB2  sing N N 244 
PHE CB  HB3  sing N N 245 
PHE CG  CD1  doub Y N 246 
PHE CG  CD2  sing Y N 247 
PHE CD1 CE1  sing Y N 248 
PHE CD1 HD1  sing N N 249 
PHE CD2 CE2  doub Y N 250 
PHE CD2 HD2  sing N N 251 
PHE CE1 CZ   doub Y N 252 
PHE CE1 HE1  sing N N 253 
PHE CE2 CZ   sing Y N 254 
PHE CE2 HE2  sing N N 255 
PHE CZ  HZ   sing N N 256 
PHE OXT HXT  sing N N 257 
PRO N   CA   sing N N 258 
PRO N   CD   sing N N 259 
PRO N   H    sing N N 260 
PRO CA  C    sing N N 261 
PRO CA  CB   sing N N 262 
PRO CA  HA   sing N N 263 
PRO C   O    doub N N 264 
PRO C   OXT  sing N N 265 
PRO CB  CG   sing N N 266 
PRO CB  HB2  sing N N 267 
PRO CB  HB3  sing N N 268 
PRO CG  CD   sing N N 269 
PRO CG  HG2  sing N N 270 
PRO CG  HG3  sing N N 271 
PRO CD  HD2  sing N N 272 
PRO CD  HD3  sing N N 273 
PRO OXT HXT  sing N N 274 
SER N   CA   sing N N 275 
SER N   H    sing N N 276 
SER N   H2   sing N N 277 
SER CA  C    sing N N 278 
SER CA  CB   sing N N 279 
SER CA  HA   sing N N 280 
SER C   O    doub N N 281 
SER C   OXT  sing N N 282 
SER CB  OG   sing N N 283 
SER CB  HB2  sing N N 284 
SER CB  HB3  sing N N 285 
SER OG  HG   sing N N 286 
SER OXT HXT  sing N N 287 
THR N   CA   sing N N 288 
THR N   H    sing N N 289 
THR N   H2   sing N N 290 
THR CA  C    sing N N 291 
THR CA  CB   sing N N 292 
THR CA  HA   sing N N 293 
THR C   O    doub N N 294 
THR C   OXT  sing N N 295 
THR CB  OG1  sing N N 296 
THR CB  CG2  sing N N 297 
THR CB  HB   sing N N 298 
THR OG1 HG1  sing N N 299 
THR CG2 HG21 sing N N 300 
THR CG2 HG22 sing N N 301 
THR CG2 HG23 sing N N 302 
THR OXT HXT  sing N N 303 
TYR N   CA   sing N N 304 
TYR N   H    sing N N 305 
TYR N   H2   sing N N 306 
TYR CA  C    sing N N 307 
TYR CA  CB   sing N N 308 
TYR CA  HA   sing N N 309 
TYR C   O    doub N N 310 
TYR C   OXT  sing N N 311 
TYR CB  CG   sing N N 312 
TYR CB  HB2  sing N N 313 
TYR CB  HB3  sing N N 314 
TYR CG  CD1  doub Y N 315 
TYR CG  CD2  sing Y N 316 
TYR CD1 CE1  sing Y N 317 
TYR CD1 HD1  sing N N 318 
TYR CD2 CE2  doub Y N 319 
TYR CD2 HD2  sing N N 320 
TYR CE1 CZ   doub Y N 321 
TYR CE1 HE1  sing N N 322 
TYR CE2 CZ   sing Y N 323 
TYR CE2 HE2  sing N N 324 
TYR CZ  OH   sing N N 325 
TYR OH  HH   sing N N 326 
TYR OXT HXT  sing N N 327 
VAL N   CA   sing N N 328 
VAL N   H    sing N N 329 
VAL N   H2   sing N N 330 
VAL CA  C    sing N N 331 
VAL CA  CB   sing N N 332 
VAL CA  HA   sing N N 333 
VAL C   O    doub N N 334 
VAL C   OXT  sing N N 335 
VAL CB  CG1  sing N N 336 
VAL CB  CG2  sing N N 337 
VAL CB  HB   sing N N 338 
VAL CG1 HG11 sing N N 339 
VAL CG1 HG12 sing N N 340 
VAL CG1 HG13 sing N N 341 
VAL CG2 HG21 sing N N 342 
VAL CG2 HG22 sing N N 343 
VAL CG2 HG23 sing N N 344 
VAL OXT HXT  sing N N 345 
# 
_atom_sites.entry_id                    4C8W 
_atom_sites.fract_transf_matrix[1][1]   0.00902934 
_atom_sites.fract_transf_matrix[1][2]   -0.00650504 
_atom_sites.fract_transf_matrix[1][3]   0.00281070 
_atom_sites.fract_transf_matrix[2][1]   -0.00044510 
_atom_sites.fract_transf_matrix[2][2]   -0.00506425 
_atom_sites.fract_transf_matrix[2][3]   -0.01029076 
_atom_sites.fract_transf_matrix[3][1]   0.00800702 
_atom_sites.fract_transf_matrix[3][2]   0.00904191 
_atom_sites.fract_transf_matrix[3][3]   -0.00479600 
_atom_sites.fract_transf_vector[1]      0.303895 
_atom_sites.fract_transf_vector[2]      0.775521 
_atom_sites.fract_transf_vector[3]      1.327628 
# 
loop_
_atom_type.symbol 
C 
N 
O 
S 
# 
loop_
_atom_site.group_PDB 
_atom_site.id 
_atom_site.type_symbol 
_atom_site.label_atom_id 
_atom_site.label_alt_id 
_atom_site.label_comp_id 
_atom_site.label_asym_id 
_atom_site.label_entity_id 
_atom_site.label_seq_id 
_atom_site.pdbx_PDB_ins_code 
_atom_site.Cartn_x 
_atom_site.Cartn_y 
_atom_site.Cartn_z 
_atom_site.occupancy 
_atom_site.B_iso_or_equiv 
_atom_site.pdbx_formal_charge 
_atom_site.auth_seq_id 
_atom_site.auth_comp_id 
_atom_site.auth_asym_id 
_atom_site.auth_atom_id 
_atom_site.pdbx_PDB_model_num 
ATOM 1    N N   . ILE A 1 8   ? 18.627  17.101  -21.916 1.00 63.97  ? 39  ILE I N   1 
ATOM 2    C CA  . ILE A 1 8   ? 19.811  16.173  -21.837 1.00 66.26  ? 39  ILE I CA  1 
ATOM 3    C C   . ILE A 1 8   ? 19.580  15.012  -20.833 1.00 68.53  ? 39  ILE I C   1 
ATOM 4    O O   . ILE A 1 8   ? 19.701  13.843  -21.198 1.00 68.44  ? 39  ILE I O   1 
ATOM 5    C CB  . ILE A 1 8   ? 21.129  16.944  -21.558 1.00 64.35  ? 39  ILE I CB  1 
ATOM 6    C CG1 . ILE A 1 8   ? 22.172  15.995  -20.943 1.00 60.38  ? 39  ILE I CG1 1 
ATOM 7    C CG2 . ILE A 1 8   ? 20.871  18.204  -20.712 1.00 63.55  ? 39  ILE I CG2 1 
ATOM 8    C CD1 . ILE A 1 8   ? 23.559  16.583  -20.858 1.00 61.00  ? 39  ILE I CD1 1 
ATOM 9    N N   . CYS A 1 9   ? 19.293  15.339  -19.571 1.00 67.35  ? 40  CYS I N   1 
ATOM 10   C CA  . CYS A 1 9   ? 18.499  14.466  -18.705 1.00 62.56  ? 40  CYS I CA  1 
ATOM 11   C C   . CYS A 1 9   ? 17.093  15.071  -18.652 1.00 59.94  ? 40  CYS I C   1 
ATOM 12   O O   . CYS A 1 9   ? 16.920  16.268  -18.411 1.00 59.13  ? 40  CYS I O   1 
ATOM 13   C CB  . CYS A 1 9   ? 19.048  14.417  -17.285 1.00 63.05  ? 40  CYS I CB  1 
ATOM 14   S SG  . CYS A 1 9   ? 20.645  13.615  -17.081 1.00 65.59  ? 40  CYS I SG  1 
ATOM 15   N N   . LYS A 1 10  ? 16.089  14.241  -18.868 1.00 56.92  ? 41  LYS I N   1 
ATOM 16   C CA  . LYS A 1 10  ? 14.712  14.698  -18.847 1.00 55.65  ? 41  LYS I CA  1 
ATOM 17   C C   . LYS A 1 10  ? 14.065  14.456  -17.459 1.00 54.49  ? 41  LYS I C   1 
ATOM 18   O O   . LYS A 1 10  ? 14.366  13.467  -16.769 1.00 51.90  ? 41  LYS I O   1 
ATOM 19   C CB  . LYS A 1 10  ? 13.945  13.965  -19.944 1.00 57.34  ? 41  LYS I CB  1 
ATOM 20   C CG  . LYS A 1 10  ? 13.165  14.871  -20.874 1.00 59.94  ? 41  LYS I CG  1 
ATOM 21   C CD  . LYS A 1 10  ? 12.198  14.065  -21.734 1.00 62.24  ? 41  LYS I CD  1 
ATOM 22   C CE  . LYS A 1 10  ? 10.857  14.771  -21.891 1.00 62.82  ? 41  LYS I CE  1 
ATOM 23   N NZ  . LYS A 1 10  ? 9.827   13.850  -22.442 1.00 63.36  ? 41  LYS I NZ  1 
ATOM 24   N N   . GLY A 1 11  ? 13.188  15.364  -17.042 1.00 52.65  ? 42  GLY I N   1 
ATOM 25   C CA  . GLY A 1 11  ? 12.469  15.214  -15.769 1.00 51.76  ? 42  GLY I CA  1 
ATOM 26   C C   . GLY A 1 11  ? 13.341  14.820  -14.590 1.00 49.93  ? 42  GLY I C   1 
ATOM 27   O O   . GLY A 1 11  ? 12.968  13.956  -13.801 1.00 48.03  ? 42  GLY I O   1 
ATOM 28   N N   . CYS A 1 12  ? 14.496  15.476  -14.486 1.00 48.86  ? 43  CYS I N   1 
ATOM 29   C CA  . CYS A 1 12  ? 15.572  15.123  -13.559 1.00 47.43  ? 43  CYS I CA  1 
ATOM 30   C C   . CYS A 1 12  ? 15.687  16.248  -12.549 1.00 44.18  ? 43  CYS I C   1 
ATOM 31   O O   . CYS A 1 12  ? 15.186  17.328  -12.798 1.00 46.04  ? 43  CYS I O   1 
ATOM 32   C CB  . CYS A 1 12  ? 16.899  14.995  -14.341 1.00 50.64  ? 43  CYS I CB  1 
ATOM 33   S SG  . CYS A 1 12  ? 18.156  13.880  -13.651 1.00 55.79  ? 43  CYS I SG  1 
ATOM 34   N N   . LEU A 1 13  ? 16.333  16.002  -11.414 1.00 41.89  ? 44  LEU I N   1 
ATOM 35   C CA  . LEU A 1 13  ? 16.725  17.075  -10.477 1.00 41.99  ? 44  LEU I CA  1 
ATOM 36   C C   . LEU A 1 13  ? 18.232  17.114  -10.199 1.00 42.98  ? 44  LEU I C   1 
ATOM 37   O O   . LEU A 1 13  ? 18.750  18.095  -9.641  1.00 42.45  ? 44  LEU I O   1 
ATOM 38   C CB  . LEU A 1 13  ? 15.998  16.920  -9.147  1.00 42.19  ? 44  LEU I CB  1 
ATOM 39   C CG  . LEU A 1 13  ? 14.476  17.028  -9.186  1.00 41.56  ? 44  LEU I CG  1 
ATOM 40   C CD1 . LEU A 1 13  ? 13.867  16.648  -7.836  1.00 39.85  ? 44  LEU I CD1 1 
ATOM 41   C CD2 . LEU A 1 13  ? 14.078  18.435  -9.618  1.00 41.17  ? 44  LEU I CD2 1 
ATOM 42   N N   . SER A 1 14  ? 18.911  16.020  -10.528 1.00 43.20  ? 45  SER I N   1 
ATOM 43   C CA  . SER A 1 14  ? 20.351  15.980  -10.577 1.00 43.45  ? 45  SER I CA  1 
ATOM 44   C C   . SER A 1 14  ? 20.717  15.010  -11.669 1.00 46.12  ? 45  SER I C   1 
ATOM 45   O O   . SER A 1 14  ? 20.287  13.841  -11.660 1.00 41.39  ? 45  SER I O   1 
ATOM 46   C CB  . SER A 1 14  ? 20.942  15.512  -9.268  1.00 41.71  ? 45  SER I CB  1 
ATOM 47   O OG  . SER A 1 14  ? 20.738  14.126  -9.140  1.00 44.77  ? 45  SER I OG  1 
ATOM 48   N N   . CYS A 1 15  ? 21.524  15.523  -12.593 1.00 51.52  ? 46  CYS I N   1 
ATOM 49   C CA  . CYS A 1 15  ? 21.835  14.869  -13.840 1.00 55.68  ? 46  CYS I CA  1 
ATOM 50   C C   . CYS A 1 15  ? 23.329  14.714  -14.012 1.00 55.75  ? 46  CYS I C   1 
ATOM 51   O O   . CYS A 1 15  ? 24.070  15.687  -13.882 1.00 55.83  ? 46  CYS I O   1 
ATOM 52   C CB  . CYS A 1 15  ? 21.322  15.721  -14.978 1.00 58.92  ? 46  CYS I CB  1 
ATOM 53   S SG  . CYS A 1 15  ? 21.919  15.136  -16.567 1.00 63.80  ? 46  CYS I SG  1 
ATOM 54   N N   . SER A 1 16  ? 23.752  13.503  -14.369 1.00 57.11  ? 47  SER I N   1 
ATOM 55   C CA  . SER A 1 16  ? 25.172  13.131  -14.441 1.00 56.44  ? 47  SER I CA  1 
ATOM 56   C C   . SER A 1 16  ? 25.607  12.777  -15.853 1.00 59.93  ? 47  SER I C   1 
ATOM 57   O O   . SER A 1 16  ? 25.063  11.856  -16.458 1.00 61.87  ? 47  SER I O   1 
ATOM 58   C CB  . SER A 1 16  ? 25.441  11.945  -13.510 1.00 52.25  ? 47  SER I CB  1 
ATOM 59   O OG  . SER A 1 16  ? 26.325  11.018  -14.093 1.00 50.37  ? 47  SER I OG  1 
ATOM 60   N N   . LYS A 1 17  ? 26.616  13.477  -16.362 1.00 65.38  ? 48  LYS I N   1 
ATOM 61   C CA  . LYS A 1 17  ? 27.127  13.220  -17.717 1.00 74.13  ? 48  LYS I CA  1 
ATOM 62   C C   . LYS A 1 17  ? 27.127  11.742  -18.138 1.00 75.07  ? 48  LYS I C   1 
ATOM 63   O O   . LYS A 1 17  ? 26.818  11.411  -19.285 1.00 78.66  ? 48  LYS I O   1 
ATOM 64   C CB  . LYS A 1 17  ? 28.548  13.799  -17.882 1.00 79.39  ? 48  LYS I CB  1 
ATOM 65   C CG  . LYS A 1 17  ? 28.646  14.959  -18.872 1.00 82.09  ? 48  LYS I CG  1 
ATOM 66   C CD  . LYS A 1 17  ? 29.521  16.098  -18.369 1.00 86.44  ? 48  LYS I CD  1 
ATOM 67   C CE  . LYS A 1 17  ? 29.433  17.313  -19.291 1.00 90.79  ? 48  LYS I CE  1 
ATOM 68   N NZ  . LYS A 1 17  ? 29.249  18.612  -18.570 1.00 87.96  ? 48  LYS I NZ  1 
ATOM 69   N N   . ASP A 1 18  ? 27.456  10.859  -17.208 1.00 74.10  ? 49  ASP I N   1 
ATOM 70   C CA  . ASP A 1 18  ? 27.777  9.495   -17.555 1.00 75.82  ? 49  ASP I CA  1 
ATOM 71   C C   . ASP A 1 18  ? 26.740  8.499   -17.090 1.00 70.24  ? 49  ASP I C   1 
ATOM 72   O O   . ASP A 1 18  ? 26.317  7.642   -17.854 1.00 72.80  ? 49  ASP I O   1 
ATOM 73   C CB  . ASP A 1 18  ? 29.152  9.167   -16.993 1.00 82.78  ? 49  ASP I CB  1 
ATOM 74   C CG  . ASP A 1 18  ? 30.179  10.221  -17.366 1.00 89.65  ? 49  ASP I CG  1 
ATOM 75   O OD1 . ASP A 1 18  ? 30.151  11.306  -16.747 1.00 97.94  ? 49  ASP I OD1 1 
ATOM 76   O OD2 . ASP A 1 18  ? 30.986  9.983   -18.295 1.00 88.32  ? 49  ASP I OD2 1 
ATOM 77   N N   . ASN A 1 19  ? 26.329  8.604   -15.837 1.00 66.61  ? 50  ASN I N   1 
ATOM 78   C CA  . ASN A 1 19  ? 25.313  7.699   -15.321 1.00 65.37  ? 50  ASN I CA  1 
ATOM 79   C C   . ASN A 1 19  ? 23.907  8.283   -15.440 1.00 59.05  ? 50  ASN I C   1 
ATOM 80   O O   . ASN A 1 19  ? 22.935  7.725   -14.940 1.00 55.19  ? 50  ASN I O   1 
ATOM 81   C CB  . ASN A 1 19  ? 25.645  7.281   -13.893 1.00 67.64  ? 50  ASN I CB  1 
ATOM 82   C CG  . ASN A 1 19  ? 26.819  6.327   -13.839 1.00 70.00  ? 50  ASN I CG  1 
ATOM 83   O OD1 . ASN A 1 19  ? 26.669  5.160   -13.469 1.00 74.42  ? 50  ASN I OD1 1 
ATOM 84   N ND2 . ASN A 1 19  ? 27.989  6.805   -14.246 1.00 69.17  ? 50  ASN I ND2 1 
ATOM 85   N N   . GLY A 1 20  ? 23.799  9.399   -16.137 1.00 55.52  ? 51  GLY I N   1 
ATOM 86   C CA  . GLY A 1 20  ? 22.501  9.935   -16.455 1.00 56.32  ? 51  GLY I CA  1 
ATOM 87   C C   . GLY A 1 20  ? 21.807  10.462  -15.220 1.00 56.78  ? 51  GLY I C   1 
ATOM 88   O O   . GLY A 1 20  ? 22.450  10.908  -14.276 1.00 60.07  ? 51  GLY I O   1 
ATOM 89   N N   . CYS A 1 21  ? 20.485  10.395  -15.229 1.00 54.92  ? 52  CYS I N   1 
ATOM 90   C CA  . CYS A 1 21  ? 19.687  10.978  -14.182 1.00 53.74  ? 52  CYS I CA  1 
ATOM 91   C C   . CYS A 1 21  ? 19.902  10.238  -12.866 1.00 50.18  ? 52  CYS I C   1 
ATOM 92   O O   . CYS A 1 21  ? 19.861  9.017   -12.823 1.00 43.47  ? 52  CYS I O   1 
ATOM 93   C CB  . CYS A 1 21  ? 18.219  10.949  -14.593 1.00 55.48  ? 52  CYS I CB  1 
ATOM 94   S SG  . CYS A 1 21  ? 17.200  12.055  -13.615 1.00 64.20  ? 52  CYS I SG  1 
ATOM 95   N N   . LEU A 1 22  ? 20.165  10.987  -11.800 1.00 50.51  ? 53  LEU I N   1 
ATOM 96   C CA  . LEU A 1 22  ? 20.351  10.397  -10.477 1.00 48.92  ? 53  LEU I CA  1 
ATOM 97   C C   . LEU A 1 22  ? 19.287  10.817  -9.480  1.00 48.52  ? 53  LEU I C   1 
ATOM 98   O O   . LEU A 1 22  ? 19.365  10.446  -8.310  1.00 45.83  ? 53  LEU I O   1 
ATOM 99   C CB  . LEU A 1 22  ? 21.716  10.772  -9.922  1.00 49.65  ? 53  LEU I CB  1 
ATOM 100  C CG  . LEU A 1 22  ? 22.925  10.373  -10.767 1.00 51.16  ? 53  LEU I CG  1 
ATOM 101  C CD1 . LEU A 1 22  ? 24.168  10.361  -9.897  1.00 49.89  ? 53  LEU I CD1 1 
ATOM 102  C CD2 . LEU A 1 22  ? 22.760  9.010   -11.435 1.00 53.41  ? 53  LEU I CD2 1 
ATOM 103  N N   . ARG A 1 23  ? 18.296  11.583  -9.929  1.00 47.29  ? 54  ARG I N   1 
ATOM 104  C CA  . ARG A 1 23  ? 17.206  11.970  -9.052  1.00 45.44  ? 54  ARG I CA  1 
ATOM 105  C C   . ARG A 1 23  ? 16.093  12.608  -9.863  1.00 45.10  ? 54  ARG I C   1 
ATOM 106  O O   . ARG A 1 23  ? 16.257  13.703  -10.373 1.00 46.84  ? 54  ARG I O   1 
ATOM 107  C CB  . ARG A 1 23  ? 17.714  12.940  -7.997  1.00 44.85  ? 54  ARG I CB  1 
ATOM 108  C CG  . ARG A 1 23  ? 16.825  13.051  -6.792  1.00 45.11  ? 54  ARG I CG  1 
ATOM 109  C CD  . ARG A 1 23  ? 17.092  14.372  -6.129  1.00 47.30  ? 54  ARG I CD  1 
ATOM 110  N NE  . ARG A 1 23  ? 16.209  14.628  -4.994  1.00 49.54  ? 54  ARG I NE  1 
ATOM 111  C CZ  . ARG A 1 23  ? 15.680  15.816  -4.702  1.00 53.51  ? 54  ARG I CZ  1 
ATOM 112  N NH1 . ARG A 1 23  ? 15.897  16.871  -5.487  1.00 56.43  ? 54  ARG I NH1 1 
ATOM 113  N NH2 . ARG A 1 23  ? 14.913  15.959  -3.626  1.00 54.99  ? 54  ARG I NH2 1 
ATOM 114  N N   . CYS A 1 24  ? 14.962  11.915  -9.967  1.00 46.21  ? 55  CYS I N   1 
ATOM 115  C CA  . CYS A 1 24  ? 13.866  12.291  -10.852 1.00 45.88  ? 55  CYS I CA  1 
ATOM 116  C C   . CYS A 1 24  ? 12.966  13.340  -10.212 1.00 45.66  ? 55  CYS I C   1 
ATOM 117  O O   . CYS A 1 24  ? 12.975  13.530  -9.001  1.00 41.89  ? 55  CYS I O   1 
ATOM 118  C CB  . CYS A 1 24  ? 13.055  11.045  -11.248 1.00 46.35  ? 55  CYS I CB  1 
ATOM 119  S SG  . CYS A 1 24  ? 14.018  9.831   -12.191 1.00 48.79  ? 55  CYS I SG  1 
ATOM 120  N N   . GLN A 1 25  ? 12.211  14.039  -11.054 1.00 48.41  ? 56  GLN I N   1 
ATOM 121  C CA  . GLN A 1 25  ? 11.241  15.024  -10.595 1.00 48.79  ? 56  GLN I CA  1 
ATOM 122  C C   . GLN A 1 25  ? 10.077  14.288  -9.977  1.00 48.39  ? 56  GLN I C   1 
ATOM 123  O O   . GLN A 1 25  ? 9.759   13.182  -10.398 1.00 46.79  ? 56  GLN I O   1 
ATOM 124  C CB  . GLN A 1 25  ? 10.772  15.913  -11.745 1.00 51.87  ? 56  GLN I CB  1 
ATOM 125  C CG  . GLN A 1 25  ? 11.828  16.907  -12.191 1.00 53.96  ? 56  GLN I CG  1 
ATOM 126  C CD  . GLN A 1 25  ? 11.405  17.707  -13.393 1.00 55.14  ? 56  GLN I CD  1 
ATOM 127  O OE1 . GLN A 1 25  ? 10.216  17.803  -13.689 1.00 56.54  ? 56  GLN I OE1 1 
ATOM 128  N NE2 . GLN A 1 25  ? 12.377  18.279  -14.106 1.00 55.54  ? 56  GLN I NE2 1 
ATOM 129  N N   . PRO A 1 26  ? 9.423   14.907  -8.986  1.00 52.00  ? 57  PRO I N   1 
ATOM 130  C CA  . PRO A 1 26  ? 8.676   14.133  -8.002  1.00 53.42  ? 57  PRO I CA  1 
ATOM 131  C C   . PRO A 1 26  ? 7.643   13.178  -8.584  1.00 59.53  ? 57  PRO I C   1 
ATOM 132  O O   . PRO A 1 26  ? 7.364   12.154  -7.973  1.00 64.69  ? 57  PRO I O   1 
ATOM 133  C CB  . PRO A 1 26  ? 8.002   15.201  -7.153  1.00 51.60  ? 57  PRO I CB  1 
ATOM 134  C CG  . PRO A 1 26  ? 8.806   16.434  -7.361  1.00 51.60  ? 57  PRO I CG  1 
ATOM 135  C CD  . PRO A 1 26  ? 9.249   16.357  -8.792  1.00 52.25  ? 57  PRO I CD  1 
ATOM 136  N N   . LYS A 1 27  ? 7.115   13.483  -9.764  1.00 63.36  ? 58  LYS I N   1 
ATOM 137  C CA  . LYS A 1 27  ? 5.995   12.729  -10.319 1.00 65.17  ? 58  LYS I CA  1 
ATOM 138  C C   . LYS A 1 27  ? 6.375   11.523  -11.212 1.00 65.66  ? 58  LYS I C   1 
ATOM 139  O O   . LYS A 1 27  ? 5.494   10.824  -11.719 1.00 70.99  ? 58  LYS I O   1 
ATOM 140  C CB  . LYS A 1 27  ? 5.109   13.706  -11.094 1.00 69.21  ? 58  LYS I CB  1 
ATOM 141  C CG  . LYS A 1 27  ? 4.853   14.997  -10.326 1.00 74.03  ? 58  LYS I CG  1 
ATOM 142  C CD  . LYS A 1 27  ? 3.534   15.674  -10.681 1.00 76.68  ? 58  LYS I CD  1 
ATOM 143  C CE  . LYS A 1 27  ? 2.926   16.341  -9.453  1.00 78.90  ? 58  LYS I CE  1 
ATOM 144  N NZ  . LYS A 1 27  ? 2.067   17.501  -9.810  1.00 82.10  ? 58  LYS I NZ  1 
ATOM 145  N N   . LEU A 1 28  ? 7.667   11.269  -11.403 1.00 62.68  ? 59  LEU I N   1 
ATOM 146  C CA  . LEU A 1 28  ? 8.126   10.311  -12.414 1.00 59.47  ? 59  LEU I CA  1 
ATOM 147  C C   . LEU A 1 28  ? 8.802   9.124   -11.772 1.00 57.16  ? 59  LEU I C   1 
ATOM 148  O O   . LEU A 1 28  ? 9.072   9.144   -10.575 1.00 63.45  ? 59  LEU I O   1 
ATOM 149  C CB  . LEU A 1 28  ? 9.130   10.976  -13.347 1.00 60.73  ? 59  LEU I CB  1 
ATOM 150  C CG  . LEU A 1 28  ? 8.877   12.405  -13.815 1.00 59.33  ? 59  LEU I CG  1 
ATOM 151  C CD1 . LEU A 1 28  ? 9.858   12.727  -14.929 1.00 60.69  ? 59  LEU I CD1 1 
ATOM 152  C CD2 . LEU A 1 28  ? 7.451   12.619  -14.283 1.00 60.35  ? 59  LEU I CD2 1 
ATOM 153  N N   . PHE A 1 29  ? 9.119   8.112   -12.571 1.00 50.38  ? 60  PHE I N   1 
ATOM 154  C CA  . PHE A 1 29  ? 9.649   6.874   -12.028 1.00 50.53  ? 60  PHE I CA  1 
ATOM 155  C C   . PHE A 1 29  ? 11.033  6.627   -12.514 1.00 48.35  ? 60  PHE I C   1 
ATOM 156  O O   . PHE A 1 29  ? 11.260  6.446   -13.705 1.00 49.99  ? 60  PHE I O   1 
ATOM 157  C CB  . PHE A 1 29  ? 8.759   5.696   -12.402 1.00 53.97  ? 60  PHE I CB  1 
ATOM 158  C CG  . PHE A 1 29  ? 7.387   5.829   -11.859 1.00 55.25  ? 60  PHE I CG  1 
ATOM 159  C CD1 . PHE A 1 29  ? 7.113   5.426   -10.574 1.00 54.81  ? 60  PHE I CD1 1 
ATOM 160  C CD2 . PHE A 1 29  ? 6.396   6.446   -12.597 1.00 55.54  ? 60  PHE I CD2 1 
ATOM 161  C CE1 . PHE A 1 29  ? 5.859   5.605   -10.041 1.00 54.08  ? 60  PHE I CE1 1 
ATOM 162  C CE2 . PHE A 1 29  ? 5.137   6.622   -12.070 1.00 54.15  ? 60  PHE I CE2 1 
ATOM 163  C CZ  . PHE A 1 29  ? 4.870   6.204   -10.790 1.00 52.48  ? 60  PHE I CZ  1 
ATOM 164  N N   . PHE A 1 30  ? 11.963  6.602   -11.584 1.00 45.46  ? 61  PHE I N   1 
ATOM 165  C CA  . PHE A 1 30  ? 13.327  6.353   -11.934 1.00 46.71  ? 61  PHE I CA  1 
ATOM 166  C C   . PHE A 1 30  ? 13.446  4.981   -12.547 1.00 50.60  ? 61  PHE I C   1 
ATOM 167  O O   . PHE A 1 30  ? 13.012  4.022   -11.936 1.00 52.73  ? 61  PHE I O   1 
ATOM 168  C CB  . PHE A 1 30  ? 14.188  6.416   -10.703 1.00 46.97  ? 61  PHE I CB  1 
ATOM 169  C CG  . PHE A 1 30  ? 15.609  6.062   -10.962 1.00 47.18  ? 61  PHE I CG  1 
ATOM 170  C CD1 . PHE A 1 30  ? 16.483  7.011   -11.464 1.00 45.99  ? 61  PHE I CD1 1 
ATOM 171  C CD2 . PHE A 1 30  ? 16.073  4.777   -10.723 1.00 44.87  ? 61  PHE I CD2 1 
ATOM 172  C CE1 . PHE A 1 30  ? 17.795  6.686   -11.699 1.00 43.51  ? 61  PHE I CE1 1 
ATOM 173  C CE2 . PHE A 1 30  ? 17.390  4.450   -10.961 1.00 42.68  ? 61  PHE I CE2 1 
ATOM 174  C CZ  . PHE A 1 30  ? 18.247  5.404   -11.449 1.00 42.34  ? 61  PHE I CZ  1 
ATOM 175  N N   . TYR A 1 31  ? 14.030  4.899   -13.749 1.00 56.24  ? 62  TYR I N   1 
ATOM 176  C CA  . TYR A 1 31  ? 14.299  3.621   -14.427 1.00 59.09  ? 62  TYR I CA  1 
ATOM 177  C C   . TYR A 1 31  ? 15.767  3.491   -14.850 1.00 55.13  ? 62  TYR I C   1 
ATOM 178  O O   . TYR A 1 31  ? 16.266  4.329   -15.577 1.00 55.63  ? 62  TYR I O   1 
ATOM 179  C CB  . TYR A 1 31  ? 13.389  3.464   -15.660 1.00 65.04  ? 62  TYR I CB  1 
ATOM 180  C CG  . TYR A 1 31  ? 13.713  2.231   -16.480 1.00 74.04  ? 62  TYR I CG  1 
ATOM 181  C CD1 . TYR A 1 31  ? 13.733  0.966   -15.883 1.00 80.01  ? 62  TYR I CD1 1 
ATOM 182  C CD2 . TYR A 1 31  ? 14.029  2.325   -17.836 1.00 77.11  ? 62  TYR I CD2 1 
ATOM 183  C CE1 . TYR A 1 31  ? 14.056  -0.169  -16.608 1.00 82.33  ? 62  TYR I CE1 1 
ATOM 184  C CE2 . TYR A 1 31  ? 14.350  1.192   -18.572 1.00 82.61  ? 62  TYR I CE2 1 
ATOM 185  C CZ  . TYR A 1 31  ? 14.360  -0.048  -17.947 1.00 86.14  ? 62  TYR I CZ  1 
ATOM 186  O OH  . TYR A 1 31  ? 14.675  -1.179  -18.651 1.00 93.96  ? 62  TYR I OH  1 
ATOM 187  N N   . LEU A 1 32  ? 16.443  2.428   -14.417 1.00 53.98  ? 63  LEU I N   1 
ATOM 188  C CA  . LEU A 1 32  ? 17.851  2.194   -14.775 1.00 55.53  ? 63  LEU I CA  1 
ATOM 189  C C   . LEU A 1 32  ? 18.024  1.331   -16.029 1.00 59.01  ? 63  LEU I C   1 
ATOM 190  O O   . LEU A 1 32  ? 17.205  0.463   -16.312 1.00 64.62  ? 63  LEU I O   1 
ATOM 191  C CB  . LEU A 1 32  ? 18.579  1.510   -13.624 1.00 56.04  ? 63  LEU I CB  1 
ATOM 192  C CG  . LEU A 1 32  ? 20.085  1.783   -13.604 1.00 60.01  ? 63  LEU I CG  1 
ATOM 193  C CD1 . LEU A 1 32  ? 20.345  3.125   -12.938 1.00 58.83  ? 63  LEU I CD1 1 
ATOM 194  C CD2 . LEU A 1 32  ? 20.870  0.666   -12.916 1.00 61.07  ? 63  LEU I CD2 1 
ATOM 195  N N   . ARG A 1 33  ? 19.096  1.564   -16.778 1.00 61.81  ? 64  ARG I N   1 
ATOM 196  C CA  . ARG A 1 33  ? 19.439  0.696   -17.897 1.00 65.34  ? 64  ARG I CA  1 
ATOM 197  C C   . ARG A 1 33  ? 20.882  0.878   -18.295 1.00 69.17  ? 64  ARG I C   1 
ATOM 198  O O   . ARG A 1 33  ? 21.528  1.819   -17.861 1.00 69.09  ? 64  ARG I O   1 
ATOM 199  C CB  . ARG A 1 33  ? 18.558  0.985   -19.106 1.00 68.22  ? 64  ARG I CB  1 
ATOM 200  C CG  . ARG A 1 33  ? 18.665  2.406   -19.629 1.00 70.16  ? 64  ARG I CG  1 
ATOM 201  C CD  . ARG A 1 33  ? 18.271  2.504   -21.094 1.00 71.72  ? 64  ARG I CD  1 
ATOM 202  N NE  . ARG A 1 33  ? 18.592  3.831   -21.618 1.00 77.64  ? 64  ARG I NE  1 
ATOM 203  C CZ  . ARG A 1 33  ? 19.785  4.211   -22.093 1.00 81.14  ? 64  ARG I CZ  1 
ATOM 204  N NH1 . ARG A 1 33  ? 20.821  3.364   -22.139 1.00 79.19  ? 64  ARG I NH1 1 
ATOM 205  N NH2 . ARG A 1 33  ? 19.943  5.457   -22.533 1.00 78.20  ? 64  ARG I NH2 1 
ATOM 206  N N   . ARG A 1 34  ? 21.371  -0.018  -19.143 1.00 77.09  ? 65  ARG I N   1 
ATOM 207  C CA  . ARG A 1 34  ? 22.731  0.067   -19.646 1.00 80.68  ? 65  ARG I CA  1 
ATOM 208  C C   . ARG A 1 34  ? 22.889  1.165   -20.720 1.00 84.22  ? 65  ARG I C   1 
ATOM 209  O O   . ARG A 1 34  ? 22.195  1.153   -21.736 1.00 85.59  ? 65  ARG I O   1 
ATOM 210  C CB  . ARG A 1 34  ? 23.154  -1.291  -20.220 1.00 79.15  ? 65  ARG I CB  1 
ATOM 211  N N   . GLU A 1 35  ? 23.766  2.137   -20.459 1.00 86.29  ? 66  GLU I N   1 
ATOM 212  C CA  . GLU A 1 35  ? 24.466  2.885   -21.523 1.00 86.51  ? 66  GLU I CA  1 
ATOM 213  C C   . GLU A 1 35  ? 25.971  2.700   -21.311 1.00 85.82  ? 66  GLU I C   1 
ATOM 214  O O   . GLU A 1 35  ? 26.520  3.077   -20.271 1.00 90.15  ? 66  GLU I O   1 
ATOM 215  C CB  . GLU A 1 35  ? 24.136  4.375   -21.543 1.00 85.63  ? 66  GLU I CB  1 
ATOM 216  C CG  . GLU A 1 35  ? 25.105  5.170   -22.420 1.00 87.22  ? 66  GLU I CG  1 
ATOM 217  C CD  . GLU A 1 35  ? 24.491  6.363   -23.133 1.00 90.95  ? 66  GLU I CD  1 
ATOM 218  O OE1 . GLU A 1 35  ? 23.248  6.475   -23.201 1.00 90.39  ? 66  GLU I OE1 1 
ATOM 219  O OE2 . GLU A 1 35  ? 25.272  7.188   -23.656 1.00 94.61  ? 66  GLU I OE2 1 
ATOM 220  N N   . GLY A 1 36  ? 26.638  2.131   -22.308 1.00 82.42  ? 67  GLY I N   1 
ATOM 221  C CA  . GLY A 1 36  ? 27.962  1.585   -22.098 1.00 79.15  ? 67  GLY I CA  1 
ATOM 222  C C   . GLY A 1 36  ? 27.841  0.467   -21.082 1.00 77.11  ? 67  GLY I C   1 
ATOM 223  O O   . GLY A 1 36  ? 26.737  -0.007  -20.788 1.00 75.33  ? 67  GLY I O   1 
ATOM 224  N N   . MET A 1 37  ? 28.972  0.038   -20.535 1.00 75.63  ? 68  MET I N   1 
ATOM 225  C CA  . MET A 1 37  ? 28.932  -0.940  -19.466 1.00 72.04  ? 68  MET I CA  1 
ATOM 226  C C   . MET A 1 37  ? 28.279  -0.280  -18.260 1.00 70.35  ? 68  MET I C   1 
ATOM 227  O O   . MET A 1 37  ? 27.714  -0.975  -17.418 1.00 74.30  ? 68  MET I O   1 
ATOM 228  C CB  . MET A 1 37  ? 30.323  -1.499  -19.158 1.00 70.33  ? 68  MET I CB  1 
ATOM 229  C CG  . MET A 1 37  ? 30.696  -2.672  -20.061 1.00 69.21  ? 68  MET I CG  1 
ATOM 230  S SD  . MET A 1 37  ? 32.446  -3.141  -20.036 1.00 70.34  ? 68  MET I SD  1 
ATOM 231  C CE  . MET A 1 37  ? 33.185  -1.737  -20.849 1.00 69.39  ? 68  MET I CE  1 
ATOM 232  N N   . ARG A 1 38  ? 28.318  1.059   -18.221 1.00 67.38  ? 69  ARG I N   1 
ATOM 233  C CA  . ARG A 1 38  ? 27.650  1.861   -17.179 1.00 62.22  ? 69  ARG I CA  1 
ATOM 234  C C   . ARG A 1 38  ? 26.137  1.606   -17.096 1.00 58.43  ? 69  ARG I C   1 
ATOM 235  O O   . ARG A 1 38  ? 25.551  0.918   -17.933 1.00 57.70  ? 69  ARG I O   1 
ATOM 236  C CB  . ARG A 1 38  ? 27.925  3.369   -17.381 1.00 56.16  ? 69  ARG I CB  1 
ATOM 237  N N   . GLN A 1 39  ? 25.531  2.149   -16.049 1.00 58.27  ? 70  GLN I N   1 
ATOM 238  C CA  . GLN A 1 39  ? 24.096  2.140   -15.889 1.00 59.65  ? 70  GLN I CA  1 
ATOM 239  C C   . GLN A 1 39  ? 23.664  3.592   -16.000 1.00 58.11  ? 70  GLN I C   1 
ATOM 240  O O   . GLN A 1 39  ? 24.109  4.432   -15.215 1.00 57.63  ? 70  GLN I O   1 
ATOM 241  C CB  . GLN A 1 39  ? 23.648  1.564   -14.534 1.00 65.94  ? 70  GLN I CB  1 
ATOM 242  C CG  . GLN A 1 39  ? 24.691  0.805   -13.712 1.00 71.37  ? 70  GLN I CG  1 
ATOM 243  C CD  . GLN A 1 39  ? 25.618  1.723   -12.921 1.00 72.93  ? 70  GLN I CD  1 
ATOM 244  O OE1 . GLN A 1 39  ? 26.668  2.146   -13.418 1.00 69.18  ? 70  GLN I OE1 1 
ATOM 245  N NE2 . GLN A 1 39  ? 25.237  2.028   -11.682 1.00 74.37  ? 70  GLN I NE2 1 
ATOM 246  N N   . TYR A 1 40  ? 22.830  3.871   -17.000 1.00 56.92  ? 71  TYR I N   1 
ATOM 247  C CA  . TYR A 1 40  ? 22.189  5.164   -17.201 1.00 53.35  ? 71  TYR I CA  1 
ATOM 248  C C   . TYR A 1 40  ? 20.845  5.103   -16.544 1.00 50.45  ? 71  TYR I C   1 
ATOM 249  O O   . TYR A 1 40  ? 20.209  4.057   -16.555 1.00 51.24  ? 71  TYR I O   1 
ATOM 250  C CB  . TYR A 1 40  ? 21.935  5.403   -18.676 1.00 55.88  ? 71  TYR I CB  1 
ATOM 251  C CG  . TYR A 1 40  ? 22.296  6.780   -19.126 1.00 61.21  ? 71  TYR I CG  1 
ATOM 252  C CD1 . TYR A 1 40  ? 23.629  7.114   -19.374 1.00 64.22  ? 71  TYR I CD1 1 
ATOM 253  C CD2 . TYR A 1 40  ? 21.324  7.752   -19.321 1.00 62.07  ? 71  TYR I CD2 1 
ATOM 254  C CE1 . TYR A 1 40  ? 23.985  8.380   -19.805 1.00 65.68  ? 71  TYR I CE1 1 
ATOM 255  C CE2 . TYR A 1 40  ? 21.669  9.032   -19.746 1.00 62.88  ? 71  TYR I CE2 1 
ATOM 256  C CZ  . TYR A 1 40  ? 22.999  9.338   -19.989 1.00 65.14  ? 71  TYR I CZ  1 
ATOM 257  O OH  . TYR A 1 40  ? 23.359  10.595  -20.417 1.00 66.10  ? 71  TYR I OH  1 
ATOM 258  N N   . GLY A 1 41  ? 20.390  6.227   -16.014 1.00 47.97  ? 72  GLY I N   1 
ATOM 259  C CA  . GLY A 1 41  ? 19.101  6.284   -15.336 1.00 45.35  ? 72  GLY I CA  1 
ATOM 260  C C   . GLY A 1 41  ? 18.157  7.251   -15.998 1.00 44.14  ? 72  GLY I C   1 
ATOM 261  O O   . GLY A 1 41  ? 18.548  8.366   -16.301 1.00 41.48  ? 72  GLY I O   1 
ATOM 262  N N   . GLU A 1 42  ? 16.911  6.824   -16.207 1.00 48.79  ? 73  GLU I N   1 
ATOM 263  C CA  . GLU A 1 42  ? 15.856  7.660   -16.829 1.00 52.29  ? 73  GLU I CA  1 
ATOM 264  C C   . GLU A 1 42  ? 14.757  8.080   -15.827 1.00 50.41  ? 73  GLU I C   1 
ATOM 265  O O   . GLU A 1 42  ? 14.821  7.723   -14.647 1.00 56.15  ? 73  GLU I O   1 
ATOM 266  C CB  . GLU A 1 42  ? 15.246  6.933   -18.026 1.00 55.45  ? 73  GLU I CB  1 
ATOM 267  C CG  . GLU A 1 42  ? 16.299  6.374   -18.967 1.00 62.38  ? 73  GLU I CG  1 
ATOM 268  C CD  . GLU A 1 42  ? 15.723  5.797   -20.247 1.00 70.53  ? 73  GLU I CD  1 
ATOM 269  O OE1 . GLU A 1 42  ? 14.829  6.438   -20.840 1.00 74.37  ? 73  GLU I OE1 1 
ATOM 270  O OE2 . GLU A 1 42  ? 16.179  4.705   -20.672 1.00 80.19  ? 73  GLU I OE2 1 
ATOM 271  N N   . CYS A 1 43  ? 13.796  8.885   -16.277 1.00 45.07  ? 74  CYS I N   1 
ATOM 272  C CA  . CYS A 1 43  ? 12.697  9.306   -15.422 1.00 45.16  ? 74  CYS I CA  1 
ATOM 273  C C   . CYS A 1 43  ? 11.446  9.231   -16.237 1.00 47.93  ? 74  CYS I C   1 
ATOM 274  O O   . CYS A 1 43  ? 11.252  10.026  -17.138 1.00 46.83  ? 74  CYS I O   1 
ATOM 275  C CB  . CYS A 1 43  ? 12.911  10.712  -14.883 1.00 45.04  ? 74  CYS I CB  1 
ATOM 276  S SG  . CYS A 1 43  ? 14.429  10.838  -13.928 1.00 48.02  ? 74  CYS I SG  1 
ATOM 277  N N   . LEU A 1 44  ? 10.598  8.262   -15.909 1.00 53.96  ? 75  LEU I N   1 
ATOM 278  C CA  . LEU A 1 44  ? 9.507   7.850   -16.779 1.00 55.18  ? 75  LEU I CA  1 
ATOM 279  C C   . LEU A 1 44  ? 8.159   8.318   -16.310 1.00 57.77  ? 75  LEU I C   1 
ATOM 280  O O   . LEU A 1 44  ? 7.991   8.665   -15.141 1.00 61.08  ? 75  LEU I O   1 
ATOM 281  C CB  . LEU A 1 44  ? 9.480   6.338   -16.870 1.00 55.77  ? 75  LEU I CB  1 
ATOM 282  C CG  . LEU A 1 44  ? 10.328  5.836   -18.024 1.00 57.69  ? 75  LEU I CG  1 
ATOM 283  C CD1 . LEU A 1 44  ? 10.702  4.377   -17.816 1.00 58.59  ? 75  LEU I CD1 1 
ATOM 284  C CD2 . LEU A 1 44  ? 9.577   6.046   -19.338 1.00 60.29  ? 75  LEU I CD2 1 
ATOM 285  N N   . GLN A 1 45  ? 7.199   8.287   -17.231 1.00 60.75  ? 76  GLN I N   1 
ATOM 286  C CA  . GLN A 1 45  ? 5.831   8.701   -16.944 1.00 66.70  ? 76  GLN I CA  1 
ATOM 287  C C   . GLN A 1 45  ? 5.219   7.620   -16.083 1.00 62.81  ? 76  GLN I C   1 
ATOM 288  O O   . GLN A 1 45  ? 4.785   7.867   -14.962 1.00 61.90  ? 76  GLN I O   1 
ATOM 289  C CB  . GLN A 1 45  ? 5.000   8.889   -18.225 1.00 76.59  ? 76  GLN I CB  1 
ATOM 290  C CG  . GLN A 1 45  ? 5.729   9.532   -19.403 1.00 86.11  ? 76  GLN I CG  1 
ATOM 291  C CD  . GLN A 1 45  ? 6.268   8.513   -20.400 1.00 95.14  ? 76  GLN I CD  1 
ATOM 292  O OE1 . GLN A 1 45  ? 7.014   7.598   -20.034 1.00 96.87  ? 76  GLN I OE1 1 
ATOM 293  N NE2 . GLN A 1 45  ? 5.893   8.670   -21.671 1.00 99.21  ? 76  GLN I NE2 1 
ATOM 294  N N   . SER A 1 46  ? 5.204   6.415   -16.627 1.00 61.02  ? 77  SER I N   1 
ATOM 295  C CA  . SER A 1 46  ? 4.821   5.234   -15.897 1.00 63.59  ? 77  SER I CA  1 
ATOM 296  C C   . SER A 1 46  ? 5.903   4.230   -16.207 1.00 64.66  ? 77  SER I C   1 
ATOM 297  O O   . SER A 1 46  ? 6.801   4.512   -16.988 1.00 68.01  ? 77  SER I O   1 
ATOM 298  C CB  . SER A 1 46  ? 3.472   4.708   -16.381 1.00 64.48  ? 77  SER I CB  1 
ATOM 299  O OG  . SER A 1 46  ? 3.640   3.943   -17.565 1.00 63.67  ? 77  SER I OG  1 
ATOM 300  N N   . CYS A 1 47  ? 5.816   3.053   -15.617 1.00 67.37  ? 78  CYS I N   1 
ATOM 301  C CA  . CYS A 1 47  ? 6.844   2.060   -15.835 1.00 71.83  ? 78  CYS I CA  1 
ATOM 302  C C   . CYS A 1 47  ? 6.625   1.340   -17.175 1.00 70.28  ? 78  CYS I C   1 
ATOM 303  O O   . CYS A 1 47  ? 5.580   1.486   -17.796 1.00 67.26  ? 78  CYS I O   1 
ATOM 304  C CB  . CYS A 1 47  ? 6.906   1.094   -14.643 1.00 74.74  ? 78  CYS I CB  1 
ATOM 305  S SG  . CYS A 1 47  ? 7.603   1.847   -13.142 1.00 81.29  ? 78  CYS I SG  1 
ATOM 306  N N   . PRO A 1 48  ? 7.635   0.597   -17.640 1.00 72.29  ? 79  PRO I N   1 
ATOM 307  C CA  . PRO A 1 48  ? 7.544   -0.227  -18.836 1.00 74.50  ? 79  PRO I CA  1 
ATOM 308  C C   . PRO A 1 48  ? 6.645   -1.447  -18.637 1.00 75.75  ? 79  PRO I C   1 
ATOM 309  O O   . PRO A 1 48  ? 5.747   -1.415  -17.801 1.00 75.51  ? 79  PRO I O   1 
ATOM 310  C CB  . PRO A 1 48  ? 8.998   -0.660  -19.065 1.00 78.42  ? 79  PRO I CB  1 
ATOM 311  C CG  . PRO A 1 48  ? 9.828   0.325   -18.343 1.00 80.66  ? 79  PRO I CG  1 
ATOM 312  C CD  . PRO A 1 48  ? 9.018   0.683   -17.145 1.00 78.28  ? 79  PRO I CD  1 
ATOM 313  N N   . PRO A 1 49  ? 6.864   -2.508  -19.432 1.00 78.62  ? 80  PRO I N   1 
ATOM 314  C CA  . PRO A 1 49  ? 6.180   -3.777  -19.219 1.00 81.13  ? 80  PRO I CA  1 
ATOM 315  C C   . PRO A 1 49  ? 7.029   -4.788  -18.453 1.00 79.48  ? 80  PRO I C   1 
ATOM 316  O O   . PRO A 1 49  ? 8.223   -4.934  -18.726 1.00 80.28  ? 80  PRO I O   1 
ATOM 317  C CB  . PRO A 1 49  ? 5.961   -4.283  -20.643 1.00 82.95  ? 80  PRO I CB  1 
ATOM 318  C CG  . PRO A 1 49  ? 7.147   -3.790  -21.386 1.00 81.55  ? 80  PRO I CG  1 
ATOM 319  C CD  . PRO A 1 49  ? 7.534   -2.482  -20.747 1.00 81.09  ? 80  PRO I CD  1 
ATOM 320  N N   . GLY A 1 50  ? 6.399   -5.510  -17.533 1.00 72.88  ? 81  GLY I N   1 
ATOM 321  C CA  . GLY A 1 50  ? 7.123   -6.403  -16.646 1.00 70.13  ? 81  GLY I CA  1 
ATOM 322  C C   . GLY A 1 50  ? 7.757   -5.635  -15.497 1.00 68.43  ? 81  GLY I C   1 
ATOM 323  O O   . GLY A 1 50  ? 8.568   -6.196  -14.749 1.00 66.15  ? 81  GLY I O   1 
ATOM 324  N N   . TYR A 1 51  ? 7.382   -4.356  -15.355 1.00 63.99  ? 82  TYR I N   1 
ATOM 325  C CA  . TYR A 1 51  ? 7.920   -3.477  -14.314 1.00 61.57  ? 82  TYR I CA  1 
ATOM 326  C C   . TYR A 1 51  ? 6.757   -2.902  -13.539 1.00 58.59  ? 82  TYR I C   1 
ATOM 327  O O   . TYR A 1 51  ? 5.707   -2.605  -14.124 1.00 61.45  ? 82  TYR I O   1 
ATOM 328  C CB  . TYR A 1 51  ? 8.808   -2.354  -14.910 1.00 64.00  ? 82  TYR I CB  1 
ATOM 329  C CG  . TYR A 1 51  ? 10.180  -2.870  -15.286 1.00 63.98  ? 82  TYR I CG  1 
ATOM 330  C CD1 . TYR A 1 51  ? 11.181  -2.981  -14.339 1.00 64.50  ? 82  TYR I CD1 1 
ATOM 331  C CD2 . TYR A 1 51  ? 10.450  -3.315  -16.573 1.00 65.53  ? 82  TYR I CD2 1 
ATOM 332  C CE1 . TYR A 1 51  ? 12.420  -3.509  -14.658 1.00 65.70  ? 82  TYR I CE1 1 
ATOM 333  C CE2 . TYR A 1 51  ? 11.686  -3.844  -16.905 1.00 65.21  ? 82  TYR I CE2 1 
ATOM 334  C CZ  . TYR A 1 51  ? 12.665  -3.939  -15.946 1.00 64.09  ? 82  TYR I CZ  1 
ATOM 335  O OH  . TYR A 1 51  ? 13.884  -4.459  -16.287 1.00 60.64  ? 82  TYR I OH  1 
ATOM 336  N N   . TYR A 1 52  ? 6.936   -2.762  -12.227 1.00 52.55  ? 83  TYR I N   1 
ATOM 337  C CA  . TYR A 1 52  ? 5.891   -2.207  -11.374 1.00 47.85  ? 83  TYR I CA  1 
ATOM 338  C C   . TYR A 1 52  ? 6.378   -0.968  -10.634 1.00 52.36  ? 83  TYR I C   1 
ATOM 339  O O   . TYR A 1 52  ? 7.578   -0.799  -10.371 1.00 50.12  ? 83  TYR I O   1 
ATOM 340  C CB  . TYR A 1 52  ? 5.325   -3.271  -10.405 1.00 43.79  ? 83  TYR I CB  1 
ATOM 341  C CG  . TYR A 1 52  ? 6.301   -3.867  -9.403  1.00 37.40  ? 83  TYR I CG  1 
ATOM 342  C CD1 . TYR A 1 52  ? 7.156   -4.883  -9.753  1.00 36.04  ? 83  TYR I CD1 1 
ATOM 343  C CD2 . TYR A 1 52  ? 6.331   -3.426  -8.099  1.00 34.15  ? 83  TYR I CD2 1 
ATOM 344  C CE1 . TYR A 1 52  ? 8.040   -5.413  -8.832  1.00 34.72  ? 83  TYR I CE1 1 
ATOM 345  C CE2 . TYR A 1 52  ? 7.205   -3.948  -7.178  1.00 31.71  ? 83  TYR I CE2 1 
ATOM 346  C CZ  . TYR A 1 52  ? 8.058   -4.936  -7.550  1.00 31.98  ? 83  TYR I CZ  1 
ATOM 347  O OH  . TYR A 1 52  ? 8.927   -5.451  -6.628  1.00 30.92  ? 83  TYR I OH  1 
ATOM 348  N N   . GLY A 1 53  ? 5.425   -0.094  -10.314 1.00 58.13  ? 84  GLY I N   1 
ATOM 349  C CA  . GLY A 1 53  ? 5.714   1.148   -9.597  1.00 58.96  ? 84  GLY I CA  1 
ATOM 350  C C   . GLY A 1 53  ? 6.127   0.940   -8.151  1.00 56.15  ? 84  GLY I C   1 
ATOM 351  O O   . GLY A 1 53  ? 5.627   0.048   -7.479  1.00 56.37  ? 84  GLY I O   1 
ATOM 352  N N   . VAL A 1 54  ? 7.024   1.783   -7.659  1.00 54.72  ? 85  VAL I N   1 
ATOM 353  C CA  . VAL A 1 54  ? 7.533   1.640   -6.312  1.00 55.22  ? 85  VAL I CA  1 
ATOM 354  C C   . VAL A 1 54  ? 7.685   2.999   -5.656  1.00 57.17  ? 85  VAL I C   1 
ATOM 355  O O   . VAL A 1 54  ? 8.665   3.686   -5.909  1.00 60.33  ? 85  VAL I O   1 
ATOM 356  C CB  . VAL A 1 54  ? 8.899   0.946   -6.341  1.00 55.89  ? 85  VAL I CB  1 
ATOM 357  C CG1 . VAL A 1 54  ? 9.453   0.760   -4.935  1.00 56.74  ? 85  VAL I CG1 1 
ATOM 358  C CG2 . VAL A 1 54  ? 8.792   -0.383  -7.075  1.00 56.61  ? 85  VAL I CG2 1 
ATOM 359  N N   . ARG A 1 55  ? 6.729   3.372   -4.806  1.00 57.48  ? 86  ARG I N   1 
ATOM 360  C CA  . ARG A 1 55  ? 6.755   4.673   -4.153  1.00 59.66  ? 86  ARG I CA  1 
ATOM 361  C C   . ARG A 1 55  ? 7.841   4.754   -3.077  1.00 61.16  ? 86  ARG I C   1 
ATOM 362  O O   . ARG A 1 55  ? 7.650   4.294   -1.956  1.00 61.46  ? 86  ARG I O   1 
ATOM 363  C CB  . ARG A 1 55  ? 5.386   4.993   -3.547  1.00 64.40  ? 86  ARG I CB  1 
ATOM 364  C CG  . ARG A 1 55  ? 5.291   6.417   -3.001  1.00 74.22  ? 86  ARG I CG  1 
ATOM 365  C CD  . ARG A 1 55  ? 3.925   6.780   -2.405  1.00 80.09  ? 86  ARG I CD  1 
ATOM 366  N NE  . ARG A 1 55  ? 3.673   8.228   -2.468  1.00 81.98  ? 86  ARG I NE  1 
ATOM 367  C CZ  . ARG A 1 55  ? 3.235   8.884   -3.553  1.00 90.74  ? 86  ARG I CZ  1 
ATOM 368  N NH1 . ARG A 1 55  ? 2.971   8.248   -4.696  1.00 89.37  ? 86  ARG I NH1 1 
ATOM 369  N NH2 . ARG A 1 55  ? 3.056   10.199  -3.503  1.00 97.24  ? 86  ARG I NH2 1 
ATOM 370  N N   . GLY A 1 56  ? 8.983   5.351   -3.410  1.00 63.75  ? 87  GLY I N   1 
ATOM 371  C CA  . GLY A 1 56  ? 10.024  5.598   -2.410  1.00 62.58  ? 87  GLY I CA  1 
ATOM 372  C C   . GLY A 1 56  ? 9.709   6.851   -1.615  1.00 60.58  ? 87  GLY I C   1 
ATOM 373  O O   . GLY A 1 56  ? 8.743   7.556   -1.913  1.00 61.13  ? 87  GLY I O   1 
ATOM 374  N N   . PRO A 1 57  ? 10.513  7.131   -0.583  1.00 58.63  ? 88  PRO I N   1 
ATOM 375  C CA  . PRO A 1 57  ? 10.396  8.389   0.141   1.00 58.97  ? 88  PRO I CA  1 
ATOM 376  C C   . PRO A 1 57  ? 11.128  9.528   -0.593  1.00 60.73  ? 88  PRO I C   1 
ATOM 377  O O   . PRO A 1 57  ? 10.657  10.672  -0.600  1.00 59.46  ? 88  PRO I O   1 
ATOM 378  C CB  . PRO A 1 57  ? 11.042  8.072   1.489   1.00 56.74  ? 88  PRO I CB  1 
ATOM 379  C CG  . PRO A 1 57  ? 12.048  7.017   1.185   1.00 57.50  ? 88  PRO I CG  1 
ATOM 380  C CD  . PRO A 1 57  ? 11.579  6.273   -0.037  1.00 57.97  ? 88  PRO I CD  1 
ATOM 381  N N   . ASP A 1 58  ? 12.263  9.215   -1.212  1.00 62.91  ? 89  ASP I N   1 
ATOM 382  C CA  . ASP A 1 58  ? 12.970  10.186  -2.041  1.00 66.94  ? 89  ASP I CA  1 
ATOM 383  C C   . ASP A 1 58  ? 12.331  10.294  -3.411  1.00 66.22  ? 89  ASP I C   1 
ATOM 384  O O   . ASP A 1 58  ? 12.154  11.390  -3.929  1.00 65.49  ? 89  ASP I O   1 
ATOM 385  C CB  . ASP A 1 58  ? 14.463  9.822   -2.186  1.00 72.19  ? 89  ASP I CB  1 
ATOM 386  C CG  . ASP A 1 58  ? 14.705  8.472   -2.889  1.00 73.56  ? 89  ASP I CG  1 
ATOM 387  O OD1 . ASP A 1 58  ? 13.897  7.516   -2.707  1.00 74.03  ? 89  ASP I OD1 1 
ATOM 388  O OD2 . ASP A 1 58  ? 15.732  8.379   -3.612  1.00 67.96  ? 89  ASP I OD2 1 
ATOM 389  N N   . MET A 1 59  ? 11.973  9.144   -3.973  1.00 68.95  ? 90  MET I N   1 
ATOM 390  C CA  . MET A 1 59  ? 11.615  9.024   -5.384  1.00 68.75  ? 90  MET I CA  1 
ATOM 391  C C   . MET A 1 59  ? 10.911  7.688   -5.624  1.00 63.20  ? 90  MET I C   1 
ATOM 392  O O   . MET A 1 59  ? 11.106  6.729   -4.865  1.00 62.68  ? 90  MET I O   1 
ATOM 393  C CB  . MET A 1 59  ? 12.881  9.134   -6.279  1.00 71.04  ? 90  MET I CB  1 
ATOM 394  C CG  . MET A 1 59  ? 13.744  7.863   -6.376  1.00 76.09  ? 90  MET I CG  1 
ATOM 395  S SD  . MET A 1 59  ? 15.399  8.027   -7.116  1.00 72.20  ? 90  MET I SD  1 
ATOM 396  C CE  . MET A 1 59  ? 15.003  9.084   -8.485  1.00 72.73  ? 90  MET I CE  1 
ATOM 397  N N   . ASN A 1 60  ? 10.107  7.638   -6.683  1.00 57.60  ? 91  ASN I N   1 
ATOM 398  C CA  . ASN A 1 60  ? 9.497   6.389   -7.134  1.00 55.61  ? 91  ASN I CA  1 
ATOM 399  C C   . ASN A 1 60  ? 10.357  5.787   -8.191  1.00 53.06  ? 91  ASN I C   1 
ATOM 400  O O   . ASN A 1 60  ? 10.956  6.501   -8.983  1.00 53.65  ? 91  ASN I O   1 
ATOM 401  C CB  . ASN A 1 60  ? 8.132   6.597   -7.767  1.00 55.32  ? 91  ASN I CB  1 
ATOM 402  C CG  . ASN A 1 60  ? 7.310   7.611   -7.049  1.00 57.38  ? 91  ASN I CG  1 
ATOM 403  O OD1 . ASN A 1 60  ? 7.343   7.712   -5.820  1.00 63.43  ? 91  ASN I OD1 1 
ATOM 404  N ND2 . ASN A 1 60  ? 6.574   8.393   -7.811  1.00 59.04  ? 91  ASN I ND2 1 
ATOM 405  N N   . ARG A 1 61  ? 10.376  4.472   -8.254  1.00 50.49  ? 92  ARG I N   1 
ATOM 406  C CA  . ARG A 1 61  ? 11.232  3.840   -9.209  1.00 52.40  ? 92  ARG I CA  1 
ATOM 407  C C   . ARG A 1 61  ? 10.552  2.636   -9.800  1.00 53.54  ? 92  ARG I C   1 
ATOM 408  O O   . ARG A 1 61  ? 9.548   2.185   -9.270  1.00 58.63  ? 92  ARG I O   1 
ATOM 409  C CB  . ARG A 1 61  ? 12.527  3.486   -8.536  1.00 52.69  ? 92  ARG I CB  1 
ATOM 410  C CG  . ARG A 1 61  ? 12.344  2.501   -7.420  1.00 56.63  ? 92  ARG I CG  1 
ATOM 411  C CD  . ARG A 1 61  ? 13.441  2.609   -6.381  1.00 58.21  ? 92  ARG I CD  1 
ATOM 412  N NE  . ARG A 1 61  ? 13.707  1.304   -5.799  1.00 59.29  ? 92  ARG I NE  1 
ATOM 413  C CZ  . ARG A 1 61  ? 14.490  1.104   -4.751  1.00 66.14  ? 92  ARG I CZ  1 
ATOM 414  N NH1 . ARG A 1 61  ? 15.083  2.136   -4.155  1.00 66.75  ? 92  ARG I NH1 1 
ATOM 415  N NH2 . ARG A 1 61  ? 14.682  -0.137  -4.299  1.00 70.49  ? 92  ARG I NH2 1 
ATOM 416  N N   . CYS A 1 62  ? 11.072  2.159   -10.927 1.00 53.36  ? 93  CYS I N   1 
ATOM 417  C CA  . CYS A 1 62  ? 10.515  1.009   -11.617 1.00 55.00  ? 93  CYS I CA  1 
ATOM 418  C C   . CYS A 1 62  ? 11.259  -0.239  -11.216 1.00 53.09  ? 93  CYS I C   1 
ATOM 419  O O   . CYS A 1 62  ? 12.458  -0.197  -10.997 1.00 54.66  ? 93  CYS I O   1 
ATOM 420  C CB  . CYS A 1 62  ? 10.586  1.210   -13.123 1.00 59.24  ? 93  CYS I CB  1 
ATOM 421  S SG  . CYS A 1 62  ? 9.484   2.527   -13.668 1.00 69.36  ? 93  CYS I SG  1 
ATOM 422  N N   . SER A 1 63  ? 10.547  -1.347  -11.080 1.00 52.84  ? 94  SER I N   1 
ATOM 423  C CA  . SER A 1 63  ? 11.188  -2.583  -10.690 1.00 54.65  ? 94  SER I CA  1 
ATOM 424  C C   . SER A 1 63  ? 10.565  -3.753  -11.380 1.00 56.52  ? 94  SER I C   1 
ATOM 425  O O   . SER A 1 63  ? 9.350   -3.814  -11.554 1.00 52.25  ? 94  SER I O   1 
ATOM 426  C CB  . SER A 1 63  ? 11.154  -2.785  -9.184  1.00 55.45  ? 94  SER I CB  1 
ATOM 427  O OG  . SER A 1 63  ? 12.374  -2.347  -8.617  1.00 58.44  ? 94  SER I OG  1 
ATOM 428  N N   . ARG A 1 64  ? 11.441  -4.661  -11.793 1.00 61.63  ? 95  ARG I N   1 
ATOM 429  C CA  . ARG A 1 64  ? 11.073  -5.815  -12.580 1.00 66.88  ? 95  ARG I CA  1 
ATOM 430  C C   . ARG A 1 64  ? 10.148  -6.668  -11.737 1.00 65.02  ? 95  ARG I C   1 
ATOM 431  O O   . ARG A 1 64  ? 10.465  -6.958  -10.593 1.00 67.92  ? 95  ARG I O   1 
ATOM 432  C CB  . ARG A 1 64  ? 12.343  -6.583  -12.975 1.00 74.48  ? 95  ARG I CB  1 
ATOM 433  C CG  . ARG A 1 64  ? 12.136  -7.892  -13.727 1.00 84.20  ? 95  ARG I CG  1 
ATOM 434  C CD  . ARG A 1 64  ? 13.380  -8.291  -14.518 1.00 91.11  ? 95  ARG I CD  1 
ATOM 435  N NE  . ARG A 1 64  ? 13.341  -7.777  -15.893 1.00 101.12 ? 95  ARG I NE  1 
ATOM 436  C CZ  . ARG A 1 64  ? 13.149  -8.509  -16.999 1.00 109.45 ? 95  ARG I CZ  1 
ATOM 437  N NH1 . ARG A 1 64  ? 12.989  -9.837  -16.952 1.00 110.22 ? 95  ARG I NH1 1 
ATOM 438  N NH2 . ARG A 1 64  ? 13.128  -7.899  -18.182 1.00 109.67 ? 95  ARG I NH2 1 
ATOM 439  N N   . CYS A 1 65  ? 8.989   -7.025  -12.279 1.00 61.67  ? 96  CYS I N   1 
ATOM 440  C CA  . CYS A 1 65  ? 8.113   -7.986  -11.639 1.00 60.68  ? 96  CYS I CA  1 
ATOM 441  C C   . CYS A 1 65  ? 8.685   -9.407  -11.818 1.00 58.20  ? 96  CYS I C   1 
ATOM 442  O O   . CYS A 1 65  ? 9.055   -9.799  -12.914 1.00 59.03  ? 96  CYS I O   1 
ATOM 443  C CB  . CYS A 1 65  ? 6.709   -7.857  -12.217 1.00 63.94  ? 96  CYS I CB  1 
ATOM 444  S SG  . CYS A 1 65  ? 5.502   -9.000  -11.507 1.00 72.88  ? 96  CYS I SG  1 
ATOM 445  N N   . ARG A 1 66  ? 8.776   -10.156 -10.724 1.00 57.77  ? 97  ARG I N   1 
ATOM 446  C CA  . ARG A 1 66  ? 9.454   -11.458 -10.688 1.00 58.26  ? 97  ARG I CA  1 
ATOM 447  C C   . ARG A 1 66  ? 8.534   -12.575 -10.193 1.00 56.89  ? 97  ARG I C   1 
ATOM 448  O O   . ARG A 1 66  ? 9.006   -13.560 -9.622  1.00 55.61  ? 97  ARG I O   1 
ATOM 449  C CB  . ARG A 1 66  ? 10.652  -11.408 -9.728  1.00 61.59  ? 97  ARG I CB  1 
ATOM 450  C CG  . ARG A 1 66  ? 11.857  -10.586 -10.156 1.00 65.15  ? 97  ARG I CG  1 
ATOM 451  C CD  . ARG A 1 66  ? 12.867  -10.509 -9.006  1.00 67.78  ? 97  ARG I CD  1 
ATOM 452  N NE  . ARG A 1 66  ? 14.230  -10.835 -9.433  1.00 70.56  ? 97  ARG I NE  1 
ATOM 453  C CZ  . ARG A 1 66  ? 15.098  -9.975  -9.966  1.00 68.94  ? 97  ARG I CZ  1 
ATOM 454  N NH1 . ARG A 1 66  ? 14.773  -8.701  -10.140 1.00 67.10  ? 97  ARG I NH1 1 
ATOM 455  N NH2 . ARG A 1 66  ? 16.304  -10.397 -10.331 1.00 69.43  ? 97  ARG I NH2 1 
ATOM 456  N N   . ILE A 1 67  ? 7.231   -12.418 -10.376 1.00 58.21  ? 98  ILE I N   1 
ATOM 457  C CA  . ILE A 1 67  ? 6.266   -13.456 -10.002 1.00 62.80  ? 98  ILE I CA  1 
ATOM 458  C C   . ILE A 1 67  ? 5.908   -14.270 -11.254 1.00 62.65  ? 98  ILE I C   1 
ATOM 459  O O   . ILE A 1 67  ? 5.714   -13.712 -12.339 1.00 66.93  ? 98  ILE I O   1 
ATOM 460  C CB  . ILE A 1 67  ? 4.972   -12.861 -9.372  1.00 64.72  ? 98  ILE I CB  1 
ATOM 461  C CG1 . ILE A 1 67  ? 5.288   -12.094 -8.078  1.00 62.50  ? 98  ILE I CG1 1 
ATOM 462  C CG2 . ILE A 1 67  ? 3.946   -13.961 -9.101  1.00 66.15  ? 98  ILE I CG2 1 
ATOM 463  C CD1 . ILE A 1 67  ? 4.115   -11.312 -7.506  1.00 61.68  ? 98  ILE I CD1 1 
ATOM 464  N N   . GLU A 1 68  ? 5.828   -15.585 -11.108 1.00 58.31  ? 99  GLU I N   1 
ATOM 465  C CA  . GLU A 1 68  ? 5.459   -16.424 -12.219 1.00 58.05  ? 99  GLU I CA  1 
ATOM 466  C C   . GLU A 1 68  ? 4.019   -16.153 -12.595 1.00 58.80  ? 99  GLU I C   1 
ATOM 467  O O   . GLU A 1 68  ? 3.157   -15.997 -11.730 1.00 57.17  ? 99  GLU I O   1 
ATOM 468  C CB  . GLU A 1 68  ? 5.608   -17.883 -11.850 1.00 61.66  ? 99  GLU I CB  1 
ATOM 469  C CG  . GLU A 1 68  ? 7.038   -18.314 -11.622 1.00 65.80  ? 99  GLU I CG  1 
ATOM 470  C CD  . GLU A 1 68  ? 7.604   -19.080 -12.796 1.00 70.38  ? 99  GLU I CD  1 
ATOM 471  O OE1 . GLU A 1 68  ? 7.120   -20.207 -13.049 1.00 71.70  ? 99  GLU I OE1 1 
ATOM 472  O OE2 . GLU A 1 68  ? 8.541   -18.563 -13.448 1.00 73.01  ? 99  GLU I OE2 1 
ATOM 473  N N   . ASN A 1 69  ? 3.772   -16.081 -13.898 1.00 60.54  ? 100 ASN I N   1 
ATOM 474  C CA  . ASN A 1 69  ? 2.423   -16.072 -14.438 1.00 59.66  ? 100 ASN I CA  1 
ATOM 475  C C   . ASN A 1 69  ? 1.622   -14.902 -13.933 1.00 55.65  ? 100 ASN I C   1 
ATOM 476  O O   . ASN A 1 69  ? 0.408   -14.990 -13.775 1.00 50.91  ? 100 ASN I O   1 
ATOM 477  C CB  . ASN A 1 69  ? 1.733   -17.392 -14.096 1.00 63.09  ? 100 ASN I CB  1 
ATOM 478  C CG  . ASN A 1 69  ? 2.585   -18.592 -14.464 1.00 62.92  ? 100 ASN I CG  1 
ATOM 479  O OD1 . ASN A 1 69  ? 2.988   -19.379 -13.608 1.00 60.02  ? 100 ASN I OD1 1 
ATOM 480  N ND2 . ASN A 1 69  ? 2.892   -18.713 -15.745 1.00 64.73  ? 100 ASN I ND2 1 
ATOM 481  N N   . CYS A 1 70  ? 2.327   -13.798 -13.703 1.00 58.00  ? 101 CYS I N   1 
ATOM 482  C CA  . CYS A 1 70  ? 1.727   -12.588 -13.155 1.00 60.89  ? 101 CYS I CA  1 
ATOM 483  C C   . CYS A 1 70  ? 1.637   -11.517 -14.231 1.00 58.84  ? 101 CYS I C   1 
ATOM 484  O O   . CYS A 1 70  ? 2.652   -11.079 -14.764 1.00 58.87  ? 101 CYS I O   1 
ATOM 485  C CB  . CYS A 1 70  ? 2.561   -12.087 -11.975 1.00 60.14  ? 101 CYS I CB  1 
ATOM 486  S SG  . CYS A 1 70  ? 1.987   -10.531 -11.276 1.00 59.15  ? 101 CYS I SG  1 
ATOM 487  N N   . ASP A 1 71  ? 0.425   -11.105 -14.562 1.00 58.37  ? 102 ASP I N   1 
ATOM 488  C CA  . ASP A 1 71  ? 0.255   -10.028 -15.526 1.00 65.08  ? 102 ASP I CA  1 
ATOM 489  C C   . ASP A 1 71  ? 0.851   -8.702  -15.041 1.00 61.89  ? 102 ASP I C   1 
ATOM 490  O O   . ASP A 1 71  ? 1.315   -7.901  -15.852 1.00 62.47  ? 102 ASP I O   1 
ATOM 491  C CB  . ASP A 1 71  ? -1.226  -9.846  -15.894 1.00 69.91  ? 102 ASP I CB  1 
ATOM 492  C CG  . ASP A 1 71  ? -1.550  -10.389 -17.281 1.00 78.50  ? 102 ASP I CG  1 
ATOM 493  O OD1 . ASP A 1 71  ? -1.084  -9.775  -18.271 1.00 80.29  ? 102 ASP I OD1 1 
ATOM 494  O OD2 . ASP A 1 71  ? -2.265  -11.418 -17.384 1.00 82.25  ? 102 ASP I OD2 1 
ATOM 495  N N   . SER A 1 72  ? 0.861   -8.492  -13.728 1.00 57.57  ? 103 SER I N   1 
ATOM 496  C CA  . SER A 1 72  ? 1.128   -7.173  -13.162 1.00 53.08  ? 103 SER I CA  1 
ATOM 497  C C   . SER A 1 72  ? 1.353   -7.218  -11.638 1.00 52.33  ? 103 SER I C   1 
ATOM 498  O O   . SER A 1 72  ? 0.405   -7.410  -10.880 1.00 48.17  ? 103 SER I O   1 
ATOM 499  C CB  . SER A 1 72  ? -0.051  -6.253  -13.522 1.00 49.94  ? 103 SER I CB  1 
ATOM 500  O OG  . SER A 1 72  ? -0.432  -5.423  -12.445 1.00 48.69  ? 103 SER I OG  1 
ATOM 501  N N   . CYS A 1 73  ? 2.606   -7.052  -11.200 1.00 53.69  ? 104 CYS I N   1 
ATOM 502  C CA  . CYS A 1 73  ? 2.942   -6.993  -9.754  1.00 53.65  ? 104 CYS I CA  1 
ATOM 503  C C   . CYS A 1 73  ? 2.331   -5.778  -9.060  1.00 48.40  ? 104 CYS I C   1 
ATOM 504  O O   . CYS A 1 73  ? 1.787   -4.887  -9.699  1.00 47.30  ? 104 CYS I O   1 
ATOM 505  C CB  . CYS A 1 73  ? 4.461   -6.937  -9.527  1.00 57.90  ? 104 CYS I CB  1 
ATOM 506  S SG  . CYS A 1 73  ? 5.333   -8.523  -9.513  1.00 63.95  ? 104 CYS I SG  1 
ATOM 507  N N   . PHE A 1 74  ? 2.435   -5.768  -7.742  1.00 44.22  ? 105 PHE I N   1 
ATOM 508  C CA  . PHE A 1 74  ? 2.004   -4.647  -6.896  1.00 42.92  ? 105 PHE I CA  1 
ATOM 509  C C   . PHE A 1 74  ? 3.142   -4.383  -5.926  1.00 43.13  ? 105 PHE I C   1 
ATOM 510  O O   . PHE A 1 74  ? 3.445   -3.234  -5.617  1.00 45.03  ? 105 PHE I O   1 
ATOM 511  C CB  . PHE A 1 74  ? 0.712   -5.041  -6.173  1.00 42.53  ? 105 PHE I CB  1 
ATOM 512  C CG  . PHE A 1 74  ? 0.211   -4.055  -5.135  1.00 40.54  ? 105 PHE I CG  1 
ATOM 513  C CD1 . PHE A 1 74  ? -0.635  -3.010  -5.489  1.00 39.42  ? 105 PHE I CD1 1 
ATOM 514  C CD2 . PHE A 1 74  ? 0.484   -4.248  -3.788  1.00 39.54  ? 105 PHE I CD2 1 
ATOM 515  C CE1 . PHE A 1 74  ? -1.135  -2.143  -4.529  1.00 37.73  ? 105 PHE I CE1 1 
ATOM 516  C CE2 . PHE A 1 74  ? -0.010  -3.379  -2.828  1.00 38.35  ? 105 PHE I CE2 1 
ATOM 517  C CZ  . PHE A 1 74  ? -0.817  -2.325  -3.196  1.00 37.32  ? 105 PHE I CZ  1 
ATOM 518  N N   . SER A 1 75  ? 3.753   -5.475  -5.453  1.00 42.60  ? 106 SER I N   1 
ATOM 519  C CA  . SER A 1 75  ? 5.032   -5.472  -4.767  1.00 39.09  ? 106 SER I CA  1 
ATOM 520  C C   . SER A 1 75  ? 5.889   -6.638  -5.261  1.00 39.84  ? 106 SER I C   1 
ATOM 521  O O   . SER A 1 75  ? 5.559   -7.319  -6.228  1.00 40.70  ? 106 SER I O   1 
ATOM 522  C CB  . SER A 1 75  ? 4.797   -5.639  -3.279  1.00 39.78  ? 106 SER I CB  1 
ATOM 523  O OG  . SER A 1 75  ? 4.714   -7.014  -2.922  1.00 41.14  ? 106 SER I OG  1 
ATOM 524  N N   . ARG A 1 76  ? 6.985   -6.887  -4.563  1.00 43.09  ? 107 ARG I N   1 
ATOM 525  C CA  . ARG A 1 76  ? 7.910   -7.935  -4.942  1.00 44.04  ? 107 ARG I CA  1 
ATOM 526  C C   . ARG A 1 76  ? 7.214   -9.264  -4.965  1.00 45.94  ? 107 ARG I C   1 
ATOM 527  O O   . ARG A 1 76  ? 7.385   -10.020 -5.907  1.00 50.36  ? 107 ARG I O   1 
ATOM 528  C CB  . ARG A 1 76  ? 9.079   -8.013  -3.959  1.00 43.70  ? 107 ARG I CB  1 
ATOM 529  C CG  . ARG A 1 76  ? 10.163  -8.966  -4.420  1.00 44.61  ? 107 ARG I CG  1 
ATOM 530  C CD  . ARG A 1 76  ? 11.302  -9.139  -3.428  1.00 47.30  ? 107 ARG I CD  1 
ATOM 531  N NE  . ARG A 1 76  ? 10.884  -9.616  -2.112  1.00 50.09  ? 107 ARG I NE  1 
ATOM 532  C CZ  . ARG A 1 76  ? 11.674  -9.650  -1.035  1.00 57.65  ? 107 ARG I CZ  1 
ATOM 533  N NH1 . ARG A 1 76  ? 12.943  -9.236  -1.093  1.00 60.24  ? 107 ARG I NH1 1 
ATOM 534  N NH2 . ARG A 1 76  ? 11.190  -10.087 0.123   1.00 60.99  ? 107 ARG I NH2 1 
ATOM 535  N N   . ASP A 1 77  ? 6.452   -9.548  -3.912  1.00 47.34  ? 108 ASP I N   1 
ATOM 536  C CA  . ASP A 1 77  ? 5.850   -10.863 -3.716  1.00 47.30  ? 108 ASP I CA  1 
ATOM 537  C C   . ASP A 1 77  ? 4.356   -10.840 -3.845  1.00 45.48  ? 108 ASP I C   1 
ATOM 538  O O   . ASP A 1 77  ? 3.690   -11.774 -3.417  1.00 44.81  ? 108 ASP I O   1 
ATOM 539  C CB  . ASP A 1 77  ? 6.194   -11.391 -2.334  1.00 50.52  ? 108 ASP I CB  1 
ATOM 540  C CG  . ASP A 1 77  ? 7.669   -11.392 -2.083  1.00 53.25  ? 108 ASP I CG  1 
ATOM 541  O OD1 . ASP A 1 77  ? 8.405   -11.119 -3.043  1.00 55.97  ? 108 ASP I OD1 1 
ATOM 542  O OD2 . ASP A 1 77  ? 8.098   -11.649 -0.941  1.00 57.08  ? 108 ASP I OD2 1 
ATOM 543  N N   . PHE A 1 78  ? 3.815   -9.794  -4.444  1.00 45.59  ? 109 PHE I N   1 
ATOM 544  C CA  . PHE A 1 78  ? 2.379   -9.703  -4.540  1.00 47.34  ? 109 PHE I CA  1 
ATOM 545  C C   . PHE A 1 78  ? 1.873   -9.212  -5.879  1.00 47.79  ? 109 PHE I C   1 
ATOM 546  O O   . PHE A 1 78  ? 2.067   -8.060  -6.268  1.00 42.79  ? 109 PHE I O   1 
ATOM 547  C CB  . PHE A 1 78  ? 1.839   -8.875  -3.400  1.00 47.26  ? 109 PHE I CB  1 
ATOM 548  C CG  . PHE A 1 78  ? 1.823   -9.615  -2.106  1.00 46.25  ? 109 PHE I CG  1 
ATOM 549  C CD1 . PHE A 1 78  ? 0.762   -10.429 -1.784  1.00 44.53  ? 109 PHE I CD1 1 
ATOM 550  C CD2 . PHE A 1 78  ? 2.893   -9.529  -1.228  1.00 47.97  ? 109 PHE I CD2 1 
ATOM 551  C CE1 . PHE A 1 78  ? 0.753   -11.128 -0.593  1.00 45.40  ? 109 PHE I CE1 1 
ATOM 552  C CE2 . PHE A 1 78  ? 2.890   -10.221 -0.025  1.00 46.11  ? 109 PHE I CE2 1 
ATOM 553  C CZ  . PHE A 1 78  ? 1.820   -11.022 0.289   1.00 45.18  ? 109 PHE I CZ  1 
ATOM 554  N N   . CYS A 1 79  ? 1.208   -10.142 -6.552  1.00 49.83  ? 110 CYS I N   1 
ATOM 555  C CA  . CYS A 1 79  ? 0.667   -9.935  -7.847  1.00 53.07  ? 110 CYS I CA  1 
ATOM 556  C C   . CYS A 1 79  ? -0.762  -9.446  -7.688  1.00 52.20  ? 110 CYS I C   1 
ATOM 557  O O   . CYS A 1 79  ? -1.577  -10.126 -7.103  1.00 55.39  ? 110 CYS I O   1 
ATOM 558  C CB  . CYS A 1 79  ? 0.717   -11.259 -8.605  1.00 56.57  ? 110 CYS I CB  1 
ATOM 559  S SG  . CYS A 1 79  ? 0.264   -11.088 -10.342 1.00 67.59  ? 110 CYS I SG  1 
ATOM 560  N N   . ILE A 1 80  ? -1.064  -8.259  -8.192  1.00 54.41  ? 111 ILE I N   1 
ATOM 561  C CA  . ILE A 1 80  ? -2.452  -7.798  -8.268  1.00 56.23  ? 111 ILE I CA  1 
ATOM 562  C C   . ILE A 1 80  ? -3.243  -8.433  -9.434  1.00 58.05  ? 111 ILE I C   1 
ATOM 563  O O   . ILE A 1 80  ? -4.455  -8.543  -9.347  1.00 55.35  ? 111 ILE I O   1 
ATOM 564  C CB  . ILE A 1 80  ? -2.543  -6.255  -8.335  1.00 59.53  ? 111 ILE I CB  1 
ATOM 565  C CG1 . ILE A 1 80  ? -4.008  -5.783  -8.220  1.00 64.12  ? 111 ILE I CG1 1 
ATOM 566  C CG2 . ILE A 1 80  ? -1.909  -5.732  -9.614  1.00 59.56  ? 111 ILE I CG2 1 
ATOM 567  C CD1 . ILE A 1 80  ? -4.239  -4.686  -7.197  1.00 66.88  ? 111 ILE I CD1 1 
ATOM 568  N N   . LYS A 1 81  ? -2.579  -8.849  -10.517 1.00 61.33  ? 112 LYS I N   1 
ATOM 569  C CA  . LYS A 1 81  ? -3.261  -9.551  -11.619 1.00 61.92  ? 112 LYS I CA  1 
ATOM 570  C C   . LYS A 1 81  ? -2.522  -10.794 -12.090 1.00 64.79  ? 112 LYS I C   1 
ATOM 571  O O   . LYS A 1 81  ? -1.391  -10.692 -12.572 1.00 71.11  ? 112 LYS I O   1 
ATOM 572  C CB  . LYS A 1 81  ? -3.443  -8.623  -12.808 1.00 65.86  ? 112 LYS I CB  1 
ATOM 573  C CG  . LYS A 1 81  ? -4.675  -7.746  -12.719 1.00 71.34  ? 112 LYS I CG  1 
ATOM 574  C CD  . LYS A 1 81  ? -4.860  -6.961  -14.005 1.00 75.34  ? 112 LYS I CD  1 
ATOM 575  C CE  . LYS A 1 81  ? -6.037  -6.013  -13.908 1.00 80.40  ? 112 LYS I CE  1 
ATOM 576  N NZ  . LYS A 1 81  ? -6.212  -5.251  -15.177 1.00 86.32  ? 112 LYS I NZ  1 
ATOM 577  N N   . CYS A 1 82  ? -3.158  -11.960 -11.953 1.00 64.80  ? 113 CYS I N   1 
ATOM 578  C CA  . CYS A 1 82  ? -2.617  -13.213 -12.482 1.00 64.05  ? 113 CYS I CA  1 
ATOM 579  C C   . CYS A 1 82  ? -2.977  -13.347 -13.945 1.00 69.02  ? 113 CYS I C   1 
ATOM 580  O O   . CYS A 1 82  ? -3.979  -12.781 -14.405 1.00 67.18  ? 113 CYS I O   1 
ATOM 581  C CB  . CYS A 1 82  ? -3.159  -14.413 -11.730 1.00 62.61  ? 113 CYS I CB  1 
ATOM 582  S SG  . CYS A 1 82  ? -2.472  -14.593 -10.081 1.00 68.70  ? 113 CYS I SG  1 
ATOM 583  N N   . LYS A 1 83  ? -2.152  -14.094 -14.676 1.00 73.57  ? 114 LYS I N   1 
ATOM 584  C CA  . LYS A 1 83  ? -2.346  -14.260 -16.105 1.00 76.07  ? 114 LYS I CA  1 
ATOM 585  C C   . LYS A 1 83  ? -3.792  -14.638 -16.309 1.00 81.48  ? 114 LYS I C   1 
ATOM 586  O O   . LYS A 1 83  ? -4.324  -15.435 -15.533 1.00 82.24  ? 114 LYS I O   1 
ATOM 587  C CB  . LYS A 1 83  ? -1.428  -15.352 -16.652 1.00 75.32  ? 114 LYS I CB  1 
ATOM 588  N N   . SER A 1 84  ? -4.456  -14.051 -17.307 1.00 83.31  ? 115 SER I N   1 
ATOM 589  C CA  . SER A 1 84  ? -5.843  -14.433 -17.577 1.00 81.51  ? 115 SER I CA  1 
ATOM 590  C C   . SER A 1 84  ? -5.890  -15.967 -17.643 1.00 76.51  ? 115 SER I C   1 
ATOM 591  O O   . SER A 1 84  ? -5.084  -16.592 -18.345 1.00 62.91  ? 115 SER I O   1 
ATOM 592  C CB  . SER A 1 84  ? -6.381  -13.792 -18.860 1.00 81.91  ? 115 SER I CB  1 
ATOM 593  O OG  . SER A 1 84  ? -7.780  -14.006 -18.980 1.00 79.76  ? 115 SER I OG  1 
ATOM 594  N N   . GLY A 1 85  ? -6.791  -16.553 -16.855 1.00 76.90  ? 116 GLY I N   1 
ATOM 595  C CA  . GLY A 1 85  ? -6.865  -18.004 -16.683 1.00 75.71  ? 116 GLY I CA  1 
ATOM 596  C C   . GLY A 1 85  ? -5.824  -18.566 -15.727 1.00 75.38  ? 116 GLY I C   1 
ATOM 597  O O   . GLY A 1 85  ? -5.115  -19.498 -16.085 1.00 73.67  ? 116 GLY I O   1 
ATOM 598  N N   . PHE A 1 86  ? -5.729  -18.006 -14.515 1.00 81.01  ? 117 PHE I N   1 
ATOM 599  C CA  . PHE A 1 86  ? -4.759  -18.470 -13.484 1.00 77.24  ? 117 PHE I CA  1 
ATOM 600  C C   . PHE A 1 86  ? -5.184  -18.139 -12.049 1.00 74.33  ? 117 PHE I C   1 
ATOM 601  O O   . PHE A 1 86  ? -5.817  -17.099 -11.792 1.00 64.85  ? 117 PHE I O   1 
ATOM 602  C CB  . PHE A 1 86  ? -3.371  -17.870 -13.722 1.00 79.20  ? 117 PHE I CB  1 
ATOM 603  C CG  . PHE A 1 86  ? -2.402  -18.797 -14.409 1.00 79.96  ? 117 PHE I CG  1 
ATOM 604  C CD1 . PHE A 1 86  ? -1.989  -19.960 -13.790 1.00 80.63  ? 117 PHE I CD1 1 
ATOM 605  C CD2 . PHE A 1 86  ? -1.868  -18.480 -15.649 1.00 79.13  ? 117 PHE I CD2 1 
ATOM 606  C CE1 . PHE A 1 86  ? -1.086  -20.810 -14.396 1.00 78.11  ? 117 PHE I CE1 1 
ATOM 607  C CE2 . PHE A 1 86  ? -0.961  -19.321 -16.262 1.00 76.78  ? 117 PHE I CE2 1 
ATOM 608  C CZ  . PHE A 1 86  ? -0.570  -20.490 -15.636 1.00 78.12  ? 117 PHE I CZ  1 
ATOM 609  N N   . TYR A 1 87  ? -4.789  -19.013 -11.117 1.00 74.90  ? 118 TYR I N   1 
ATOM 610  C CA  . TYR A 1 87  ? -5.285  -18.948 -9.734  1.00 77.56  ? 118 TYR I CA  1 
ATOM 611  C C   . TYR A 1 87  ? -4.302  -18.292 -8.779  1.00 70.30  ? 118 TYR I C   1 
ATOM 612  O O   . TYR A 1 87  ? -3.249  -18.843 -8.457  1.00 68.19  ? 118 TYR I O   1 
ATOM 613  C CB  . TYR A 1 87  ? -5.715  -20.332 -9.215  1.00 81.66  ? 118 TYR I CB  1 
ATOM 614  C CG  . TYR A 1 87  ? -6.711  -21.018 -10.126 1.00 88.45  ? 118 TYR I CG  1 
ATOM 615  C CD1 . TYR A 1 87  ? -7.754  -20.300 -10.702 1.00 88.40  ? 118 TYR I CD1 1 
ATOM 616  C CD2 . TYR A 1 87  ? -6.607  -22.377 -10.430 1.00 92.61  ? 118 TYR I CD2 1 
ATOM 617  C CE1 . TYR A 1 87  ? -8.659  -20.901 -11.553 1.00 90.25  ? 118 TYR I CE1 1 
ATOM 618  C CE2 . TYR A 1 87  ? -7.513  -22.986 -11.287 1.00 93.57  ? 118 TYR I CE2 1 
ATOM 619  C CZ  . TYR A 1 87  ? -8.541  -22.234 -11.844 1.00 94.04  ? 118 TYR I CZ  1 
ATOM 620  O OH  . TYR A 1 87  ? -9.474  -22.785 -12.695 1.00 94.87  ? 118 TYR I OH  1 
ATOM 621  N N   . SER A 1 88  ? -4.670  -17.100 -8.332  1.00 62.78  ? 119 SER I N   1 
ATOM 622  C CA  . SER A 1 88  ? -3.864  -16.368 -7.401  1.00 58.28  ? 119 SER I CA  1 
ATOM 623  C C   . SER A 1 88  ? -4.029  -17.040 -6.079  1.00 54.97  ? 119 SER I C   1 
ATOM 624  O O   . SER A 1 88  ? -5.128  -17.480 -5.745  1.00 53.48  ? 119 SER I O   1 
ATOM 625  C CB  . SER A 1 88  ? -4.363  -14.945 -7.260  1.00 59.23  ? 119 SER I CB  1 
ATOM 626  O OG  . SER A 1 88  ? -5.522  -14.950 -6.451  1.00 58.66  ? 119 SER I OG  1 
ATOM 627  N N   . HIS A 1 89  ? -2.940  -17.093 -5.330  1.00 52.05  ? 120 HIS I N   1 
ATOM 628  C CA  . HIS A 1 89  ? -2.955  -17.660 -4.013  1.00 53.08  ? 120 HIS I CA  1 
ATOM 629  C C   . HIS A 1 89  ? -1.682  -17.317 -3.287  1.00 53.32  ? 120 HIS I C   1 
ATOM 630  O O   . HIS A 1 89  ? -0.618  -17.715 -3.715  1.00 52.29  ? 120 HIS I O   1 
ATOM 631  C CB  . HIS A 1 89  ? -3.056  -19.170 -4.110  1.00 56.02  ? 120 HIS I CB  1 
ATOM 632  C CG  . HIS A 1 89  ? -2.844  -19.872 -2.803  1.00 58.33  ? 120 HIS I CG  1 
ATOM 633  N ND1 . HIS A 1 89  ? -3.684  -19.700 -1.722  1.00 58.52  ? 120 HIS I ND1 1 
ATOM 634  C CD2 . HIS A 1 89  ? -1.892  -20.752 -2.408  1.00 56.00  ? 120 HIS I CD2 1 
ATOM 635  C CE1 . HIS A 1 89  ? -3.257  -20.444 -0.718  1.00 58.62  ? 120 HIS I CE1 1 
ATOM 636  N NE2 . HIS A 1 89  ? -2.171  -21.093 -1.109  1.00 57.56  ? 120 HIS I NE2 1 
ATOM 637  N N   . LYS A 1 90  ? -1.802  -16.603 -2.174  1.00 57.52  ? 121 LYS I N   1 
ATOM 638  C CA  . LYS A 1 90  ? -0.653  -16.195 -1.367  1.00 59.25  ? 121 LYS I CA  1 
ATOM 639  C C   . LYS A 1 90  ? 0.340   -15.341 -2.168  1.00 58.63  ? 121 LYS I C   1 
ATOM 640  O O   . LYS A 1 90  ? 1.550   -15.568 -2.145  1.00 58.54  ? 121 LYS I O   1 
ATOM 641  C CB  . LYS A 1 90  ? 0.010   -17.418 -0.726  1.00 63.53  ? 121 LYS I CB  1 
ATOM 642  C CG  . LYS A 1 90  ? -0.894  -18.075 0.313   1.00 73.08  ? 121 LYS I CG  1 
ATOM 643  C CD  . LYS A 1 90  ? -0.366  -19.409 0.852   1.00 79.94  ? 121 LYS I CD  1 
ATOM 644  C CE  . LYS A 1 90  ? -1.386  -20.112 1.758   1.00 78.67  ? 121 LYS I CE  1 
ATOM 645  N NZ  . LYS A 1 90  ? -1.193  -19.878 3.215   1.00 79.50  ? 121 LYS I NZ  1 
ATOM 646  N N   . GLY A 1 91  ? -0.191  -14.351 -2.882  1.00 56.35  ? 122 GLY I N   1 
ATOM 647  C CA  . GLY A 1 91  ? 0.631   -13.476 -3.702  1.00 54.01  ? 122 GLY I CA  1 
ATOM 648  C C   . GLY A 1 91  ? 0.848   -14.002 -5.098  1.00 52.02  ? 122 GLY I C   1 
ATOM 649  O O   . GLY A 1 91  ? 0.898   -13.226 -6.050  1.00 57.75  ? 122 GLY I O   1 
ATOM 650  N N   . GLN A 1 92  ? 0.952   -15.318 -5.232  1.00 48.21  ? 123 GLN I N   1 
ATOM 651  C CA  . GLN A 1 92  ? 1.364   -15.919 -6.478  1.00 48.87  ? 123 GLN I CA  1 
ATOM 652  C C   . GLN A 1 92  ? 0.215   -16.137 -7.463  1.00 51.31  ? 123 GLN I C   1 
ATOM 653  O O   . GLN A 1 92  ? -0.879  -15.607 -7.289  1.00 50.52  ? 123 GLN I O   1 
ATOM 654  C CB  . GLN A 1 92  ? 2.087   -17.231 -6.191  1.00 51.05  ? 123 GLN I CB  1 
ATOM 655  C CG  . GLN A 1 92  ? 3.304   -17.105 -5.278  1.00 53.68  ? 123 GLN I CG  1 
ATOM 656  C CD  . GLN A 1 92  ? 4.397   -16.220 -5.861  1.00 55.49  ? 123 GLN I CD  1 
ATOM 657  O OE1 . GLN A 1 92  ? 4.335   -14.994 -5.750  1.00 56.79  ? 123 GLN I OE1 1 
ATOM 658  N NE2 . GLN A 1 92  ? 5.409   -16.837 -6.473  1.00 54.02  ? 123 GLN I NE2 1 
ATOM 659  N N   . CYS A 1 93  ? 0.525   -16.868 -8.536  1.00 57.07  ? 124 CYS I N   1 
ATOM 660  C CA  . CYS A 1 93  ? -0.421  -17.301 -9.560  1.00 57.16  ? 124 CYS I CA  1 
ATOM 661  C C   . CYS A 1 93  ? -0.083  -18.738 -9.932  1.00 62.07  ? 124 CYS I C   1 
ATOM 662  O O   . CYS A 1 93  ? 1.051   -19.014 -10.351 1.00 61.44  ? 124 CYS I O   1 
ATOM 663  C CB  . CYS A 1 93  ? -0.263  -16.433 -10.786 1.00 57.28  ? 124 CYS I CB  1 
ATOM 664  S SG  . CYS A 1 93  ? -0.466  -14.700 -10.399 1.00 57.25  ? 124 CYS I SG  1 
ATOM 665  N N   . PHE A 1 94  ? -1.064  -19.636 -9.783  1.00 67.03  ? 125 PHE I N   1 
ATOM 666  C CA  . PHE A 1 94  ? -0.851  -21.092 -9.838  1.00 65.53  ? 125 PHE I CA  1 
ATOM 667  C C   . PHE A 1 94  ? -1.702  -21.773 -10.878 1.00 66.65  ? 125 PHE I C   1 
ATOM 668  O O   . PHE A 1 94  ? -2.782  -21.277 -11.197 1.00 68.68  ? 125 PHE I O   1 
ATOM 669  C CB  . PHE A 1 94  ? -1.224  -21.709 -8.500  1.00 64.33  ? 125 PHE I CB  1 
ATOM 670  C CG  . PHE A 1 94  ? -0.117  -21.705 -7.521  1.00 65.96  ? 125 PHE I CG  1 
ATOM 671  C CD1 . PHE A 1 94  ? 0.923   -22.606 -7.647  1.00 67.07  ? 125 PHE I CD1 1 
ATOM 672  C CD2 . PHE A 1 94  ? -0.096  -20.794 -6.480  1.00 67.85  ? 125 PHE I CD2 1 
ATOM 673  C CE1 . PHE A 1 94  ? 1.968   -22.611 -6.742  1.00 69.49  ? 125 PHE I CE1 1 
ATOM 674  C CE2 . PHE A 1 94  ? 0.947   -20.791 -5.567  1.00 68.76  ? 125 PHE I CE2 1 
ATOM 675  C CZ  . PHE A 1 94  ? 1.980   -21.702 -5.697  1.00 69.91  ? 125 PHE I CZ  1 
ATOM 676  N N   . GLU A 1 95  ? -1.238  -22.933 -11.353 1.00 69.68  ? 126 GLU I N   1 
ATOM 677  C CA  . GLU A 1 95  ? -2.012  -23.792 -12.272 1.00 73.80  ? 126 GLU I CA  1 
ATOM 678  C C   . GLU A 1 95  ? -3.323  -24.297 -11.631 1.00 77.98  ? 126 GLU I C   1 
ATOM 679  O O   . GLU A 1 95  ? -4.419  -23.867 -12.005 1.00 76.82  ? 126 GLU I O   1 
ATOM 680  C CB  . GLU A 1 95  ? -1.161  -24.978 -12.748 1.00 69.61  ? 126 GLU I CB  1 
ATOM 681  N N   . GLU A 1 96  ? -3.205  -25.215 -10.678 1.00 80.74  ? 127 GLU I N   1 
ATOM 682  C CA  . GLU A 1 96  ? -4.342  -25.658 -9.883  1.00 80.59  ? 127 GLU I CA  1 
ATOM 683  C C   . GLU A 1 96  ? -3.973  -25.351 -8.455  1.00 83.36  ? 127 GLU I C   1 
ATOM 684  O O   . GLU A 1 96  ? -2.794  -25.291 -8.121  1.00 88.53  ? 127 GLU I O   1 
ATOM 685  C CB  . GLU A 1 96  ? -4.595  -27.158 -10.070 1.00 78.15  ? 127 GLU I CB  1 
ATOM 686  N N   . CYS A 1 97  ? -4.966  -25.140 -7.608  1.00 88.16  ? 128 CYS I N   1 
ATOM 687  C CA  . CYS A 1 97  ? -4.703  -24.832 -6.209  1.00 92.06  ? 128 CYS I CA  1 
ATOM 688  C C   . CYS A 1 97  ? -3.956  -25.988 -5.541  1.00 92.41  ? 128 CYS I C   1 
ATOM 689  O O   . CYS A 1 97  ? -4.237  -27.150 -5.819  1.00 92.01  ? 128 CYS I O   1 
ATOM 690  C CB  . CYS A 1 97  ? -6.016  -24.552 -5.488  1.00 97.51  ? 128 CYS I CB  1 
ATOM 691  S SG  . CYS A 1 97  ? -6.928  -23.165 -6.206  1.00 106.38 ? 128 CYS I SG  1 
ATOM 692  N N   . PRO A 1 98  ? -2.983  -25.674 -4.670  1.00 94.77  ? 129 PRO I N   1 
ATOM 693  C CA  . PRO A 1 98  ? -2.199  -26.733 -4.027  1.00 93.21  ? 129 PRO I CA  1 
ATOM 694  C C   . PRO A 1 98  ? -2.963  -27.482 -2.940  1.00 90.73  ? 129 PRO I C   1 
ATOM 695  O O   . PRO A 1 98  ? -4.111  -27.148 -2.628  1.00 85.47  ? 129 PRO I O   1 
ATOM 696  C CB  . PRO A 1 98  ? -1.016  -25.978 -3.418  1.00 94.70  ? 129 PRO I CB  1 
ATOM 697  C CG  . PRO A 1 98  ? -1.535  -24.602 -3.175  1.00 97.52  ? 129 PRO I CG  1 
ATOM 698  C CD  . PRO A 1 98  ? -2.552  -24.328 -4.249  1.00 96.23  ? 129 PRO I CD  1 
ATOM 699  N N   . GLU A 1 99  ? -2.309  -28.494 -2.376  1.00 90.12  ? 130 GLU I N   1 
ATOM 700  C CA  . GLU A 1 99  ? -2.890  -29.307 -1.322  1.00 86.14  ? 130 GLU I CA  1 
ATOM 701  C C   . GLU A 1 99  ? -3.362  -28.413 -0.170  1.00 80.16  ? 130 GLU I C   1 
ATOM 702  O O   . GLU A 1 99  ? -2.557  -27.751 0.480   1.00 79.49  ? 130 GLU I O   1 
ATOM 703  C CB  . GLU A 1 99  ? -1.867  -30.334 -0.827  1.00 84.62  ? 130 GLU I CB  1 
ATOM 704  N N   . GLY A 1 100 ? -4.675  -28.384 0.048   1.00 76.06  ? 131 GLY I N   1 
ATOM 705  C CA  . GLY A 1 100 ? -5.289  -27.615 1.134   1.00 75.21  ? 131 GLY I CA  1 
ATOM 706  C C   . GLY A 1 100 ? -6.353  -26.613 0.687   1.00 74.58  ? 131 GLY I C   1 
ATOM 707  O O   . GLY A 1 100 ? -7.139  -26.133 1.516   1.00 72.51  ? 131 GLY I O   1 
ATOM 708  N N   . PHE A 1 101 ? -6.392  -26.296 -0.613  1.00 69.60  ? 132 PHE I N   1 
ATOM 709  C CA  . PHE A 1 101 ? -7.123  -25.116 -1.109  1.00 64.67  ? 132 PHE I CA  1 
ATOM 710  C C   . PHE A 1 101 ? -7.790  -25.382 -2.454  1.00 58.72  ? 132 PHE I C   1 
ATOM 711  O O   . PHE A 1 101 ? -7.360  -26.260 -3.211  1.00 55.83  ? 132 PHE I O   1 
ATOM 712  C CB  . PHE A 1 101 ? -6.155  -23.923 -1.244  1.00 64.29  ? 132 PHE I CB  1 
ATOM 713  C CG  . PHE A 1 101 ? -5.133  -23.843 -0.142  1.00 64.03  ? 132 PHE I CG  1 
ATOM 714  C CD1 . PHE A 1 101 ? -3.990  -24.633 -0.181  1.00 68.95  ? 132 PHE I CD1 1 
ATOM 715  C CD2 . PHE A 1 101 ? -5.311  -23.001 0.939   1.00 64.72  ? 132 PHE I CD2 1 
ATOM 716  C CE1 . PHE A 1 101 ? -3.044  -24.582 0.836   1.00 69.39  ? 132 PHE I CE1 1 
ATOM 717  C CE2 . PHE A 1 101 ? -4.373  -22.944 1.959   1.00 68.48  ? 132 PHE I CE2 1 
ATOM 718  C CZ  . PHE A 1 101 ? -3.233  -23.733 1.908   1.00 68.35  ? 132 PHE I CZ  1 
ATOM 719  N N   . ALA A 1 102 ? -8.836  -24.619 -2.752  1.00 54.52  ? 133 ALA I N   1 
ATOM 720  C CA  . ALA A 1 102 ? -9.515  -24.742 -4.037  1.00 58.22  ? 133 ALA I CA  1 
ATOM 721  C C   . ALA A 1 102 ? -10.195 -23.432 -4.471  1.00 61.40  ? 133 ALA I C   1 
ATOM 722  O O   . ALA A 1 102 ? -10.398 -22.545 -3.646  1.00 62.90  ? 133 ALA I O   1 
ATOM 723  C CB  . ALA A 1 102 ? -10.514 -25.877 -3.973  1.00 57.15  ? 133 ALA I CB  1 
ATOM 724  N N   . PRO A 1 103 ? -10.532 -23.296 -5.770  1.00 65.91  ? 134 PRO I N   1 
ATOM 725  C CA  . PRO A 1 103 ? -11.066 -22.021 -6.281  1.00 71.68  ? 134 PRO I CA  1 
ATOM 726  C C   . PRO A 1 103 ? -12.389 -21.599 -5.675  1.00 71.20  ? 134 PRO I C   1 
ATOM 727  O O   . PRO A 1 103 ? -12.829 -22.189 -4.705  1.00 74.43  ? 134 PRO I O   1 
ATOM 728  C CB  . PRO A 1 103 ? -11.238 -22.279 -7.785  1.00 72.38  ? 134 PRO I CB  1 
ATOM 729  C CG  . PRO A 1 103 ? -10.218 -23.318 -8.086  1.00 74.82  ? 134 PRO I CG  1 
ATOM 730  C CD  . PRO A 1 103 ? -10.212 -24.217 -6.874  1.00 70.91  ? 134 PRO I CD  1 
ATOM 731  N N   . LEU A 1 104 ? -12.996 -20.568 -6.249  1.00 73.54  ? 135 LEU I N   1 
ATOM 732  C CA  . LEU A 1 104 ? -14.279 -20.057 -5.786  1.00 74.86  ? 135 LEU I CA  1 
ATOM 733  C C   . LEU A 1 104 ? -15.294 -20.013 -6.906  1.00 82.45  ? 135 LEU I C   1 
ATOM 734  O O   . LEU A 1 104 ? -14.999 -20.395 -8.044  1.00 81.46  ? 135 LEU I O   1 
ATOM 735  C CB  . LEU A 1 104 ? -14.120 -18.647 -5.237  1.00 71.57  ? 135 LEU I CB  1 
ATOM 736  C CG  . LEU A 1 104 ? -14.245 -18.483 -3.735  1.00 72.15  ? 135 LEU I CG  1 
ATOM 737  C CD1 . LEU A 1 104 ? -15.649 -18.814 -3.251  1.00 71.63  ? 135 LEU I CD1 1 
ATOM 738  C CD2 . LEU A 1 104 ? -13.201 -19.339 -3.054  1.00 70.58  ? 135 LEU I CD2 1 
ATOM 739  N N   . ASP A 1 105 ? -16.495 -19.546 -6.561  1.00 87.05  ? 136 ASP I N   1 
ATOM 740  C CA  . ASP A 1 105 ? -17.527 -19.234 -7.533  1.00 85.99  ? 136 ASP I CA  1 
ATOM 741  C C   . ASP A 1 105 ? -16.973 -18.200 -8.505  1.00 87.77  ? 136 ASP I C   1 
ATOM 742  O O   . ASP A 1 105 ? -17.144 -16.997 -8.301  1.00 86.29  ? 136 ASP I O   1 
ATOM 743  C CB  . ASP A 1 105 ? -18.775 -18.697 -6.824  1.00 86.43  ? 136 ASP I CB  1 
ATOM 744  N N   . ASP A 1 106 ? -16.265 -18.699 -9.522  1.00 88.65  ? 137 ASP I N   1 
ATOM 745  C CA  . ASP A 1 106 ? -15.709 -17.909 -10.639 1.00 85.62  ? 137 ASP I CA  1 
ATOM 746  C C   . ASP A 1 106 ? -14.722 -16.778 -10.280 1.00 86.30  ? 137 ASP I C   1 
ATOM 747  O O   . ASP A 1 106 ? -14.693 -15.758 -10.977 1.00 92.70  ? 137 ASP I O   1 
ATOM 748  C CB  . ASP A 1 106 ? -16.849 -17.349 -11.510 1.00 80.35  ? 137 ASP I CB  1 
ATOM 749  N N   . THR A 1 107 ? -13.907 -16.947 -9.232  1.00 80.45  ? 138 THR I N   1 
ATOM 750  C CA  . THR A 1 107 ? -12.947 -15.893 -8.837  1.00 80.60  ? 138 THR I CA  1 
ATOM 751  C C   . THR A 1 107 ? -11.525 -16.105 -9.356  1.00 81.41  ? 138 THR I C   1 
ATOM 752  O O   . THR A 1 107 ? -10.866 -15.153 -9.762  1.00 79.92  ? 138 THR I O   1 
ATOM 753  C CB  . THR A 1 107 ? -12.804 -15.772 -7.318  1.00 80.65  ? 138 THR I CB  1 
ATOM 754  O OG1 . THR A 1 107 ? -12.159 -16.945 -6.817  1.00 80.81  ? 138 THR I OG1 1 
ATOM 755  C CG2 . THR A 1 107 ? -14.150 -15.578 -6.653  1.00 82.29  ? 138 THR I CG2 1 
ATOM 756  N N   . MET A 1 108 ? -11.057 -17.350 -9.309  1.00 83.20  ? 139 MET I N   1 
ATOM 757  C CA  . MET A 1 108 ? -9.682  -17.730 -9.664  1.00 81.42  ? 139 MET I CA  1 
ATOM 758  C C   . MET A 1 108 ? -8.748  -17.636 -8.437  1.00 78.79  ? 139 MET I C   1 
ATOM 759  O O   . MET A 1 108 ? -7.544  -17.388 -8.563  1.00 74.81  ? 139 MET I O   1 
ATOM 760  C CB  . MET A 1 108 ? -9.138  -16.908 -10.857 1.00 82.54  ? 139 MET I CB  1 
ATOM 761  C CG  . MET A 1 108 ? -10.041 -16.840 -12.088 1.00 81.24  ? 139 MET I CG  1 
ATOM 762  S SD  . MET A 1 108 ? -10.282 -18.439 -12.886 1.00 89.87  ? 139 MET I SD  1 
ATOM 763  C CE  . MET A 1 108 ? -8.817  -18.581 -13.909 1.00 84.81  ? 139 MET I CE  1 
ATOM 764  N N   . VAL A 1 109 ? -9.314  -17.874 -7.253  1.00 76.88  ? 140 VAL I N   1 
ATOM 765  C CA  . VAL A 1 109 ? -8.630  -17.623 -5.977  1.00 73.85  ? 140 VAL I CA  1 
ATOM 766  C C   . VAL A 1 109 ? -8.641  -18.847 -5.072  1.00 73.38  ? 140 VAL I C   1 
ATOM 767  O O   . VAL A 1 109 ? -9.704  -19.311 -4.671  1.00 74.75  ? 140 VAL I O   1 
ATOM 768  C CB  . VAL A 1 109 ? -9.340  -16.505 -5.186  1.00 70.13  ? 140 VAL I CB  1 
ATOM 769  C CG1 . VAL A 1 109 ? -8.573  -16.204 -3.909  1.00 68.68  ? 140 VAL I CG1 1 
ATOM 770  C CG2 . VAL A 1 109 ? -9.519  -15.246 -6.026  1.00 69.04  ? 140 VAL I CG2 1 
ATOM 771  N N   . CYS A 1 110 ? -7.477  -19.353 -4.702  1.00 75.11  ? 141 CYS I N   1 
ATOM 772  C CA  . CYS A 1 110 ? -7.451  -20.543 -3.861  1.00 84.03  ? 141 CYS I CA  1 
ATOM 773  C C   . CYS A 1 110 ? -7.778  -20.245 -2.391  1.00 82.23  ? 141 CYS I C   1 
ATOM 774  O O   . CYS A 1 110 ? -7.490  -19.149 -1.904  1.00 74.34  ? 141 CYS I O   1 
ATOM 775  C CB  . CYS A 1 110 ? -6.114  -21.243 -4.002  1.00 90.97  ? 141 CYS I CB  1 
ATOM 776  S SG  . CYS A 1 110 ? -5.757  -21.562 -5.739  1.00 103.50 ? 141 CYS I SG  1 
ATOM 777  N N   . VAL A 1 111 ? -8.388  -21.232 -1.715  1.00 80.95  ? 142 VAL I N   1 
ATOM 778  C CA  . VAL A 1 111 ? -8.902  -21.098 -0.336  1.00 75.92  ? 142 VAL I CA  1 
ATOM 779  C C   . VAL A 1 111 ? -8.184  -21.998 0.668   1.00 77.29  ? 142 VAL I C   1 
ATOM 780  O O   . VAL A 1 111 ? -8.729  -22.983 1.170   1.00 75.62  ? 142 VAL I O   1 
ATOM 781  C CB  . VAL A 1 111 ? -10.392 -21.432 -0.273  1.00 71.97  ? 142 VAL I CB  1 
ATOM 782  C CG1 . VAL A 1 111 ? -10.933 -21.257 1.143   1.00 73.54  ? 142 VAL I CG1 1 
ATOM 783  C CG2 . VAL A 1 111 ? -11.146 -20.549 -1.234  1.00 72.27  ? 142 VAL I CG2 1 
ATOM 784  N N   . CYS B 1 9   ? -21.185 -4.086  -4.142  1.00 86.03  ? 40  CYS J N   1 
ATOM 785  C CA  . CYS B 1 9   ? -19.914 -4.644  -4.682  1.00 85.22  ? 40  CYS J CA  1 
ATOM 786  C C   . CYS B 1 9   ? -19.282 -3.713  -5.731  1.00 80.68  ? 40  CYS J C   1 
ATOM 787  O O   . CYS B 1 9   ? -18.865 -4.137  -6.812  1.00 74.06  ? 40  CYS J O   1 
ATOM 788  C CB  . CYS B 1 9   ? -20.153 -6.037  -5.267  1.00 87.87  ? 40  CYS J CB  1 
ATOM 789  S SG  . CYS B 1 9   ? -18.592 -6.817  -5.691  1.00 98.14  ? 40  CYS J SG  1 
ATOM 790  N N   . LYS B 1 10  ? -19.209 -2.433  -5.396  1.00 80.81  ? 41  LYS J N   1 
ATOM 791  C CA  . LYS B 1 10  ? -18.579 -1.446  -6.266  1.00 83.89  ? 41  LYS J CA  1 
ATOM 792  C C   . LYS B 1 10  ? -17.055 -1.493  -6.071  1.00 78.38  ? 41  LYS J C   1 
ATOM 793  O O   . LYS B 1 10  ? -16.567 -1.688  -4.951  1.00 75.94  ? 41  LYS J O   1 
ATOM 794  C CB  . LYS B 1 10  ? -19.138 -0.055  -5.938  1.00 88.13  ? 41  LYS J CB  1 
ATOM 795  C CG  . LYS B 1 10  ? -18.689 1.080   -6.854  1.00 93.55  ? 41  LYS J CG  1 
ATOM 796  C CD  . LYS B 1 10  ? -19.291 2.412   -6.397  1.00 96.71  ? 41  LYS J CD  1 
ATOM 797  C CE  . LYS B 1 10  ? -18.682 3.613   -7.120  1.00 99.02  ? 41  LYS J CE  1 
ATOM 798  N NZ  . LYS B 1 10  ? -19.355 4.909   -6.795  1.00 98.95  ? 41  LYS J NZ  1 
ATOM 799  N N   . GLY B 1 11  ? -16.307 -1.334  -7.158  1.00 70.60  ? 42  GLY J N   1 
ATOM 800  C CA  . GLY B 1 11  ? -14.843 -1.264  -7.077  1.00 68.94  ? 42  GLY J CA  1 
ATOM 801  C C   . GLY B 1 11  ? -14.068 -2.577  -7.114  1.00 66.42  ? 42  GLY J C   1 
ATOM 802  O O   . GLY B 1 11  ? -12.842 -2.579  -7.020  1.00 59.27  ? 42  GLY J O   1 
ATOM 803  N N   . CYS B 1 12  ? -14.775 -3.687  -7.288  1.00 69.72  ? 43  CYS J N   1 
ATOM 804  C CA  . CYS B 1 12  ? -14.192 -5.028  -7.151  1.00 72.52  ? 43  CYS J CA  1 
ATOM 805  C C   . CYS B 1 12  ? -13.427 -5.538  -8.383  1.00 66.64  ? 43  CYS J C   1 
ATOM 806  O O   . CYS B 1 12  ? -13.708 -5.161  -9.499  1.00 67.89  ? 43  CYS J O   1 
ATOM 807  C CB  . CYS B 1 12  ? -15.320 -6.007  -6.832  1.00 79.02  ? 43  CYS J CB  1 
ATOM 808  S SG  . CYS B 1 12  ? -14.840 -7.328  -5.707  1.00 95.08  ? 43  CYS J SG  1 
ATOM 809  N N   . LEU B 1 13  ? -12.446 -6.395  -8.178  1.00 65.42  ? 44  LEU J N   1 
ATOM 810  C CA  . LEU B 1 13  ? -11.882 -7.166  -9.284  1.00 66.42  ? 44  LEU J CA  1 
ATOM 811  C C   . LEU B 1 13  ? -12.164 -8.633  -9.086  1.00 66.64  ? 44  LEU J C   1 
ATOM 812  O O   . LEU B 1 13  ? -11.716 -9.463  -9.875  1.00 63.91  ? 44  LEU J O   1 
ATOM 813  C CB  . LEU B 1 13  ? -10.364 -7.008  -9.368  1.00 69.39  ? 44  LEU J CB  1 
ATOM 814  C CG  . LEU B 1 13  ? -9.748  -5.637  -9.644  1.00 73.63  ? 44  LEU J CG  1 
ATOM 815  C CD1 . LEU B 1 13  ? -8.377  -5.843  -10.276 1.00 72.36  ? 44  LEU J CD1 1 
ATOM 816  C CD2 . LEU B 1 13  ? -10.626 -4.754  -10.525 1.00 74.02  ? 44  LEU J CD2 1 
ATOM 817  N N   . SER B 1 14  ? -12.869 -8.971  -8.016  1.00 66.72  ? 45  SER J N   1 
ATOM 818  C CA  . SER B 1 14  ? -13.090 -10.361 -7.705  1.00 68.37  ? 45  SER J CA  1 
ATOM 819  C C   . SER B 1 14  ? -14.182 -10.455 -6.660  1.00 73.05  ? 45  SER J C   1 
ATOM 820  O O   . SER B 1 14  ? -13.911 -10.653 -5.470  1.00 76.20  ? 45  SER J O   1 
ATOM 821  C CB  . SER B 1 14  ? -11.782 -11.009 -7.234  1.00 68.13  ? 45  SER J CB  1 
ATOM 822  O OG  . SER B 1 14  ? -11.488 -12.155 -8.013  1.00 65.30  ? 45  SER J OG  1 
ATOM 823  N N   . CYS B 1 15  ? -15.421 -10.291 -7.128  1.00 78.95  ? 46  CYS J N   1 
ATOM 824  C CA  . CYS B 1 15  ? -16.601 -10.260 -6.260  1.00 84.72  ? 46  CYS J CA  1 
ATOM 825  C C   . CYS B 1 15  ? -17.062 -11.681 -5.927  1.00 81.21  ? 46  CYS J C   1 
ATOM 826  O O   . CYS B 1 15  ? -16.949 -12.583 -6.747  1.00 79.52  ? 46  CYS J O   1 
ATOM 827  C CB  . CYS B 1 15  ? -17.729 -9.450  -6.918  1.00 90.44  ? 46  CYS J CB  1 
ATOM 828  S SG  . CYS B 1 15  ? -18.979 -8.803  -5.771  1.00 102.60 ? 46  CYS J SG  1 
ATOM 829  N N   . SER B 1 16  ? -17.569 -11.864 -4.714  1.00 81.00  ? 47  SER J N   1 
ATOM 830  C CA  . SER B 1 16  ? -17.957 -13.173 -4.218  1.00 79.72  ? 47  SER J CA  1 
ATOM 831  C C   . SER B 1 16  ? -19.412 -13.172 -3.764  1.00 87.29  ? 47  SER J C   1 
ATOM 832  O O   . SER B 1 16  ? -19.813 -12.345 -2.937  1.00 87.38  ? 47  SER J O   1 
ATOM 833  C CB  . SER B 1 16  ? -17.062 -13.567 -3.051  1.00 78.30  ? 47  SER J CB  1 
ATOM 834  O OG  . SER B 1 16  ? -17.578 -14.702 -2.382  1.00 79.71  ? 47  SER J OG  1 
ATOM 835  N N   . LYS B 1 17  ? -20.188 -14.116 -4.306  1.00 93.42  ? 48  LYS J N   1 
ATOM 836  C CA  . LYS B 1 17  ? -21.593 -14.309 -3.933  1.00 92.33  ? 48  LYS J CA  1 
ATOM 837  C C   . LYS B 1 17  ? -21.791 -14.219 -2.420  1.00 88.76  ? 48  LYS J C   1 
ATOM 838  O O   . LYS B 1 17  ? -22.660 -13.492 -1.948  1.00 90.37  ? 48  LYS J O   1 
ATOM 839  C CB  . LYS B 1 17  ? -22.102 -15.659 -4.451  1.00 91.21  ? 48  LYS J CB  1 
ATOM 840  N N   . ASP B 1 18  ? -20.964 -14.934 -1.665  1.00 83.71  ? 49  ASP J N   1 
ATOM 841  C CA  . ASP B 1 18  ? -21.042 -14.901 -0.210  1.00 84.61  ? 49  ASP J CA  1 
ATOM 842  C C   . ASP B 1 18  ? -20.138 -13.815 0.388   1.00 82.21  ? 49  ASP J C   1 
ATOM 843  O O   . ASP B 1 18  ? -20.599 -12.708 0.681   1.00 71.40  ? 49  ASP J O   1 
ATOM 844  C CB  . ASP B 1 18  ? -20.683 -16.275 0.364   1.00 88.15  ? 49  ASP J CB  1 
ATOM 845  N N   . ASN B 1 19  ? -18.848 -14.134 0.529   1.00 84.45  ? 50  ASN J N   1 
ATOM 846  C CA  . ASN B 1 19  ? -17.883 -13.306 1.280   1.00 83.85  ? 50  ASN J CA  1 
ATOM 847  C C   . ASN B 1 19  ? -17.489 -11.948 0.639   1.00 77.76  ? 50  ASN J C   1 
ATOM 848  O O   . ASN B 1 19  ? -16.525 -11.303 1.078   1.00 71.61  ? 50  ASN J O   1 
ATOM 849  C CB  . ASN B 1 19  ? -16.622 -14.134 1.600   1.00 80.13  ? 50  ASN J CB  1 
ATOM 850  N N   . GLY B 1 20  ? -18.222 -11.533 -0.396  1.00 73.27  ? 51  GLY J N   1 
ATOM 851  C CA  . GLY B 1 20  ? -18.223 -10.138 -0.838  1.00 71.42  ? 51  GLY J CA  1 
ATOM 852  C C   . GLY B 1 20  ? -17.264 -9.742  -1.950  1.00 67.46  ? 51  GLY J C   1 
ATOM 853  O O   . GLY B 1 20  ? -17.618 -9.724  -3.129  1.00 62.48  ? 51  GLY J O   1 
ATOM 854  N N   . CYS B 1 21  ? -16.051 -9.380  -1.577  1.00 64.63  ? 52  CYS J N   1 
ATOM 855  C CA  . CYS B 1 21  ? -15.127 -8.824  -2.545  1.00 68.52  ? 52  CYS J CA  1 
ATOM 856  C C   . CYS B 1 21  ? -13.735 -9.190  -2.090  1.00 62.61  ? 52  CYS J C   1 
ATOM 857  O O   . CYS B 1 21  ? -13.367 -8.930  -0.948  1.00 62.60  ? 52  CYS J O   1 
ATOM 858  C CB  . CYS B 1 21  ? -15.328 -7.308  -2.625  1.00 73.63  ? 52  CYS J CB  1 
ATOM 859  S SG  . CYS B 1 21  ? -14.474 -6.383  -3.929  1.00 82.37  ? 52  CYS J SG  1 
ATOM 860  N N   . LEU B 1 22  ? -12.980 -9.830  -2.972  1.00 56.69  ? 53  LEU J N   1 
ATOM 861  C CA  . LEU B 1 22  ? -11.730 -10.449 -2.570  1.00 56.92  ? 53  LEU J CA  1 
ATOM 862  C C   . LEU B 1 22  ? -10.487 -9.722  -3.061  1.00 54.41  ? 53  LEU J C   1 
ATOM 863  O O   . LEU B 1 22  ? -9.434  -9.831  -2.448  1.00 48.69  ? 53  LEU J O   1 
ATOM 864  C CB  . LEU B 1 22  ? -11.716 -11.897 -3.026  1.00 58.30  ? 53  LEU J CB  1 
ATOM 865  C CG  . LEU B 1 22  ? -12.880 -12.745 -2.505  1.00 60.88  ? 53  LEU J CG  1 
ATOM 866  C CD1 . LEU B 1 22  ? -12.595 -14.205 -2.807  1.00 63.13  ? 53  LEU J CD1 1 
ATOM 867  C CD2 . LEU B 1 22  ? -13.125 -12.574 -1.012  1.00 62.43  ? 53  LEU J CD2 1 
ATOM 868  N N   . ARG B 1 23  ? -10.608 -9.005  -4.171  1.00 55.36  ? 54  ARG J N   1 
ATOM 869  C CA  . ARG B 1 23  ? -9.564  -8.091  -4.612  1.00 55.83  ? 54  ARG J CA  1 
ATOM 870  C C   . ARG B 1 23  ? -10.231 -6.817  -5.120  1.00 56.89  ? 54  ARG J C   1 
ATOM 871  O O   . ARG B 1 23  ? -11.300 -6.865  -5.723  1.00 58.85  ? 54  ARG J O   1 
ATOM 872  C CB  . ARG B 1 23  ? -8.682  -8.726  -5.696  1.00 54.09  ? 54  ARG J CB  1 
ATOM 873  N N   . CYS B 1 24  ? -9.601  -5.682  -4.845  1.00 58.39  ? 55  CYS J N   1 
ATOM 874  C CA  . CYS B 1 24  ? -10.104 -4.390  -5.276  1.00 60.14  ? 55  CYS J CA  1 
ATOM 875  C C   . CYS B 1 24  ? -9.303  -3.878  -6.455  1.00 59.99  ? 55  CYS J C   1 
ATOM 876  O O   . CYS B 1 24  ? -8.152  -4.291  -6.660  1.00 53.64  ? 55  CYS J O   1 
ATOM 877  C CB  . CYS B 1 24  ? -9.985  -3.365  -4.149  1.00 61.31  ? 55  CYS J CB  1 
ATOM 878  S SG  . CYS B 1 24  ? -11.028 -3.688  -2.720  1.00 60.58  ? 55  CYS J SG  1 
ATOM 879  N N   . GLN B 1 25  ? -9.925  -2.969  -7.214  1.00 62.77  ? 56  GLN J N   1 
ATOM 880  C CA  . GLN B 1 25  ? -9.224  -2.198  -8.224  1.00 63.20  ? 56  GLN J CA  1 
ATOM 881  C C   . GLN B 1 25  ? -8.117  -1.517  -7.475  1.00 61.82  ? 56  GLN J C   1 
ATOM 882  O O   . GLN B 1 25  ? -8.335  -1.024  -6.369  1.00 63.79  ? 56  GLN J O   1 
ATOM 883  C CB  . GLN B 1 25  ? -10.121 -1.143  -8.854  1.00 68.08  ? 56  GLN J CB  1 
ATOM 884  C CG  . GLN B 1 25  ? -11.219 -1.691  -9.744  1.00 72.43  ? 56  GLN J CG  1 
ATOM 885  C CD  . GLN B 1 25  ? -12.326 -0.676  -9.992  1.00 78.85  ? 56  GLN J CD  1 
ATOM 886  O OE1 . GLN B 1 25  ? -12.066 0.522   -10.164 1.00 80.05  ? 56  GLN J OE1 1 
ATOM 887  N NE2 . GLN B 1 25  ? -13.573 -1.152  -10.018 1.00 81.50  ? 56  GLN J NE2 1 
ATOM 888  N N   . PRO B 1 26  ? -6.934  -1.456  -8.085  1.00 60.34  ? 57  PRO J N   1 
ATOM 889  C CA  . PRO B 1 26  ? -5.705  -1.187  -7.346  1.00 59.11  ? 57  PRO J CA  1 
ATOM 890  C C   . PRO B 1 26  ? -5.729  0.150   -6.585  1.00 57.56  ? 57  PRO J C   1 
ATOM 891  O O   . PRO B 1 26  ? -5.317  0.215   -5.434  1.00 59.44  ? 57  PRO J O   1 
ATOM 892  C CB  . PRO B 1 26  ? -4.638  -1.208  -8.439  1.00 59.58  ? 57  PRO J CB  1 
ATOM 893  C CG  . PRO B 1 26  ? -5.355  -0.809  -9.688  1.00 61.65  ? 57  PRO J CG  1 
ATOM 894  C CD  . PRO B 1 26  ? -6.791  -1.206  -9.532  1.00 60.84  ? 57  PRO J CD  1 
ATOM 895  N N   . LYS B 1 27  ? -6.254  1.193   -7.208  1.00 55.22  ? 58  LYS J N   1 
ATOM 896  C CA  . LYS B 1 27  ? -6.315  2.491   -6.578  1.00 53.24  ? 58  LYS J CA  1 
ATOM 897  C C   . LYS B 1 27  ? -7.251  2.541   -5.357  1.00 52.24  ? 58  LYS J C   1 
ATOM 898  O O   . LYS B 1 27  ? -7.261  3.543   -4.648  1.00 55.19  ? 58  LYS J O   1 
ATOM 899  C CB  . LYS B 1 27  ? -6.733  3.543   -7.611  1.00 54.04  ? 58  LYS J CB  1 
ATOM 900  N N   . LEU B 1 28  ? -8.029  1.488   -5.100  1.00 50.12  ? 59  LEU J N   1 
ATOM 901  C CA  . LEU B 1 28  ? -8.983  1.480   -3.964  1.00 49.35  ? 59  LEU J CA  1 
ATOM 902  C C   . LEU B 1 28  ? -8.458  0.790   -2.702  1.00 47.18  ? 59  LEU J C   1 
ATOM 903  O O   . LEU B 1 28  ? -7.492  0.022   -2.761  1.00 46.65  ? 59  LEU J O   1 
ATOM 904  C CB  . LEU B 1 28  ? -10.292 0.799   -4.376  1.00 50.65  ? 59  LEU J CB  1 
ATOM 905  C CG  . LEU B 1 28  ? -11.147 1.523   -5.424  1.00 49.70  ? 59  LEU J CG  1 
ATOM 906  C CD1 . LEU B 1 28  ? -12.173 0.570   -6.016  1.00 50.07  ? 59  LEU J CD1 1 
ATOM 907  C CD2 . LEU B 1 28  ? -11.837 2.742   -4.823  1.00 48.11  ? 59  LEU J CD2 1 
ATOM 908  N N   . PHE B 1 29  ? -9.138  1.047   -1.577  1.00 45.58  ? 60  PHE J N   1 
ATOM 909  C CA  . PHE B 1 29  ? -8.764  0.522   -0.238  1.00 46.11  ? 60  PHE J CA  1 
ATOM 910  C C   . PHE B 1 29  ? -9.686  -0.604  0.271   1.00 45.62  ? 60  PHE J C   1 
ATOM 911  O O   . PHE B 1 29  ? -10.880 -0.387  0.479   1.00 45.64  ? 60  PHE J O   1 
ATOM 912  C CB  . PHE B 1 29  ? -8.787  1.658   0.810   1.00 46.82  ? 60  PHE J CB  1 
ATOM 913  C CG  . PHE B 1 29  ? -7.612  2.610   0.731   1.00 46.64  ? 60  PHE J CG  1 
ATOM 914  C CD1 . PHE B 1 29  ? -7.575  3.612   -0.216  1.00 44.83  ? 60  PHE J CD1 1 
ATOM 915  C CD2 . PHE B 1 29  ? -6.562  2.513   1.620   1.00 47.21  ? 60  PHE J CD2 1 
ATOM 916  C CE1 . PHE B 1 29  ? -6.512  4.481   -0.298  1.00 41.79  ? 60  PHE J CE1 1 
ATOM 917  C CE2 . PHE B 1 29  ? -5.495  3.384   1.536   1.00 45.92  ? 60  PHE J CE2 1 
ATOM 918  C CZ  . PHE B 1 29  ? -5.477  4.364   0.574   1.00 43.30  ? 60  PHE J CZ  1 
ATOM 919  N N   . PHE B 1 30  ? -9.130  -1.788  0.509   1.00 45.90  ? 61  PHE J N   1 
ATOM 920  C CA  . PHE B 1 30  ? -9.906  -2.918  1.026   1.00 47.01  ? 61  PHE J CA  1 
ATOM 921  C C   . PHE B 1 30  ? -10.368 -2.664  2.451   1.00 48.63  ? 61  PHE J C   1 
ATOM 922  O O   . PHE B 1 30  ? -9.560  -2.302  3.295   1.00 50.91  ? 61  PHE J O   1 
ATOM 923  C CB  . PHE B 1 30  ? -9.059  -4.177  1.013   1.00 47.88  ? 61  PHE J CB  1 
ATOM 924  C CG  . PHE B 1 30  ? -9.803  -5.404  1.434   1.00 49.13  ? 61  PHE J CG  1 
ATOM 925  C CD1 . PHE B 1 30  ? -10.536 -6.126  0.519   1.00 47.67  ? 61  PHE J CD1 1 
ATOM 926  C CD2 . PHE B 1 30  ? -9.758  -5.846  2.745   1.00 51.82  ? 61  PHE J CD2 1 
ATOM 927  C CE1 . PHE B 1 30  ? -11.219 -7.262  0.899   1.00 47.81  ? 61  PHE J CE1 1 
ATOM 928  C CE2 . PHE B 1 30  ? -10.439 -6.991  3.133   1.00 50.56  ? 61  PHE J CE2 1 
ATOM 929  C CZ  . PHE B 1 30  ? -11.168 -7.698  2.206   1.00 48.56  ? 61  PHE J CZ  1 
ATOM 930  N N   . TYR B 1 31  ? -11.662 -2.850  2.710   1.00 50.04  ? 62  TYR J N   1 
ATOM 931  C CA  . TYR B 1 31  ? -12.250 -2.620  4.036   1.00 51.23  ? 62  TYR J CA  1 
ATOM 932  C C   . TYR B 1 31  ? -13.177 -3.755  4.377   1.00 51.61  ? 62  TYR J C   1 
ATOM 933  O O   . TYR B 1 31  ? -14.030 -4.110  3.574   1.00 51.89  ? 62  TYR J O   1 
ATOM 934  C CB  . TYR B 1 31  ? -13.063 -1.333  4.057   1.00 51.49  ? 62  TYR J CB  1 
ATOM 935  C CG  . TYR B 1 31  ? -13.883 -1.143  5.322   1.00 53.07  ? 62  TYR J CG  1 
ATOM 936  C CD1 . TYR B 1 31  ? -13.268 -0.822  6.515   1.00 55.12  ? 62  TYR J CD1 1 
ATOM 937  C CD2 . TYR B 1 31  ? -15.275 -1.272  5.323   1.00 55.49  ? 62  TYR J CD2 1 
ATOM 938  C CE1 . TYR B 1 31  ? -13.996 -0.644  7.682   1.00 55.98  ? 62  TYR J CE1 1 
ATOM 939  C CE2 . TYR B 1 31  ? -16.013 -1.091  6.491   1.00 56.15  ? 62  TYR J CE2 1 
ATOM 940  C CZ  . TYR B 1 31  ? -15.360 -0.783  7.673   1.00 55.41  ? 62  TYR J CZ  1 
ATOM 941  O OH  . TYR B 1 31  ? -16.030 -0.601  8.859   1.00 51.60  ? 62  TYR J OH  1 
ATOM 942  N N   . LEU B 1 32  ? -13.043 -4.291  5.582   1.00 51.20  ? 63  LEU J N   1 
ATOM 943  C CA  . LEU B 1 32  ? -13.796 -5.466  5.968   1.00 51.51  ? 63  LEU J CA  1 
ATOM 944  C C   . LEU B 1 32  ? -14.978 -5.107  6.857   1.00 52.92  ? 63  LEU J C   1 
ATOM 945  O O   . LEU B 1 32  ? -14.865 -5.097  8.089   1.00 49.51  ? 63  LEU J O   1 
ATOM 946  C CB  . LEU B 1 32  ? -12.878 -6.440  6.689   1.00 52.73  ? 63  LEU J CB  1 
ATOM 947  C CG  . LEU B 1 32  ? -13.493 -7.817  6.908   1.00 54.92  ? 63  LEU J CG  1 
ATOM 948  C CD1 . LEU B 1 32  ? -12.769 -8.840  6.044   1.00 54.35  ? 63  LEU J CD1 1 
ATOM 949  C CD2 . LEU B 1 32  ? -13.450 -8.208  8.382   1.00 55.35  ? 63  LEU J CD2 1 
ATOM 950  N N   . ARG B 1 33  ? -16.115 -4.842  6.219   1.00 57.11  ? 64  ARG J N   1 
ATOM 951  C CA  . ARG B 1 33  ? -17.357 -4.515  6.929   1.00 64.66  ? 64  ARG J CA  1 
ATOM 952  C C   . ARG B 1 33  ? -17.834 -5.670  7.789   1.00 69.82  ? 64  ARG J C   1 
ATOM 953  O O   . ARG B 1 33  ? -18.060 -6.758  7.287   1.00 69.86  ? 64  ARG J O   1 
ATOM 954  C CB  . ARG B 1 33  ? -18.470 -4.153  5.946   1.00 63.10  ? 64  ARG J CB  1 
ATOM 955  N N   . ARG B 1 34  ? -17.973 -5.429  9.088   1.00 81.11  ? 65  ARG J N   1 
ATOM 956  C CA  . ARG B 1 34  ? -18.502 -6.435  10.003  1.00 87.87  ? 65  ARG J CA  1 
ATOM 957  C C   . ARG B 1 34  ? -19.997 -6.187  10.113  1.00 88.99  ? 65  ARG J C   1 
ATOM 958  O O   . ARG B 1 34  ? -20.445 -5.461  10.994  1.00 92.27  ? 65  ARG J O   1 
ATOM 959  C CB  . ARG B 1 34  ? -17.819 -6.331  11.374  1.00 86.06  ? 65  ARG J CB  1 
ATOM 960  N N   . GLU B 1 35  ? -20.764 -6.771  9.195   1.00 93.70  ? 66  GLU J N   1 
ATOM 961  C CA  . GLU B 1 35  ? -22.196 -6.453  9.062   1.00 97.85  ? 66  GLU J CA  1 
ATOM 962  C C   . GLU B 1 35  ? -23.053 -7.374  9.938   1.00 90.07  ? 66  GLU J C   1 
ATOM 963  O O   . GLU B 1 35  ? -23.815 -8.205  9.437   1.00 73.59  ? 66  GLU J O   1 
ATOM 964  C CB  . GLU B 1 35  ? -22.643 -6.521  7.588   1.00 106.01 ? 66  GLU J CB  1 
ATOM 965  C CG  . GLU B 1 35  ? -21.851 -5.636  6.608   1.00 109.10 ? 66  GLU J CG  1 
ATOM 966  C CD  . GLU B 1 35  ? -22.148 -4.141  6.712   1.00 108.36 ? 66  GLU J CD  1 
ATOM 967  O OE1 . GLU B 1 35  ? -23.067 -3.751  7.469   1.00 103.99 ? 66  GLU J OE1 1 
ATOM 968  O OE2 . GLU B 1 35  ? -21.458 -3.348  6.024   1.00 101.98 ? 66  GLU J OE2 1 
ATOM 969  N N   . GLY B 1 36  ? -22.916 -7.195  11.254  1.00 90.13  ? 67  GLY J N   1 
ATOM 970  C CA  . GLY B 1 36  ? -23.591 -8.020  12.246  1.00 85.07  ? 67  GLY J CA  1 
ATOM 971  C C   . GLY B 1 36  ? -23.057 -9.437  12.225  1.00 83.53  ? 67  GLY J C   1 
ATOM 972  O O   . GLY B 1 36  ? -21.970 -9.710  12.738  1.00 78.65  ? 67  GLY J O   1 
ATOM 973  N N   . MET B 1 37  ? -23.822 -10.334 11.609  1.00 82.35  ? 68  MET J N   1 
ATOM 974  C CA  . MET B 1 37  ? -23.447 -11.738 11.511  1.00 85.93  ? 68  MET J CA  1 
ATOM 975  C C   . MET B 1 37  ? -22.416 -11.944 10.403  1.00 86.69  ? 68  MET J C   1 
ATOM 976  O O   . MET B 1 37  ? -21.383 -12.574 10.613  1.00 85.69  ? 68  MET J O   1 
ATOM 977  C CB  . MET B 1 37  ? -24.683 -12.595 11.222  1.00 88.16  ? 68  MET J CB  1 
ATOM 978  C CG  . MET B 1 37  ? -24.480 -14.083 11.483  1.00 86.93  ? 68  MET J CG  1 
ATOM 979  S SD  . MET B 1 37  ? -25.368 -14.700 12.931  1.00 81.50  ? 68  MET J SD  1 
ATOM 980  C CE  . MET B 1 37  ? -27.038 -14.891 12.285  1.00 80.59  ? 68  MET J CE  1 
ATOM 981  N N   . ARG B 1 38  ? -22.710 -11.415 9.221   1.00 90.00  ? 69  ARG J N   1 
ATOM 982  C CA  . ARG B 1 38  ? -21.826 -11.564 8.075   1.00 86.22  ? 69  ARG J CA  1 
ATOM 983  C C   . ARG B 1 38  ? -20.629 -10.608 8.144   1.00 88.68  ? 69  ARG J C   1 
ATOM 984  O O   . ARG B 1 38  ? -20.562 -9.705  8.997   1.00 82.69  ? 69  ARG J O   1 
ATOM 985  C CB  . ARG B 1 38  ? -22.603 -11.345 6.775   1.00 78.78  ? 69  ARG J CB  1 
ATOM 986  N N   . GLN B 1 39  ? -19.674 -10.853 7.248   1.00 90.77  ? 70  GLN J N   1 
ATOM 987  C CA  . GLN B 1 39  ? -18.577 -9.931  6.982   1.00 86.14  ? 70  GLN J CA  1 
ATOM 988  C C   . GLN B 1 39  ? -18.335 -9.831  5.466   1.00 85.06  ? 70  GLN J C   1 
ATOM 989  O O   . GLN B 1 39  ? -18.189 -10.841 4.780   1.00 81.96  ? 70  GLN J O   1 
ATOM 990  C CB  . GLN B 1 39  ? -17.316 -10.356 7.735   1.00 83.83  ? 70  GLN J CB  1 
ATOM 991  C CG  . GLN B 1 39  ? -17.480 -10.293 9.248   1.00 85.28  ? 70  GLN J CG  1 
ATOM 992  C CD  . GLN B 1 39  ? -16.180 -10.014 9.983   1.00 84.94  ? 70  GLN J CD  1 
ATOM 993  O OE1 . GLN B 1 39  ? -15.203 -10.752 9.850   1.00 75.88  ? 70  GLN J OE1 1 
ATOM 994  N NE2 . GLN B 1 39  ? -16.168 -8.945  10.778  1.00 86.72  ? 70  GLN J NE2 1 
ATOM 995  N N   . TYR B 1 40  ? -18.334 -8.600  4.960   1.00 89.26  ? 71  TYR J N   1 
ATOM 996  C CA  . TYR B 1 40  ? -18.180 -8.305  3.536   1.00 86.05  ? 71  TYR J CA  1 
ATOM 997  C C   . TYR B 1 40  ? -16.994 -7.358  3.334   1.00 76.79  ? 71  TYR J C   1 
ATOM 998  O O   . TYR B 1 40  ? -16.909 -6.304  3.965   1.00 77.42  ? 71  TYR J O   1 
ATOM 999  C CB  . TYR B 1 40  ? -19.474 -7.680  2.983   1.00 88.27  ? 71  TYR J CB  1 
ATOM 1000 C CG  . TYR B 1 40  ? -20.676 -8.573  3.188   1.00 104.17 ? 71  TYR J CG  1 
ATOM 1001 C CD1 . TYR B 1 40  ? -20.980 -9.600  2.287   1.00 117.55 ? 71  TYR J CD1 1 
ATOM 1002 C CD2 . TYR B 1 40  ? -21.497 -8.426  4.303   1.00 114.32 ? 71  TYR J CD2 1 
ATOM 1003 C CE1 . TYR B 1 40  ? -22.077 -10.443 2.486   1.00 120.21 ? 71  TYR J CE1 1 
ATOM 1004 C CE2 . TYR B 1 40  ? -22.597 -9.262  4.512   1.00 120.77 ? 71  TYR J CE2 1 
ATOM 1005 C CZ  . TYR B 1 40  ? -22.888 -10.273 3.604   1.00 116.14 ? 71  TYR J CZ  1 
ATOM 1006 O OH  . TYR B 1 40  ? -23.976 -11.102 3.810   1.00 96.15  ? 71  TYR J OH  1 
ATOM 1007 N N   . GLY B 1 41  ? -16.067 -7.749  2.471   1.00 66.38  ? 72  GLY J N   1 
ATOM 1008 C CA  . GLY B 1 41  ? -15.047 -6.834  1.997   1.00 60.85  ? 72  GLY J CA  1 
ATOM 1009 C C   . GLY B 1 41  ? -15.638 -5.841  1.011   1.00 57.94  ? 72  GLY J C   1 
ATOM 1010 O O   . GLY B 1 41  ? -16.142 -6.239  -0.036  1.00 57.15  ? 72  GLY J O   1 
ATOM 1011 N N   . GLU B 1 42  ? -15.598 -4.553  1.357   1.00 53.72  ? 73  GLU J N   1 
ATOM 1012 C CA  . GLU B 1 42  ? -15.985 -3.481  0.448   1.00 51.22  ? 73  GLU J CA  1 
ATOM 1013 C C   . GLU B 1 42  ? -14.708 -2.958  -0.170  1.00 49.70  ? 73  GLU J C   1 
ATOM 1014 O O   . GLU B 1 42  ? -13.646 -3.192  0.358   1.00 51.34  ? 73  GLU J O   1 
ATOM 1015 C CB  . GLU B 1 42  ? -16.686 -2.341  1.196   1.00 52.80  ? 73  GLU J CB  1 
ATOM 1016 C CG  . GLU B 1 42  ? -17.654 -2.778  2.297   1.00 55.85  ? 73  GLU J CG  1 
ATOM 1017 C CD  . GLU B 1 42  ? -18.473 -1.632  2.900   1.00 57.51  ? 73  GLU J CD  1 
ATOM 1018 O OE1 . GLU B 1 42  ? -18.507 -0.534  2.314   1.00 60.40  ? 73  GLU J OE1 1 
ATOM 1019 O OE2 . GLU B 1 42  ? -19.100 -1.826  3.968   1.00 58.88  ? 73  GLU J OE2 1 
ATOM 1020 N N   . CYS B 1 43  ? -14.805 -2.248  -1.284  1.00 52.86  ? 74  CYS J N   1 
ATOM 1021 C CA  . CYS B 1 43  ? -13.665 -1.510  -1.843  1.00 54.60  ? 74  CYS J CA  1 
ATOM 1022 C C   . CYS B 1 43  ? -13.925 -0.005  -1.780  1.00 54.01  ? 74  CYS J C   1 
ATOM 1023 O O   . CYS B 1 43  ? -14.406 0.569   -2.749  1.00 57.08  ? 74  CYS J O   1 
ATOM 1024 C CB  . CYS B 1 43  ? -13.428 -1.922  -3.292  1.00 56.73  ? 74  CYS J CB  1 
ATOM 1025 S SG  . CYS B 1 43  ? -12.911 -3.641  -3.480  1.00 61.00  ? 74  CYS J SG  1 
ATOM 1026 N N   . LEU B 1 44  ? -13.614 0.619   -0.645  1.00 51.12  ? 75  LEU J N   1 
ATOM 1027 C CA  . LEU B 1 44  ? -13.799 2.057   -0.454  1.00 49.24  ? 75  LEU J CA  1 
ATOM 1028 C C   . LEU B 1 44  ? -12.678 2.918   -1.065  1.00 49.29  ? 75  LEU J C   1 
ATOM 1029 O O   . LEU B 1 44  ? -11.611 2.418   -1.415  1.00 52.02  ? 75  LEU J O   1 
ATOM 1030 C CB  . LEU B 1 44  ? -13.901 2.354   1.032   1.00 51.70  ? 75  LEU J CB  1 
ATOM 1031 C CG  . LEU B 1 44  ? -15.195 1.885   1.700   1.00 54.00  ? 75  LEU J CG  1 
ATOM 1032 C CD1 . LEU B 1 44  ? -14.963 1.619   3.177   1.00 54.88  ? 75  LEU J CD1 1 
ATOM 1033 C CD2 . LEU B 1 44  ? -16.305 2.917   1.538   1.00 55.43  ? 75  LEU J CD2 1 
ATOM 1034 N N   . GLN B 1 45  ? -12.945 4.217   -1.196  1.00 48.77  ? 76  GLN J N   1 
ATOM 1035 C CA  . GLN B 1 45  ? -11.994 5.185   -1.758  1.00 48.01  ? 76  GLN J CA  1 
ATOM 1036 C C   . GLN B 1 45  ? -11.201 5.884   -0.662  1.00 45.91  ? 76  GLN J C   1 
ATOM 1037 O O   . GLN B 1 45  ? -10.125 6.432   -0.897  1.00 43.40  ? 76  GLN J O   1 
ATOM 1038 C CB  . GLN B 1 45  ? -12.729 6.237   -2.589  1.00 50.37  ? 76  GLN J CB  1 
ATOM 1039 C CG  . GLN B 1 45  ? -12.766 5.912   -4.076  1.00 56.50  ? 76  GLN J CG  1 
ATOM 1040 C CD  . GLN B 1 45  ? -13.192 7.101   -4.938  1.00 62.66  ? 76  GLN J CD  1 
ATOM 1041 O OE1 . GLN B 1 45  ? -12.477 7.518   -5.862  1.00 59.18  ? 76  GLN J OE1 1 
ATOM 1042 N NE2 . GLN B 1 45  ? -14.365 7.655   -4.633  1.00 67.96  ? 76  GLN J NE2 1 
ATOM 1043 N N   . SER B 1 46  ? -11.771 5.902   0.528   1.00 44.69  ? 77  SER J N   1 
ATOM 1044 C CA  . SER B 1 46  ? -11.076 6.380   1.690   1.00 45.71  ? 77  SER J CA  1 
ATOM 1045 C C   . SER B 1 46  ? -11.688 5.682   2.884   1.00 45.85  ? 77  SER J C   1 
ATOM 1046 O O   . SER B 1 46  ? -12.854 5.300   2.831   1.00 43.88  ? 77  SER J O   1 
ATOM 1047 C CB  . SER B 1 46  ? -11.171 7.900   1.794   1.00 47.43  ? 77  SER J CB  1 
ATOM 1048 O OG  . SER B 1 46  ? -11.972 8.438   0.761   1.00 49.81  ? 77  SER J OG  1 
ATOM 1049 N N   . CYS B 1 47  ? -10.884 5.496   3.938   1.00 46.90  ? 78  CYS J N   1 
ATOM 1050 C CA  . CYS B 1 47  ? -11.281 4.696   5.110   1.00 44.61  ? 78  CYS J CA  1 
ATOM 1051 C C   . CYS B 1 47  ? -12.058 5.519   6.146   1.00 40.06  ? 78  CYS J C   1 
ATOM 1052 O O   . CYS B 1 47  ? -11.807 6.706   6.334   1.00 38.29  ? 78  CYS J O   1 
ATOM 1053 C CB  . CYS B 1 47  ? -10.062 4.055   5.784   1.00 45.66  ? 78  CYS J CB  1 
ATOM 1054 S SG  . CYS B 1 47  ? -8.982  3.126   4.672   1.00 47.47  ? 78  CYS J SG  1 
ATOM 1055 N N   . PRO B 1 48  ? -13.014 4.877   6.818   1.00 37.46  ? 79  PRO J N   1 
ATOM 1056 C CA  . PRO B 1 48  ? -13.813 5.574   7.804   1.00 35.47  ? 79  PRO J CA  1 
ATOM 1057 C C   . PRO B 1 48  ? -13.061 5.787   9.086   1.00 33.98  ? 79  PRO J C   1 
ATOM 1058 O O   . PRO B 1 48  ? -12.051 5.137   9.320   1.00 33.75  ? 79  PRO J O   1 
ATOM 1059 C CB  . PRO B 1 48  ? -14.987 4.635   8.039   1.00 36.66  ? 79  PRO J CB  1 
ATOM 1060 C CG  . PRO B 1 48  ? -14.541 3.285   7.602   1.00 37.08  ? 79  PRO J CG  1 
ATOM 1061 C CD  . PRO B 1 48  ? -13.457 3.487   6.594   1.00 37.92  ? 79  PRO J CD  1 
ATOM 1062 N N   . PRO B 1 49  ? -13.551 6.695   9.919   1.00 33.84  ? 80  PRO J N   1 
ATOM 1063 C CA  . PRO B 1 49  ? -12.870 6.973   11.175  1.00 35.46  ? 80  PRO J CA  1 
ATOM 1064 C C   . PRO B 1 49  ? -12.657 5.701   11.980  1.00 37.45  ? 80  PRO J C   1 
ATOM 1065 O O   . PRO B 1 49  ? -13.457 4.778   11.888  1.00 37.26  ? 80  PRO J O   1 
ATOM 1066 C CB  . PRO B 1 49  ? -13.813 7.929   11.913  1.00 34.24  ? 80  PRO J CB  1 
ATOM 1067 C CG  . PRO B 1 49  ? -14.874 8.315   10.950  1.00 34.37  ? 80  PRO J CG  1 
ATOM 1068 C CD  . PRO B 1 49  ? -14.653 7.623   9.642   1.00 33.88  ? 80  PRO J CD  1 
ATOM 1069 N N   . GLY B 1 50  ? -11.566 5.653   12.739  1.00 39.55  ? 81  GLY J N   1 
ATOM 1070 C CA  . GLY B 1 50  ? -11.192 4.453   13.477  1.00 40.71  ? 81  GLY J CA  1 
ATOM 1071 C C   . GLY B 1 50  ? -10.370 3.505   12.629  1.00 43.33  ? 81  GLY J C   1 
ATOM 1072 O O   . GLY B 1 50  ? -9.888  2.474   13.110  1.00 44.29  ? 81  GLY J O   1 
ATOM 1073 N N   . TYR B 1 51  ? -10.223 3.848   11.354  1.00 46.57  ? 82  TYR J N   1 
ATOM 1074 C CA  . TYR B 1 51  ? -9.298  3.155   10.471  1.00 46.67  ? 82  TYR J CA  1 
ATOM 1075 C C   . TYR B 1 51  ? -8.333  4.145   9.859   1.00 44.00  ? 82  TYR J C   1 
ATOM 1076 O O   . TYR B 1 51  ? -8.532  5.357   9.934   1.00 43.62  ? 82  TYR J O   1 
ATOM 1077 C CB  . TYR B 1 51  ? -10.053 2.433   9.358   1.00 47.77  ? 82  TYR J CB  1 
ATOM 1078 C CG  . TYR B 1 51  ? -11.054 1.448   9.887   1.00 45.32  ? 82  TYR J CG  1 
ATOM 1079 C CD1 . TYR B 1 51  ? -12.250 1.889   10.415  1.00 43.34  ? 82  TYR J CD1 1 
ATOM 1080 C CD2 . TYR B 1 51  ? -10.800 0.080   9.868   1.00 42.74  ? 82  TYR J CD2 1 
ATOM 1081 C CE1 . TYR B 1 51  ? -13.176 1.004   10.906  1.00 43.52  ? 82  TYR J CE1 1 
ATOM 1082 C CE2 . TYR B 1 51  ? -11.724 -0.814  10.360  1.00 42.61  ? 82  TYR J CE2 1 
ATOM 1083 C CZ  . TYR B 1 51  ? -12.914 -0.342  10.886  1.00 43.36  ? 82  TYR J CZ  1 
ATOM 1084 O OH  . TYR B 1 51  ? -13.874 -1.191  11.391  1.00 43.45  ? 82  TYR J OH  1 
ATOM 1085 N N   . TYR B 1 52  ? -7.287  3.612   9.261   1.00 41.99  ? 83  TYR J N   1 
ATOM 1086 C CA  . TYR B 1 52  ? -6.361  4.432   8.520   1.00 42.63  ? 83  TYR J CA  1 
ATOM 1087 C C   . TYR B 1 52  ? -5.991  3.711   7.251   1.00 41.50  ? 83  TYR J C   1 
ATOM 1088 O O   . TYR B 1 52  ? -5.878  2.477   7.217   1.00 39.44  ? 83  TYR J O   1 
ATOM 1089 C CB  . TYR B 1 52  ? -5.114  4.740   9.348   1.00 43.18  ? 83  TYR J CB  1 
ATOM 1090 C CG  . TYR B 1 52  ? -4.367  3.519   9.850   1.00 44.03  ? 83  TYR J CG  1 
ATOM 1091 C CD1 . TYR B 1 52  ? -4.806  2.830   10.980  1.00 45.22  ? 83  TYR J CD1 1 
ATOM 1092 C CD2 . TYR B 1 52  ? -3.210  3.070   9.214   1.00 41.89  ? 83  TYR J CD2 1 
ATOM 1093 C CE1 . TYR B 1 52  ? -4.123  1.727   11.453  1.00 44.99  ? 83  TYR J CE1 1 
ATOM 1094 C CE2 . TYR B 1 52  ? -2.527  1.969   9.680   1.00 42.22  ? 83  TYR J CE2 1 
ATOM 1095 C CZ  . TYR B 1 52  ? -2.991  1.307   10.795  1.00 44.57  ? 83  TYR J CZ  1 
ATOM 1096 O OH  . TYR B 1 52  ? -2.333  0.210   11.258  1.00 47.22  ? 83  TYR J OH  1 
ATOM 1097 N N   . GLY B 1 53  ? -5.822  4.493   6.200   1.00 40.39  ? 84  GLY J N   1 
ATOM 1098 C CA  . GLY B 1 53  ? -5.516  3.943   4.899   1.00 40.88  ? 84  GLY J CA  1 
ATOM 1099 C C   . GLY B 1 53  ? -4.058  3.595   4.866   1.00 38.32  ? 84  GLY J C   1 
ATOM 1100 O O   . GLY B 1 53  ? -3.265  4.275   5.483   1.00 36.87  ? 84  GLY J O   1 
ATOM 1101 N N   . VAL B 1 54  ? -3.715  2.507   4.189   1.00 39.20  ? 85  VAL J N   1 
ATOM 1102 C CA  . VAL B 1 54  ? -2.316  2.127   4.000   1.00 39.77  ? 85  VAL J CA  1 
ATOM 1103 C C   . VAL B 1 54  ? -2.112  1.377   2.703   1.00 39.55  ? 85  VAL J C   1 
ATOM 1104 O O   . VAL B 1 54  ? -2.934  0.531   2.334   1.00 39.82  ? 85  VAL J O   1 
ATOM 1105 C CB  . VAL B 1 54  ? -1.810  1.198   5.096   1.00 40.14  ? 85  VAL J CB  1 
ATOM 1106 C CG1 . VAL B 1 54  ? -0.380  0.774   4.799   1.00 40.96  ? 85  VAL J CG1 1 
ATOM 1107 C CG2 . VAL B 1 54  ? -1.867  1.907   6.427   1.00 43.45  ? 85  VAL J CG2 1 
ATOM 1108 N N   . ARG B 1 55  ? -1.004  1.684   2.029   1.00 37.81  ? 86  ARG J N   1 
ATOM 1109 C CA  . ARG B 1 55  ? -0.576  0.874   0.929   1.00 38.67  ? 86  ARG J CA  1 
ATOM 1110 C C   . ARG B 1 55  ? 0.213   -0.273  1.515   1.00 36.82  ? 86  ARG J C   1 
ATOM 1111 O O   . ARG B 1 55  ? 1.314   -0.093  2.010   1.00 35.64  ? 86  ARG J O   1 
ATOM 1112 C CB  . ARG B 1 55  ? 0.268   1.649   -0.057  1.00 41.19  ? 86  ARG J CB  1 
ATOM 1113 C CG  . ARG B 1 55  ? 0.443   0.902   -1.370  1.00 44.77  ? 86  ARG J CG  1 
ATOM 1114 C CD  . ARG B 1 55  ? 1.905   0.813   -1.774  1.00 48.12  ? 86  ARG J CD  1 
ATOM 1115 N NE  . ARG B 1 55  ? 2.133   -0.199  -2.802  1.00 48.76  ? 86  ARG J NE  1 
ATOM 1116 C CZ  . ARG B 1 55  ? 1.714   -0.094  -4.053  1.00 47.40  ? 86  ARG J CZ  1 
ATOM 1117 N NH1 . ARG B 1 55  ? 1.030   0.975   -4.451  1.00 45.94  ? 86  ARG J NH1 1 
ATOM 1118 N NH2 . ARG B 1 55  ? 1.976   -1.070  -4.908  1.00 50.27  ? 86  ARG J NH2 1 
ATOM 1119 N N   . GLY B 1 56  ? -0.398  -1.446  1.499   1.00 35.30  ? 87  GLY J N   1 
ATOM 1120 C CA  . GLY B 1 56  ? 0.235   -2.619  2.010   1.00 36.75  ? 87  GLY J CA  1 
ATOM 1121 C C   . GLY B 1 56  ? 1.135   -3.219  0.958   1.00 37.93  ? 87  GLY J C   1 
ATOM 1122 O O   . GLY B 1 56  ? 1.243   -2.685  -0.157  1.00 38.05  ? 87  GLY J O   1 
ATOM 1123 N N   . PRO B 1 57  ? 1.808   -4.323  1.315   1.00 37.33  ? 88  PRO J N   1 
ATOM 1124 C CA  . PRO B 1 57  ? 2.542   -5.102  0.336   1.00 38.27  ? 88  PRO J CA  1 
ATOM 1125 C C   . PRO B 1 57  ? 1.635   -5.833  -0.641  1.00 37.80  ? 88  PRO J C   1 
ATOM 1126 O O   . PRO B 1 57  ? 2.120   -6.318  -1.658  1.00 36.78  ? 88  PRO J O   1 
ATOM 1127 C CB  . PRO B 1 57  ? 3.334   -6.104  1.191   1.00 38.61  ? 88  PRO J CB  1 
ATOM 1128 C CG  . PRO B 1 57  ? 2.655   -6.111  2.518   1.00 38.82  ? 88  PRO J CG  1 
ATOM 1129 C CD  . PRO B 1 57  ? 2.136   -4.725  2.691   1.00 37.63  ? 88  PRO J CD  1 
ATOM 1130 N N   . ASP B 1 58  ? 0.339   -5.895  -0.337  1.00 39.57  ? 89  ASP J N   1 
ATOM 1131 C CA  . ASP B 1 58  ? -0.637  -6.671  -1.130  1.00 39.95  ? 89  ASP J CA  1 
ATOM 1132 C C   . ASP B 1 58  ? -1.749  -5.856  -1.747  1.00 39.66  ? 89  ASP J C   1 
ATOM 1133 O O   . ASP B 1 58  ? -2.315  -6.259  -2.747  1.00 41.68  ? 89  ASP J O   1 
ATOM 1134 C CB  . ASP B 1 58  ? -1.285  -7.753  -0.267  1.00 40.07  ? 89  ASP J CB  1 
ATOM 1135 C CG  . ASP B 1 58  ? -1.356  -7.377  1.207   1.00 41.46  ? 89  ASP J CG  1 
ATOM 1136 O OD1 . ASP B 1 58  ? -1.340  -6.164  1.580   1.00 38.32  ? 89  ASP J OD1 1 
ATOM 1137 O OD2 . ASP B 1 58  ? -1.414  -8.337  1.998   1.00 41.43  ? 89  ASP J OD2 1 
ATOM 1138 N N   . MET B 1 59  ? -2.079  -4.726  -1.138  1.00 39.95  ? 90  MET J N   1 
ATOM 1139 C CA  . MET B 1 59  ? -3.216  -3.929  -1.545  1.00 40.22  ? 90  MET J CA  1 
ATOM 1140 C C   . MET B 1 59  ? -3.297  -2.770  -0.615  1.00 39.71  ? 90  MET J C   1 
ATOM 1141 O O   . MET B 1 59  ? -2.773  -2.816  0.492   1.00 41.99  ? 90  MET J O   1 
ATOM 1142 C CB  . MET B 1 59  ? -4.507  -4.707  -1.377  1.00 43.23  ? 90  MET J CB  1 
ATOM 1143 C CG  . MET B 1 59  ? -4.619  -5.367  -0.014  1.00 45.96  ? 90  MET J CG  1 
ATOM 1144 S SD  . MET B 1 59  ? -6.178  -6.222  0.178   1.00 53.00  ? 90  MET J SD  1 
ATOM 1145 C CE  . MET B 1 59  ? -6.128  -7.346  -1.232  1.00 49.88  ? 90  MET J CE  1 
ATOM 1146 N N   . ASN B 1 60  ? -3.985  -1.732  -1.035  1.00 39.32  ? 91  ASN J N   1 
ATOM 1147 C CA  . ASN B 1 60  ? -4.300  -0.685  -0.113  1.00 39.26  ? 91  ASN J CA  1 
ATOM 1148 C C   . ASN B 1 60  ? -5.390  -1.199  0.750   1.00 40.03  ? 91  ASN J C   1 
ATOM 1149 O O   . ASN B 1 60  ? -6.206  -1.986  0.300   1.00 42.24  ? 91  ASN J O   1 
ATOM 1150 C CB  . ASN B 1 60  ? -4.714  0.553   -0.852  1.00 39.50  ? 91  ASN J CB  1 
ATOM 1151 C CG  . ASN B 1 60  ? -3.570  1.128   -1.608  1.00 38.94  ? 91  ASN J CG  1 
ATOM 1152 O OD1 . ASN B 1 60  ? -2.767  1.868   -1.051  1.00 40.93  ? 91  ASN J OD1 1 
ATOM 1153 N ND2 . ASN B 1 60  ? -3.439  0.738   -2.856  1.00 37.95  ? 91  ASN J ND2 1 
ATOM 1154 N N   . ARG B 1 61  ? -5.393  -0.797  2.005   1.00 41.53  ? 92  ARG J N   1 
ATOM 1155 C CA  . ARG B 1 61  ? -6.383  -1.323  2.918   1.00 42.71  ? 92  ARG J CA  1 
ATOM 1156 C C   . ARG B 1 61  ? -6.683  -0.370  4.066   1.00 43.55  ? 92  ARG J C   1 
ATOM 1157 O O   . ARG B 1 61  ? -5.960  0.598   4.306   1.00 42.50  ? 92  ARG J O   1 
ATOM 1158 C CB  . ARG B 1 61  ? -5.919  -2.674  3.451   1.00 41.90  ? 92  ARG J CB  1 
ATOM 1159 C CG  . ARG B 1 61  ? -4.669  -2.574  4.298   1.00 43.55  ? 92  ARG J CG  1 
ATOM 1160 C CD  . ARG B 1 61  ? -4.502  -3.741  5.258   1.00 43.90  ? 92  ARG J CD  1 
ATOM 1161 N NE  . ARG B 1 61  ? -3.971  -4.914  4.583   1.00 43.92  ? 92  ARG J NE  1 
ATOM 1162 C CZ  . ARG B 1 61  ? -4.704  -5.917  4.110   1.00 49.51  ? 92  ARG J CZ  1 
ATOM 1163 N NH1 . ARG B 1 61  ? -6.038  -5.918  4.238   1.00 52.64  ? 92  ARG J NH1 1 
ATOM 1164 N NH2 . ARG B 1 61  ? -4.098  -6.942  3.506   1.00 50.15  ? 92  ARG J NH2 1 
ATOM 1165 N N   . CYS B 1 62  ? -7.771  -0.667  4.763   1.00 44.71  ? 93  CYS J N   1 
ATOM 1166 C CA  . CYS B 1 62  ? -8.188  0.102   5.913   1.00 45.18  ? 93  CYS J CA  1 
ATOM 1167 C C   . CYS B 1 62  ? -7.932  -0.658  7.186   1.00 45.76  ? 93  CYS J C   1 
ATOM 1168 O O   . CYS B 1 62  ? -8.747  -1.486  7.594   1.00 48.83  ? 93  CYS J O   1 
ATOM 1169 C CB  . CYS B 1 62  ? -9.664  0.419   5.805   1.00 43.03  ? 93  CYS J CB  1 
ATOM 1170 S SG  . CYS B 1 62  ? -9.991  1.381   4.349   1.00 40.70  ? 93  CYS J SG  1 
ATOM 1171 N N   . SER B 1 63  ? -6.803  -0.371  7.819   1.00 45.38  ? 94  SER J N   1 
ATOM 1172 C CA  . SER B 1 63  ? -6.497  -0.996  9.091   1.00 43.97  ? 94  SER J CA  1 
ATOM 1173 C C   . SER B 1 63  ? -7.199  -0.273  10.204  1.00 41.81  ? 94  SER J C   1 
ATOM 1174 O O   . SER B 1 63  ? -7.306  0.946   10.202  1.00 39.01  ? 94  SER J O   1 
ATOM 1175 C CB  . SER B 1 63  ? -5.000  -1.044  9.322   1.00 44.33  ? 94  SER J CB  1 
ATOM 1176 O OG  . SER B 1 63  ? -4.439  -1.978  8.415   1.00 44.54  ? 94  SER J OG  1 
ATOM 1177 N N   . ARG B 1 64  ? -7.693  -1.060  11.141  1.00 43.02  ? 95  ARG J N   1 
ATOM 1178 C CA  . ARG B 1 64  ? -8.350  -0.550  12.318  1.00 46.07  ? 95  ARG J CA  1 
ATOM 1179 C C   . ARG B 1 64  ? -7.304  0.120   13.197  1.00 47.48  ? 95  ARG J C   1 
ATOM 1180 O O   . ARG B 1 64  ? -6.152  -0.298  13.228  1.00 45.87  ? 95  ARG J O   1 
ATOM 1181 C CB  . ARG B 1 64  ? -8.998  -1.709  13.070  1.00 49.23  ? 95  ARG J CB  1 
ATOM 1182 C CG  . ARG B 1 64  ? -10.238 -1.310  13.815  1.00 55.57  ? 95  ARG J CG  1 
ATOM 1183 C CD  . ARG B 1 64  ? -10.686 -2.379  14.788  1.00 62.75  ? 95  ARG J CD  1 
ATOM 1184 N NE  . ARG B 1 64  ? -11.665 -1.817  15.734  1.00 74.71  ? 95  ARG J NE  1 
ATOM 1185 C CZ  . ARG B 1 64  ? -11.400 -1.387  16.976  1.00 83.15  ? 95  ARG J CZ  1 
ATOM 1186 N NH1 . ARG B 1 64  ? -10.168 -1.452  17.493  1.00 84.62  ? 95  ARG J NH1 1 
ATOM 1187 N NH2 . ARG B 1 64  ? -12.390 -0.890  17.727  1.00 87.35  ? 95  ARG J NH2 1 
ATOM 1188 N N   . CYS B 1 65  ? -7.700  1.162   13.912  1.00 51.81  ? 96  CYS J N   1 
ATOM 1189 C CA  . CYS B 1 65  ? -6.766  1.928   14.729  1.00 56.36  ? 96  CYS J CA  1 
ATOM 1190 C C   . CYS B 1 65  ? -6.767  1.409   16.158  1.00 56.04  ? 96  CYS J C   1 
ATOM 1191 O O   . CYS B 1 65  ? -7.629  1.769   16.963  1.00 56.16  ? 96  CYS J O   1 
ATOM 1192 C CB  . CYS B 1 65  ? -7.137  3.413   14.709  1.00 61.90  ? 96  CYS J CB  1 
ATOM 1193 S SG  . CYS B 1 65  ? -6.098  4.467   15.756  1.00 69.16  ? 96  CYS J SG  1 
ATOM 1194 N N   . ARG B 1 66  ? -5.781  0.577   16.472  1.00 57.72  ? 97  ARG J N   1 
ATOM 1195 C CA  . ARG B 1 66  ? -5.748  -0.152  17.748  1.00 57.07  ? 97  ARG J CA  1 
ATOM 1196 C C   . ARG B 1 66  ? -5.265  0.677   18.949  1.00 54.89  ? 97  ARG J C   1 
ATOM 1197 O O   . ARG B 1 66  ? -5.725  0.466   20.059  1.00 57.96  ? 97  ARG J O   1 
ATOM 1198 C CB  . ARG B 1 66  ? -4.891  -1.416  17.606  1.00 55.97  ? 97  ARG J CB  1 
ATOM 1199 N N   . ILE B 1 67  ? -4.358  1.617   18.724  1.00 52.85  ? 98  ILE J N   1 
ATOM 1200 C CA  . ILE B 1 67  ? -3.771  2.420   19.797  1.00 51.94  ? 98  ILE J CA  1 
ATOM 1201 C C   . ILE B 1 67  ? -4.786  2.771   20.890  1.00 53.78  ? 98  ILE J C   1 
ATOM 1202 O O   . ILE B 1 67  ? -5.899  3.233   20.600  1.00 53.59  ? 98  ILE J O   1 
ATOM 1203 C CB  . ILE B 1 67  ? -3.193  3.738   19.244  1.00 54.09  ? 98  ILE J CB  1 
ATOM 1204 C CG1 . ILE B 1 67  ? -2.198  3.463   18.102  1.00 54.35  ? 98  ILE J CG1 1 
ATOM 1205 C CG2 . ILE B 1 67  ? -2.555  4.541   20.369  1.00 56.43  ? 98  ILE J CG2 1 
ATOM 1206 C CD1 . ILE B 1 67  ? -1.342  4.638   17.675  1.00 53.32  ? 98  ILE J CD1 1 
ATOM 1207 N N   . GLU B 1 68  ? -4.408  2.574   22.150  1.00 55.40  ? 99  GLU J N   1 
ATOM 1208 C CA  . GLU B 1 68  ? -5.353  2.819   23.229  1.00 57.90  ? 99  GLU J CA  1 
ATOM 1209 C C   . GLU B 1 68  ? -5.519  4.317   23.452  1.00 56.95  ? 99  GLU J C   1 
ATOM 1210 O O   . GLU B 1 68  ? -4.562  5.084   23.343  1.00 59.17  ? 99  GLU J O   1 
ATOM 1211 C CB  . GLU B 1 68  ? -4.972  2.081   24.515  1.00 62.72  ? 99  GLU J CB  1 
ATOM 1212 C CG  . GLU B 1 68  ? -3.702  2.531   25.226  1.00 69.71  ? 99  GLU J CG  1 
ATOM 1213 C CD  . GLU B 1 68  ? -3.711  2.187   26.722  1.00 78.05  ? 99  GLU J CD  1 
ATOM 1214 O OE1 . GLU B 1 68  ? -4.491  1.289   27.134  1.00 79.88  ? 99  GLU J OE1 1 
ATOM 1215 O OE2 . GLU B 1 68  ? -2.946  2.824   27.492  1.00 81.63  ? 99  GLU J OE2 1 
ATOM 1216 N N   . ASN B 1 69  ? -6.754  4.725   23.722  1.00 53.42  ? 100 ASN J N   1 
ATOM 1217 C CA  . ASN B 1 69  ? -7.087  6.120   23.940  1.00 49.77  ? 100 ASN J CA  1 
ATOM 1218 C C   . ASN B 1 69  ? -6.928  6.991   22.728  1.00 49.26  ? 100 ASN J C   1 
ATOM 1219 O O   . ASN B 1 69  ? -6.917  8.216   22.853  1.00 48.28  ? 100 ASN J O   1 
ATOM 1220 C CB  . ASN B 1 69  ? -6.241  6.696   25.051  1.00 50.87  ? 100 ASN J CB  1 
ATOM 1221 C CG  . ASN B 1 69  ? -6.481  6.000   26.350  1.00 53.34  ? 100 ASN J CG  1 
ATOM 1222 O OD1 . ASN B 1 69  ? -5.656  5.213   26.823  1.00 59.51  ? 100 ASN J OD1 1 
ATOM 1223 N ND2 . ASN B 1 69  ? -7.634  6.259   26.930  1.00 51.95  ? 100 ASN J ND2 1 
ATOM 1224 N N   . CYS B 1 70  ? -6.821  6.378   21.555  1.00 48.85  ? 101 CYS J N   1 
ATOM 1225 C CA  . CYS B 1 70  ? -6.561  7.149   20.347  1.00 50.23  ? 101 CYS J CA  1 
ATOM 1226 C C   . CYS B 1 70  ? -7.841  7.387   19.560  1.00 48.31  ? 101 CYS J C   1 
ATOM 1227 O O   . CYS B 1 70  ? -8.635  6.483   19.360  1.00 48.10  ? 101 CYS J O   1 
ATOM 1228 C CB  . CYS B 1 70  ? -5.480  6.471   19.490  1.00 50.17  ? 101 CYS J CB  1 
ATOM 1229 S SG  . CYS B 1 70  ? -5.032  7.347   17.961  1.00 51.62  ? 101 CYS J SG  1 
ATOM 1230 N N   . ASP B 1 71  ? -8.037  8.624   19.131  1.00 50.65  ? 102 ASP J N   1 
ATOM 1231 C CA  . ASP B 1 71  ? -9.163  8.970   18.278  1.00 54.23  ? 102 ASP J CA  1 
ATOM 1232 C C   . ASP B 1 71  ? -8.835  8.715   16.821  1.00 53.31  ? 102 ASP J C   1 
ATOM 1233 O O   . ASP B 1 71  ? -9.647  8.171   16.094  1.00 51.04  ? 102 ASP J O   1 
ATOM 1234 C CB  . ASP B 1 71  ? -9.530  10.439  18.443  1.00 58.57  ? 102 ASP J CB  1 
ATOM 1235 C CG  . ASP B 1 71  ? -10.852 10.776  17.796  1.00 61.39  ? 102 ASP J CG  1 
ATOM 1236 O OD1 . ASP B 1 71  ? -10.882 11.031  16.572  1.00 65.90  ? 102 ASP J OD1 1 
ATOM 1237 O OD2 . ASP B 1 71  ? -11.866 10.785  18.519  1.00 63.39  ? 102 ASP J OD2 1 
ATOM 1238 N N   . SER B 1 72  ? -7.647  9.131   16.397  1.00 55.78  ? 103 SER J N   1 
ATOM 1239 C CA  . SER B 1 72  ? -7.223  8.952   15.016  1.00 55.55  ? 103 SER J CA  1 
ATOM 1240 C C   . SER B 1 72  ? -5.763  8.510   14.870  1.00 50.86  ? 103 SER J C   1 
ATOM 1241 O O   . SER B 1 72  ? -4.878  8.999   15.562  1.00 47.20  ? 103 SER J O   1 
ATOM 1242 C CB  . SER B 1 72  ? -7.445  10.247  14.250  1.00 58.87  ? 103 SER J CB  1 
ATOM 1243 O OG  . SER B 1 72  ? -6.893  10.146  12.950  1.00 67.52  ? 103 SER J OG  1 
ATOM 1244 N N   . CYS B 1 73  ? -5.543  7.598   13.927  1.00 52.04  ? 104 CYS J N   1 
ATOM 1245 C CA  . CYS B 1 73  ? -4.237  6.971   13.673  1.00 53.91  ? 104 CYS J CA  1 
ATOM 1246 C C   . CYS B 1 73  ? -3.506  7.563   12.464  1.00 51.13  ? 104 CYS J C   1 
ATOM 1247 O O   . CYS B 1 73  ? -4.128  8.107   11.552  1.00 53.84  ? 104 CYS J O   1 
ATOM 1248 C CB  . CYS B 1 73  ? -4.429  5.477   13.400  1.00 56.10  ? 104 CYS J CB  1 
ATOM 1249 S SG  . CYS B 1 73  ? -4.269  4.424   14.842  1.00 63.85  ? 104 CYS J SG  1 
ATOM 1250 N N   . PHE B 1 74  ? -2.188  7.443   12.467  1.00 45.21  ? 105 PHE J N   1 
ATOM 1251 C CA  . PHE B 1 74  ? -1.392  7.676   11.280  1.00 44.82  ? 105 PHE J CA  1 
ATOM 1252 C C   . PHE B 1 74  ? -0.967  6.295   10.784  1.00 43.97  ? 105 PHE J C   1 
ATOM 1253 O O   . PHE B 1 74  ? -1.074  5.972   9.602   1.00 42.86  ? 105 PHE J O   1 
ATOM 1254 C CB  . PHE B 1 74  ? -0.197  8.587   11.620  1.00 46.95  ? 105 PHE J CB  1 
ATOM 1255 C CG  . PHE B 1 74  ? 0.962   8.492   10.652  1.00 49.33  ? 105 PHE J CG  1 
ATOM 1256 C CD1 . PHE B 1 74  ? 1.896   7.455   10.758  1.00 50.60  ? 105 PHE J CD1 1 
ATOM 1257 C CD2 . PHE B 1 74  ? 1.142   9.446   9.659   1.00 49.78  ? 105 PHE J CD2 1 
ATOM 1258 C CE1 . PHE B 1 74  ? 2.963   7.354   9.881   1.00 51.42  ? 105 PHE J CE1 1 
ATOM 1259 C CE2 . PHE B 1 74  ? 2.209   9.349   8.775   1.00 50.78  ? 105 PHE J CE2 1 
ATOM 1260 C CZ  . PHE B 1 74  ? 3.118   8.299   8.883   1.00 51.93  ? 105 PHE J CZ  1 
ATOM 1261 N N   . SER B 1 75  ? -0.476  5.483   11.711  1.00 42.75  ? 106 SER J N   1 
ATOM 1262 C CA  . SER B 1 75  ? -0.137  4.114   11.426  1.00 42.77  ? 106 SER J CA  1 
ATOM 1263 C C   . SER B 1 75  ? -0.519  3.286   12.637  1.00 43.94  ? 106 SER J C   1 
ATOM 1264 O O   . SER B 1 75  ? -0.985  3.828   13.615  1.00 47.05  ? 106 SER J O   1 
ATOM 1265 C CB  . SER B 1 75  ? 1.355   4.026   11.135  1.00 43.32  ? 106 SER J CB  1 
ATOM 1266 O OG  . SER B 1 75  ? 2.118   4.735   12.087  1.00 41.38  ? 106 SER J OG  1 
ATOM 1267 N N   . ARG B 1 76  ? -0.319  1.979   12.586  1.00 47.21  ? 107 ARG J N   1 
ATOM 1268 C CA  . ARG B 1 76  ? -0.574  1.119   13.740  1.00 49.20  ? 107 ARG J CA  1 
ATOM 1269 C C   . ARG B 1 76  ? 0.091   1.606   15.002  1.00 48.04  ? 107 ARG J C   1 
ATOM 1270 O O   . ARG B 1 76  ? -0.377  1.340   16.091  1.00 49.30  ? 107 ARG J O   1 
ATOM 1271 C CB  . ARG B 1 76  ? -0.061  -0.292  13.493  1.00 52.05  ? 107 ARG J CB  1 
ATOM 1272 C CG  . ARG B 1 76  ? -0.473  -1.267  14.581  1.00 57.41  ? 107 ARG J CG  1 
ATOM 1273 C CD  . ARG B 1 76  ? 0.217   -2.594  14.389  1.00 62.99  ? 107 ARG J CD  1 
ATOM 1274 N NE  . ARG B 1 76  ? -0.221  -3.238  13.158  1.00 68.92  ? 107 ARG J NE  1 
ATOM 1275 C CZ  . ARG B 1 76  ? 0.344   -4.323  12.628  1.00 77.68  ? 107 ARG J CZ  1 
ATOM 1276 N NH1 . ARG B 1 76  ? 1.389   -4.896  13.224  1.00 83.16  ? 107 ARG J NH1 1 
ATOM 1277 N NH2 . ARG B 1 76  ? -0.140  -4.841  11.494  1.00 77.85  ? 107 ARG J NH2 1 
ATOM 1278 N N   . ASP B 1 77  ? 1.194   2.309   14.858  1.00 50.72  ? 108 ASP J N   1 
ATOM 1279 C CA  . ASP B 1 77  ? 2.035   2.617   15.998  1.00 55.61  ? 108 ASP J CA  1 
ATOM 1280 C C   . ASP B 1 77  ? 2.088   4.091   16.407  1.00 53.61  ? 108 ASP J C   1 
ATOM 1281 O O   . ASP B 1 77  ? 2.715   4.414   17.409  1.00 58.54  ? 108 ASP J O   1 
ATOM 1282 C CB  . ASP B 1 77  ? 3.464   2.109   15.719  1.00 62.84  ? 108 ASP J CB  1 
ATOM 1283 C CG  . ASP B 1 77  ? 4.129   2.766   14.483  1.00 63.10  ? 108 ASP J CG  1 
ATOM 1284 O OD1 . ASP B 1 77  ? 3.466   2.975   13.431  1.00 61.64  ? 108 ASP J OD1 1 
ATOM 1285 O OD2 . ASP B 1 77  ? 5.350   3.038   14.578  1.00 64.21  ? 108 ASP J OD2 1 
ATOM 1286 N N   . PHE B 1 78  ? 1.449   4.976   15.649  1.00 48.26  ? 109 PHE J N   1 
ATOM 1287 C CA  . PHE B 1 78  ? 1.532   6.409   15.915  1.00 44.75  ? 109 PHE J CA  1 
ATOM 1288 C C   . PHE B 1 78  ? 0.146   7.056   15.837  1.00 44.60  ? 109 PHE J C   1 
ATOM 1289 O O   . PHE B 1 78  ? -0.547  6.907   14.820  1.00 43.04  ? 109 PHE J O   1 
ATOM 1290 C CB  . PHE B 1 78  ? 2.485   7.055   14.914  1.00 44.33  ? 109 PHE J CB  1 
ATOM 1291 C CG  . PHE B 1 78  ? 2.761   8.489   15.195  1.00 43.07  ? 109 PHE J CG  1 
ATOM 1292 C CD1 . PHE B 1 78  ? 1.900   9.472   14.740  1.00 42.78  ? 109 PHE J CD1 1 
ATOM 1293 C CD2 . PHE B 1 78  ? 3.878   8.857   15.931  1.00 44.55  ? 109 PHE J CD2 1 
ATOM 1294 C CE1 . PHE B 1 78  ? 2.130   10.806  15.030  1.00 45.10  ? 109 PHE J CE1 1 
ATOM 1295 C CE2 . PHE B 1 78  ? 4.126   10.189  16.222  1.00 46.30  ? 109 PHE J CE2 1 
ATOM 1296 C CZ  . PHE B 1 78  ? 3.247   11.168  15.774  1.00 46.55  ? 109 PHE J CZ  1 
ATOM 1297 N N   . CYS B 1 79  ? -0.249  7.767   16.905  1.00 43.10  ? 110 CYS J N   1 
ATOM 1298 C CA  . CYS B 1 79  ? -1.587  8.360   17.014  1.00 43.33  ? 110 CYS J CA  1 
ATOM 1299 C C   . CYS B 1 79  ? -1.578  9.822   16.695  1.00 41.87  ? 110 CYS J C   1 
ATOM 1300 O O   . CYS B 1 79  ? -0.921  10.607  17.359  1.00 44.37  ? 110 CYS J O   1 
ATOM 1301 C CB  . CYS B 1 79  ? -2.168  8.209   18.413  1.00 45.69  ? 110 CYS J CB  1 
ATOM 1302 S SG  . CYS B 1 79  ? -3.824  8.922   18.498  1.00 49.32  ? 110 CYS J SG  1 
ATOM 1303 N N   . ILE B 1 80  ? -2.355  10.199  15.705  1.00 42.34  ? 111 ILE J N   1 
ATOM 1304 C CA  . ILE B 1 80  ? -2.294  11.547  15.199  1.00 45.27  ? 111 ILE J CA  1 
ATOM 1305 C C   . ILE B 1 80  ? -3.084  12.485  16.107  1.00 44.36  ? 111 ILE J C   1 
ATOM 1306 O O   . ILE B 1 80  ? -2.618  13.562  16.395  1.00 46.27  ? 111 ILE J O   1 
ATOM 1307 C CB  . ILE B 1 80  ? -2.762  11.588  13.730  1.00 49.38  ? 111 ILE J CB  1 
ATOM 1308 C CG1 . ILE B 1 80  ? -1.983  12.616  12.931  1.00 53.73  ? 111 ILE J CG1 1 
ATOM 1309 C CG2 . ILE B 1 80  ? -4.252  11.859  13.602  1.00 50.28  ? 111 ILE J CG2 1 
ATOM 1310 C CD1 . ILE B 1 80  ? -2.078  12.362  11.436  1.00 57.92  ? 111 ILE J CD1 1 
ATOM 1311 N N   . LYS B 1 81  ? -4.255  12.065  16.583  1.00 43.65  ? 112 LYS J N   1 
ATOM 1312 C CA  . LYS B 1 81  ? -5.054  12.880  17.501  1.00 42.49  ? 112 LYS J CA  1 
ATOM 1313 C C   . LYS B 1 81  ? -5.696  11.983  18.543  1.00 43.60  ? 112 LYS J C   1 
ATOM 1314 O O   . LYS B 1 81  ? -6.350  10.994  18.204  1.00 39.94  ? 112 LYS J O   1 
ATOM 1315 C CB  . LYS B 1 81  ? -6.139  13.656  16.757  1.00 40.61  ? 112 LYS J CB  1 
ATOM 1316 N N   . CYS B 1 82  ? -5.496  12.328  19.810  1.00 45.02  ? 113 CYS J N   1 
ATOM 1317 C CA  . CYS B 1 82  ? -5.996  11.509  20.900  1.00 47.73  ? 113 CYS J CA  1 
ATOM 1318 C C   . CYS B 1 82  ? -7.434  11.843  21.220  1.00 48.62  ? 113 CYS J C   1 
ATOM 1319 O O   . CYS B 1 82  ? -7.891  12.944  20.961  1.00 47.56  ? 113 CYS J O   1 
ATOM 1320 C CB  . CYS B 1 82  ? -5.196  11.756  22.169  1.00 48.45  ? 113 CYS J CB  1 
ATOM 1321 S SG  . CYS B 1 82  ? -3.499  11.187  22.108  1.00 51.31  ? 113 CYS J SG  1 
ATOM 1322 N N   . LYS B 1 83  ? -8.124  10.885  21.826  1.00 49.71  ? 114 LYS J N   1 
ATOM 1323 C CA  . LYS B 1 83  ? -9.371  11.157  22.508  1.00 50.15  ? 114 LYS J CA  1 
ATOM 1324 C C   . LYS B 1 83  ? -9.115  12.211  23.596  1.00 51.53  ? 114 LYS J C   1 
ATOM 1325 O O   . LYS B 1 83  ? -7.965  12.553  23.874  1.00 55.12  ? 114 LYS J O   1 
ATOM 1326 C CB  . LYS B 1 83  ? -9.938  9.857   23.079  1.00 52.32  ? 114 LYS J CB  1 
ATOM 1327 C CG  . LYS B 1 83  ? -10.757 9.081   22.039  1.00 57.50  ? 114 LYS J CG  1 
ATOM 1328 C CD  . LYS B 1 83  ? -11.061 7.594   22.301  1.00 58.91  ? 114 LYS J CD  1 
ATOM 1329 C CE  . LYS B 1 83  ? -10.583 7.051   23.645  1.00 62.24  ? 114 LYS J CE  1 
ATOM 1330 N NZ  . LYS B 1 83  ? -11.067 7.747   24.876  1.00 62.74  ? 114 LYS J NZ  1 
ATOM 1331 N N   . SER B 1 84  ? -10.174 12.722  24.213  1.00 49.65  ? 115 SER J N   1 
ATOM 1332 C CA  . SER B 1 84  ? -10.083 13.924  25.040  1.00 46.69  ? 115 SER J CA  1 
ATOM 1333 C C   . SER B 1 84  ? -9.543  13.695  26.431  1.00 44.51  ? 115 SER J C   1 
ATOM 1334 O O   . SER B 1 84  ? -9.737  12.643  27.029  1.00 41.77  ? 115 SER J O   1 
ATOM 1335 C CB  . SER B 1 84  ? -11.449 14.555  25.152  1.00 48.36  ? 115 SER J CB  1 
ATOM 1336 O OG  . SER B 1 84  ? -12.137 14.327  23.943  1.00 54.79  ? 115 SER J OG  1 
ATOM 1337 N N   . GLY B 1 85  ? -8.893  14.728  26.954  1.00 44.29  ? 116 GLY J N   1 
ATOM 1338 C CA  . GLY B 1 85  ? -8.225  14.645  28.239  1.00 43.92  ? 116 GLY J CA  1 
ATOM 1339 C C   . GLY B 1 85  ? -6.863  14.001  28.115  1.00 43.44  ? 116 GLY J C   1 
ATOM 1340 O O   . GLY B 1 85  ? -6.157  13.826  29.130  1.00 43.40  ? 116 GLY J O   1 
ATOM 1341 N N   . PHE B 1 86  ? -6.492  13.677  26.870  1.00 41.84  ? 117 PHE J N   1 
ATOM 1342 C CA  . PHE B 1 86  ? -5.221  13.033  26.556  1.00 41.27  ? 117 PHE J CA  1 
ATOM 1343 C C   . PHE B 1 86  ? -4.321  13.846  25.622  1.00 41.76  ? 117 PHE J C   1 
ATOM 1344 O O   . PHE B 1 86  ? -4.706  14.131  24.472  1.00 40.81  ? 117 PHE J O   1 
ATOM 1345 C CB  . PHE B 1 86  ? -5.480  11.712  25.864  1.00 40.55  ? 117 PHE J CB  1 
ATOM 1346 C CG  . PHE B 1 86  ? -6.165  10.714  26.714  1.00 39.15  ? 117 PHE J CG  1 
ATOM 1347 C CD1 . PHE B 1 86  ? -5.458  9.980   27.629  1.00 39.14  ? 117 PHE J CD1 1 
ATOM 1348 C CD2 . PHE B 1 86  ? -7.512  10.487  26.578  1.00 39.90  ? 117 PHE J CD2 1 
ATOM 1349 C CE1 . PHE B 1 86  ? -6.089  9.045   28.414  1.00 38.57  ? 117 PHE J CE1 1 
ATOM 1350 C CE2 . PHE B 1 86  ? -8.151  9.546   27.352  1.00 38.71  ? 117 PHE J CE2 1 
ATOM 1351 C CZ  . PHE B 1 86  ? -7.436  8.825   28.271  1.00 37.87  ? 117 PHE J CZ  1 
ATOM 1352 N N   . TYR B 1 87  ? -3.113  14.170  26.099  1.00 40.28  ? 118 TYR J N   1 
ATOM 1353 C CA  . TYR B 1 87  ? -2.105  14.817  25.262  1.00 39.25  ? 118 TYR J CA  1 
ATOM 1354 C C   . TYR B 1 87  ? -1.404  13.760  24.430  1.00 42.69  ? 118 TYR J C   1 
ATOM 1355 O O   . TYR B 1 87  ? -1.135  12.640  24.909  1.00 41.56  ? 118 TYR J O   1 
ATOM 1356 C CB  . TYR B 1 87  ? -1.040  15.505  26.080  1.00 37.98  ? 118 TYR J CB  1 
ATOM 1357 C CG  . TYR B 1 87  ? -1.541  16.391  27.177  1.00 38.50  ? 118 TYR J CG  1 
ATOM 1358 C CD1 . TYR B 1 87  ? -1.738  15.894  28.449  1.00 37.32  ? 118 TYR J CD1 1 
ATOM 1359 C CD2 . TYR B 1 87  ? -1.769  17.742  26.950  1.00 39.28  ? 118 TYR J CD2 1 
ATOM 1360 C CE1 . TYR B 1 87  ? -2.174  16.704  29.462  1.00 38.02  ? 118 TYR J CE1 1 
ATOM 1361 C CE2 . TYR B 1 87  ? -2.211  18.563  27.954  1.00 39.08  ? 118 TYR J CE2 1 
ATOM 1362 C CZ  . TYR B 1 87  ? -2.409  18.035  29.217  1.00 39.89  ? 118 TYR J CZ  1 
ATOM 1363 O OH  . TYR B 1 87  ? -2.850  18.840  30.249  1.00 42.65  ? 118 TYR J OH  1 
ATOM 1364 N N   . SER B 1 88  ? -1.089  14.123  23.192  1.00 43.65  ? 119 SER J N   1 
ATOM 1365 C CA  . SER B 1 88  ? -0.356  13.245  22.306  1.00 42.48  ? 119 SER J CA  1 
ATOM 1366 C C   . SER B 1 88  ? 1.082   13.614  22.436  1.00 42.30  ? 119 SER J C   1 
ATOM 1367 O O   . SER B 1 88  ? 1.408   14.778  22.584  1.00 40.23  ? 119 SER J O   1 
ATOM 1368 C CB  . SER B 1 88  ? -0.788  13.453  20.882  1.00 43.63  ? 119 SER J CB  1 
ATOM 1369 O OG  . SER B 1 88  ? -0.891  14.837  20.650  1.00 48.31  ? 119 SER J OG  1 
ATOM 1370 N N   . HIS B 1 89  ? 1.931   12.601  22.351  1.00 45.85  ? 120 HIS J N   1 
ATOM 1371 C CA  . HIS B 1 89  ? 3.339   12.721  22.641  1.00 47.05  ? 120 HIS J CA  1 
ATOM 1372 C C   . HIS B 1 89  ? 3.985   11.528  21.987  1.00 48.08  ? 120 HIS J C   1 
ATOM 1373 O O   . HIS B 1 89  ? 3.731   10.400  22.388  1.00 45.76  ? 120 HIS J O   1 
ATOM 1374 C CB  . HIS B 1 89  ? 3.564   12.685  24.158  1.00 49.08  ? 120 HIS J CB  1 
ATOM 1375 C CG  . HIS B 1 89  ? 4.997   12.504  24.556  1.00 49.72  ? 120 HIS J CG  1 
ATOM 1376 N ND1 . HIS B 1 89  ? 5.975   13.439  24.277  1.00 50.95  ? 120 HIS J ND1 1 
ATOM 1377 C CD2 . HIS B 1 89  ? 5.618   11.498  25.213  1.00 48.40  ? 120 HIS J CD2 1 
ATOM 1378 C CE1 . HIS B 1 89  ? 7.136   13.015  24.741  1.00 48.66  ? 120 HIS J CE1 1 
ATOM 1379 N NE2 . HIS B 1 89  ? 6.945   11.840  25.315  1.00 49.82  ? 120 HIS J NE2 1 
ATOM 1380 N N   . LYS B 1 90  ? 4.797   11.781  20.965  1.00 55.27  ? 121 LYS J N   1 
ATOM 1381 C CA  . LYS B 1 90  ? 5.472   10.718  20.204  1.00 56.92  ? 121 LYS J CA  1 
ATOM 1382 C C   . LYS B 1 90  ? 4.488   9.615   19.825  1.00 51.37  ? 121 LYS J C   1 
ATOM 1383 O O   . LYS B 1 90  ? 4.760   8.429   19.992  1.00 47.04  ? 121 LYS J O   1 
ATOM 1384 C CB  . LYS B 1 90  ? 6.656   10.146  20.998  1.00 62.21  ? 121 LYS J CB  1 
ATOM 1385 C CG  . LYS B 1 90  ? 7.833   11.107  21.169  1.00 65.65  ? 121 LYS J CG  1 
ATOM 1386 C CD  . LYS B 1 90  ? 8.735   10.662  22.320  1.00 70.95  ? 121 LYS J CD  1 
ATOM 1387 C CE  . LYS B 1 90  ? 10.050  11.434  22.396  1.00 74.98  ? 121 LYS J CE  1 
ATOM 1388 N NZ  . LYS B 1 90  ? 11.111  10.892  21.489  1.00 76.33  ? 121 LYS J NZ  1 
ATOM 1389 N N   . GLY B 1 91  ? 3.322   10.032  19.350  1.00 51.32  ? 122 GLY J N   1 
ATOM 1390 C CA  . GLY B 1 91  ? 2.314   9.107   18.842  1.00 51.52  ? 122 GLY J CA  1 
ATOM 1391 C C   . GLY B 1 91  ? 1.626   8.195   19.835  1.00 50.06  ? 122 GLY J C   1 
ATOM 1392 O O   . GLY B 1 91  ? 0.987   7.235   19.432  1.00 46.74  ? 122 GLY J O   1 
ATOM 1393 N N   . GLN B 1 92  ? 1.756   8.485   21.123  1.00 51.88  ? 123 GLN J N   1 
ATOM 1394 C CA  . GLN B 1 92  ? 1.034   7.752   22.153  1.00 52.64  ? 123 GLN J CA  1 
ATOM 1395 C C   . GLN B 1 92  ? 0.304   8.769   23.029  1.00 49.87  ? 123 GLN J C   1 
ATOM 1396 O O   . GLN B 1 92  ? 0.744   9.910   23.143  1.00 48.16  ? 123 GLN J O   1 
ATOM 1397 C CB  . GLN B 1 92  ? 1.990   6.895   22.981  1.00 56.26  ? 123 GLN J CB  1 
ATOM 1398 C CG  . GLN B 1 92  ? 2.836   5.914   22.174  1.00 59.16  ? 123 GLN J CG  1 
ATOM 1399 C CD  . GLN B 1 92  ? 2.064   4.713   21.648  1.00 62.01  ? 123 GLN J CD  1 
ATOM 1400 O OE1 . GLN B 1 92  ? 2.287   4.270   20.521  1.00 65.24  ? 123 GLN J OE1 1 
ATOM 1401 N NE2 . GLN B 1 92  ? 1.171   4.166   22.467  1.00 62.25  ? 123 GLN J NE2 1 
ATOM 1402 N N   . CYS B 1 93  ? -0.795  8.333   23.644  1.00 47.42  ? 124 CYS J N   1 
ATOM 1403 C CA  . CYS B 1 93  ? -1.763  9.221   24.296  1.00 46.42  ? 124 CYS J CA  1 
ATOM 1404 C C   . CYS B 1 93  ? -1.678  9.189   25.814  1.00 43.59  ? 124 CYS J C   1 
ATOM 1405 O O   . CYS B 1 93  ? -2.018  8.178   26.410  1.00 42.49  ? 124 CYS J O   1 
ATOM 1406 C CB  . CYS B 1 93  ? -3.174  8.783   23.891  1.00 48.91  ? 124 CYS J CB  1 
ATOM 1407 S SG  . CYS B 1 93  ? -3.594  9.135   22.173  1.00 50.77  ? 124 CYS J SG  1 
ATOM 1408 N N   . PHE B 1 94  ? -1.267  10.292  26.439  1.00 42.55  ? 125 PHE J N   1 
ATOM 1409 C CA  . PHE B 1 94  ? -1.100  10.349  27.905  1.00 42.30  ? 125 PHE J CA  1 
ATOM 1410 C C   . PHE B 1 94  ? -2.157  11.206  28.592  1.00 44.69  ? 125 PHE J C   1 
ATOM 1411 O O   . PHE B 1 94  ? -2.731  12.110  27.991  1.00 46.19  ? 125 PHE J O   1 
ATOM 1412 C CB  . PHE B 1 94  ? 0.266   10.910  28.277  1.00 40.28  ? 125 PHE J CB  1 
ATOM 1413 C CG  . PHE B 1 94  ? 1.400   10.102  27.764  1.00 40.18  ? 125 PHE J CG  1 
ATOM 1414 C CD1 . PHE B 1 94  ? 1.737   10.134  26.417  1.00 40.84  ? 125 PHE J CD1 1 
ATOM 1415 C CD2 . PHE B 1 94  ? 2.138   9.309   28.619  1.00 40.86  ? 125 PHE J CD2 1 
ATOM 1416 C CE1 . PHE B 1 94  ? 2.786   9.385   25.927  1.00 39.69  ? 125 PHE J CE1 1 
ATOM 1417 C CE2 . PHE B 1 94  ? 3.189   8.552   28.139  1.00 40.72  ? 125 PHE J CE2 1 
ATOM 1418 C CZ  . PHE B 1 94  ? 3.512   8.592   26.791  1.00 41.32  ? 125 PHE J CZ  1 
ATOM 1419 N N   . GLU B 1 95  ? -2.393  10.925  29.867  1.00 46.28  ? 126 GLU J N   1 
ATOM 1420 C CA  . GLU B 1 95  ? -3.264  11.754  30.683  1.00 49.01  ? 126 GLU J CA  1 
ATOM 1421 C C   . GLU B 1 95  ? -2.498  12.966  31.193  1.00 46.07  ? 126 GLU J C   1 
ATOM 1422 O O   . GLU B 1 95  ? -3.097  13.993  31.508  1.00 44.30  ? 126 GLU J O   1 
ATOM 1423 C CB  . GLU B 1 95  ? -3.817  10.936  31.856  1.00 56.48  ? 126 GLU J CB  1 
ATOM 1424 C CG  . GLU B 1 95  ? -4.703  9.763   31.420  1.00 64.29  ? 126 GLU J CG  1 
ATOM 1425 C CD  . GLU B 1 95  ? -5.189  8.880   32.571  1.00 71.66  ? 126 GLU J CD  1 
ATOM 1426 O OE1 . GLU B 1 95  ? -6.006  9.364   33.398  1.00 77.75  ? 126 GLU J OE1 1 
ATOM 1427 O OE2 . GLU B 1 95  ? -4.771  7.689   32.633  1.00 72.48  ? 126 GLU J OE2 1 
ATOM 1428 N N   . GLU B 1 96  ? -1.172  12.832  31.237  1.00 45.69  ? 127 GLU J N   1 
ATOM 1429 C CA  . GLU B 1 96  ? -0.258  13.764  31.901  1.00 43.73  ? 127 GLU J CA  1 
ATOM 1430 C C   . GLU B 1 96  ? 1.093   13.704  31.155  1.00 44.01  ? 127 GLU J C   1 
ATOM 1431 O O   . GLU B 1 96  ? 1.563   12.604  30.806  1.00 41.86  ? 127 GLU J O   1 
ATOM 1432 C CB  . GLU B 1 96  ? -0.106  13.319  33.357  1.00 43.33  ? 127 GLU J CB  1 
ATOM 1433 C CG  . GLU B 1 96  ? 0.639   14.274  34.272  1.00 44.83  ? 127 GLU J CG  1 
ATOM 1434 C CD  . GLU B 1 96  ? 0.897   13.715  35.677  1.00 44.87  ? 127 GLU J CD  1 
ATOM 1435 O OE1 . GLU B 1 96  ? -0.003  13.080  36.273  1.00 44.67  ? 127 GLU J OE1 1 
ATOM 1436 O OE2 . GLU B 1 96  ? 2.008   13.933  36.202  1.00 43.62  ? 127 GLU J OE2 1 
ATOM 1437 N N   . CYS B 1 97  ? 1.715   14.861  30.884  1.00 45.27  ? 128 CYS J N   1 
ATOM 1438 C CA  . CYS B 1 97  ? 2.945   14.867  30.062  1.00 44.65  ? 128 CYS J CA  1 
ATOM 1439 C C   . CYS B 1 97  ? 4.082   14.206  30.818  1.00 43.55  ? 128 CYS J C   1 
ATOM 1440 O O   . CYS B 1 97  ? 4.218   14.385  32.025  1.00 48.04  ? 128 CYS J O   1 
ATOM 1441 C CB  . CYS B 1 97  ? 3.375   16.270  29.614  1.00 45.50  ? 128 CYS J CB  1 
ATOM 1442 S SG  . CYS B 1 97  ? 2.530   16.973  28.160  1.00 50.31  ? 128 CYS J SG  1 
ATOM 1443 N N   . PRO B 1 98  ? 4.901   13.427  30.119  1.00 41.88  ? 129 PRO J N   1 
ATOM 1444 C CA  . PRO B 1 98  ? 6.043   12.808  30.760  1.00 42.18  ? 129 PRO J CA  1 
ATOM 1445 C C   . PRO B 1 98  ? 7.084   13.802  31.181  1.00 43.75  ? 129 PRO J C   1 
ATOM 1446 O O   . PRO B 1 98  ? 7.217   14.853  30.576  1.00 45.28  ? 129 PRO J O   1 
ATOM 1447 C CB  . PRO B 1 98  ? 6.656   11.947  29.666  1.00 42.01  ? 129 PRO J CB  1 
ATOM 1448 C CG  . PRO B 1 98  ? 5.622   11.817  28.633  1.00 43.60  ? 129 PRO J CG  1 
ATOM 1449 C CD  . PRO B 1 98  ? 4.783   13.044  28.712  1.00 43.51  ? 129 PRO J CD  1 
ATOM 1450 N N   . GLU B 1 99  ? 7.829   13.434  32.209  1.00 46.93  ? 130 GLU J N   1 
ATOM 1451 C CA  . GLU B 1 99  ? 9.024   14.135  32.616  1.00 49.32  ? 130 GLU J CA  1 
ATOM 1452 C C   . GLU B 1 99  ? 9.796   14.707  31.423  1.00 48.84  ? 130 GLU J C   1 
ATOM 1453 O O   . GLU B 1 99  ? 10.139  13.974  30.499  1.00 50.47  ? 130 GLU J O   1 
ATOM 1454 C CB  . GLU B 1 99  ? 9.922   13.163  33.389  1.00 51.58  ? 130 GLU J CB  1 
ATOM 1455 C CG  . GLU B 1 99  ? 11.358  13.622  33.569  1.00 53.91  ? 130 GLU J CG  1 
ATOM 1456 C CD  . GLU B 1 99  ? 11.454  14.999  34.199  1.00 54.97  ? 130 GLU J CD  1 
ATOM 1457 O OE1 . GLU B 1 99  ? 10.402  15.571  34.571  1.00 55.25  ? 130 GLU J OE1 1 
ATOM 1458 O OE2 . GLU B 1 99  ? 12.588  15.505  34.324  1.00 58.06  ? 130 GLU J OE2 1 
ATOM 1459 N N   . GLY B 1 100 ? 10.080  16.007  31.466  1.00 46.91  ? 131 GLY J N   1 
ATOM 1460 C CA  . GLY B 1 100 ? 10.857  16.669  30.429  1.00 47.10  ? 131 GLY J CA  1 
ATOM 1461 C C   . GLY B 1 100 ? 10.029  17.244  29.299  1.00 47.80  ? 131 GLY J C   1 
ATOM 1462 O O   . GLY B 1 100 ? 10.589  17.760  28.325  1.00 50.88  ? 131 GLY J O   1 
ATOM 1463 N N   . PHE B 1 101 ? 8.703   17.164  29.428  1.00 47.15  ? 132 PHE J N   1 
ATOM 1464 C CA  . PHE B 1 101 ? 7.778   17.710  28.428  1.00 46.69  ? 132 PHE J CA  1 
ATOM 1465 C C   . PHE B 1 101 ? 6.611   18.491  29.013  1.00 46.50  ? 132 PHE J C   1 
ATOM 1466 O O   . PHE B 1 101 ? 6.261   18.331  30.173  1.00 52.62  ? 132 PHE J O   1 
ATOM 1467 C CB  . PHE B 1 101 ? 7.255   16.600  27.556  1.00 45.93  ? 132 PHE J CB  1 
ATOM 1468 C CG  . PHE B 1 101 ? 8.337   15.863  26.862  1.00 48.18  ? 132 PHE J CG  1 
ATOM 1469 C CD1 . PHE B 1 101 ? 8.888   16.364  25.686  1.00 49.26  ? 132 PHE J CD1 1 
ATOM 1470 C CD2 . PHE B 1 101 ? 8.853   14.706  27.404  1.00 47.25  ? 132 PHE J CD2 1 
ATOM 1471 C CE1 . PHE B 1 101 ? 9.906   15.698  25.036  1.00 47.04  ? 132 PHE J CE1 1 
ATOM 1472 C CE2 . PHE B 1 101 ? 9.874   14.034  26.759  1.00 49.01  ? 132 PHE J CE2 1 
ATOM 1473 C CZ  . PHE B 1 101 ? 10.401  14.532  25.573  1.00 47.83  ? 132 PHE J CZ  1 
ATOM 1474 N N   . ALA B 1 102 ? 6.014   19.346  28.199  1.00 43.55  ? 133 ALA J N   1 
ATOM 1475 C CA  . ALA B 1 102 ? 5.035   20.285  28.699  1.00 40.26  ? 133 ALA J CA  1 
ATOM 1476 C C   . ALA B 1 102 ? 3.797   20.307  27.818  1.00 39.10  ? 133 ALA J C   1 
ATOM 1477 O O   . ALA B 1 102 ? 3.898   20.477  26.594  1.00 34.33  ? 133 ALA J O   1 
ATOM 1478 C CB  . ALA B 1 102 ? 5.641   21.669  28.793  1.00 39.48  ? 133 ALA J CB  1 
ATOM 1479 N N   . PRO B 1 103 ? 2.621   20.138  28.446  1.00 37.60  ? 134 PRO J N   1 
ATOM 1480 C CA  . PRO B 1 103 ? 1.375   20.165  27.722  1.00 38.93  ? 134 PRO J CA  1 
ATOM 1481 C C   . PRO B 1 103 ? 1.127   21.512  27.075  1.00 40.15  ? 134 PRO J C   1 
ATOM 1482 O O   . PRO B 1 103 ? 1.476   22.551  27.638  1.00 37.25  ? 134 PRO J O   1 
ATOM 1483 C CB  . PRO B 1 103 ? 0.335   19.944  28.822  1.00 36.84  ? 134 PRO J CB  1 
ATOM 1484 C CG  . PRO B 1 103 ? 0.968   20.486  30.024  1.00 35.11  ? 134 PRO J CG  1 
ATOM 1485 C CD  . PRO B 1 103 ? 2.379   20.024  29.888  1.00 35.34  ? 134 PRO J CD  1 
ATOM 1486 N N   . LEU B 1 104 ? 0.536   21.474  25.894  1.00 42.20  ? 135 LEU J N   1 
ATOM 1487 C CA  . LEU B 1 104 ? -0.161  22.624  25.381  1.00 45.39  ? 135 LEU J CA  1 
ATOM 1488 C C   . LEU B 1 104 ? -1.644  22.271  25.416  1.00 47.26  ? 135 LEU J C   1 
ATOM 1489 O O   . LEU B 1 104 ? -2.169  21.566  24.552  1.00 45.15  ? 135 LEU J O   1 
ATOM 1490 C CB  . LEU B 1 104 ? 0.347   23.005  23.998  1.00 47.89  ? 135 LEU J CB  1 
ATOM 1491 C CG  . LEU B 1 104 ? 1.567   23.947  24.064  1.00 48.90  ? 135 LEU J CG  1 
ATOM 1492 C CD1 . LEU B 1 104 ? 2.740   23.355  24.831  1.00 49.43  ? 135 LEU J CD1 1 
ATOM 1493 C CD2 . LEU B 1 104 ? 2.030   24.365  22.679  1.00 49.23  ? 135 LEU J CD2 1 
ATOM 1494 N N   . ASP B 1 105 ? -2.290  22.752  26.477  1.00 50.26  ? 136 ASP J N   1 
ATOM 1495 C CA  . ASP B 1 105 ? -3.679  22.453  26.781  1.00 50.54  ? 136 ASP J CA  1 
ATOM 1496 C C   . ASP B 1 105 ? -4.665  22.909  25.687  1.00 49.92  ? 136 ASP J C   1 
ATOM 1497 O O   . ASP B 1 105 ? -5.787  22.432  25.639  1.00 53.77  ? 136 ASP J O   1 
ATOM 1498 C CB  . ASP B 1 105 ? -4.047  23.050  28.155  1.00 53.58  ? 136 ASP J CB  1 
ATOM 1499 C CG  . ASP B 1 105 ? -3.454  22.249  29.343  1.00 58.15  ? 136 ASP J CG  1 
ATOM 1500 O OD1 . ASP B 1 105 ? -3.465  21.005  29.280  1.00 59.83  ? 136 ASP J OD1 1 
ATOM 1501 O OD2 . ASP B 1 105 ? -2.996  22.849  30.352  1.00 60.72  ? 136 ASP J OD2 1 
ATOM 1502 N N   . ASP B 1 106 ? -4.252  23.802  24.795  1.00 48.47  ? 137 ASP J N   1 
ATOM 1503 C CA  . ASP B 1 106 ? -5.085  24.168  23.647  1.00 46.36  ? 137 ASP J CA  1 
ATOM 1504 C C   . ASP B 1 106 ? -4.942  23.191  22.478  1.00 47.01  ? 137 ASP J C   1 
ATOM 1505 O O   . ASP B 1 106 ? -5.901  22.933  21.788  1.00 48.70  ? 137 ASP J O   1 
ATOM 1506 C CB  . ASP B 1 106 ? -4.783  25.606  23.179  1.00 47.33  ? 137 ASP J CB  1 
ATOM 1507 C CG  . ASP B 1 106 ? -3.441  25.741  22.445  1.00 46.70  ? 137 ASP J CG  1 
ATOM 1508 O OD1 . ASP B 1 106 ? -2.371  25.666  23.088  1.00 48.14  ? 137 ASP J OD1 1 
ATOM 1509 O OD2 . ASP B 1 106 ? -3.458  25.946  21.217  1.00 44.87  ? 137 ASP J OD2 1 
ATOM 1510 N N   . THR B 1 107 ? -3.746  22.664  22.243  1.00 47.75  ? 138 THR J N   1 
ATOM 1511 C CA  . THR B 1 107 ? -3.510  21.752  21.119  1.00 48.21  ? 138 THR J CA  1 
ATOM 1512 C C   . THR B 1 107 ? -3.302  20.312  21.554  1.00 48.03  ? 138 THR J C   1 
ATOM 1513 O O   . THR B 1 107 ? -3.186  19.438  20.705  1.00 53.90  ? 138 THR J O   1 
ATOM 1514 C CB  . THR B 1 107 ? -2.274  22.182  20.285  1.00 49.93  ? 138 THR J CB  1 
ATOM 1515 O OG1 . THR B 1 107 ? -1.390  22.984  21.087  1.00 50.25  ? 138 THR J OG1 1 
ATOM 1516 C CG2 . THR B 1 107 ? -2.700  22.982  19.071  1.00 48.94  ? 138 THR J CG2 1 
ATOM 1517 N N   . MET B 1 108 ? -3.222  20.074  22.862  1.00 45.25  ? 139 MET J N   1 
ATOM 1518 C CA  . MET B 1 108 ? -3.158  18.723  23.437  1.00 43.47  ? 139 MET J CA  1 
ATOM 1519 C C   . MET B 1 108 ? -1.973  17.900  22.974  1.00 41.85  ? 139 MET J C   1 
ATOM 1520 O O   . MET B 1 108 ? -2.116  16.732  22.599  1.00 39.12  ? 139 MET J O   1 
ATOM 1521 C CB  . MET B 1 108 ? -4.458  17.965  23.182  1.00 42.72  ? 139 MET J CB  1 
ATOM 1522 C CG  . MET B 1 108 ? -5.651  18.667  23.794  1.00 43.16  ? 139 MET J CG  1 
ATOM 1523 S SD  . MET B 1 108 ? -5.403  19.074  25.535  1.00 42.46  ? 139 MET J SD  1 
ATOM 1524 C CE  . MET B 1 108 ? -5.243  17.411  26.189  1.00 42.55  ? 139 MET J CE  1 
ATOM 1525 N N   . VAL B 1 109 ? -0.808  18.532  23.034  1.00 40.81  ? 140 VAL J N   1 
ATOM 1526 C CA  . VAL B 1 109 ? 0.465   17.879  22.773  1.00 40.93  ? 140 VAL J CA  1 
ATOM 1527 C C   . VAL B 1 109 ? 1.487   18.235  23.849  1.00 41.01  ? 140 VAL J C   1 
ATOM 1528 O O   . VAL B 1 109 ? 1.309   19.201  24.604  1.00 40.00  ? 140 VAL J O   1 
ATOM 1529 C CB  . VAL B 1 109 ? 1.037   18.302  21.419  1.00 41.31  ? 140 VAL J CB  1 
ATOM 1530 C CG1 . VAL B 1 109 ? 0.223   17.704  20.298  1.00 40.89  ? 140 VAL J CG1 1 
ATOM 1531 C CG2 . VAL B 1 109 ? 1.060   19.822  21.300  1.00 43.34  ? 140 VAL J CG2 1 
ATOM 1532 N N   . CYS B 1 110 ? 2.556   17.444  23.904  1.00 41.19  ? 141 CYS J N   1 
ATOM 1533 C CA  . CYS B 1 110 ? 3.676   17.682  24.798  1.00 42.11  ? 141 CYS J CA  1 
ATOM 1534 C C   . CYS B 1 110 ? 4.867   18.189  23.960  1.00 42.04  ? 141 CYS J C   1 
ATOM 1535 O O   . CYS B 1 110 ? 5.037   17.760  22.817  1.00 40.23  ? 141 CYS J O   1 
ATOM 1536 C CB  . CYS B 1 110 ? 4.038   16.392  25.538  1.00 44.72  ? 141 CYS J CB  1 
ATOM 1537 S SG  . CYS B 1 110 ? 2.743   15.647  26.587  1.00 47.51  ? 141 CYS J SG  1 
ATOM 1538 N N   . VAL B 1 111 ? 5.666   19.103  24.538  1.00 41.70  ? 142 VAL J N   1 
ATOM 1539 C CA  . VAL B 1 111 ? 6.816   19.768  23.868  1.00 40.35  ? 142 VAL J CA  1 
ATOM 1540 C C   . VAL B 1 111 ? 8.106   19.821  24.742  1.00 41.24  ? 142 VAL J C   1 
ATOM 1541 O O   . VAL B 1 111 ? 8.032   19.567  25.939  1.00 42.29  ? 142 VAL J O   1 
ATOM 1542 C CB  . VAL B 1 111 ? 6.452   21.228  23.494  1.00 39.33  ? 142 VAL J CB  1 
ATOM 1543 C CG1 . VAL B 1 111 ? 5.159   21.297  22.690  1.00 38.12  ? 142 VAL J CG1 1 
ATOM 1544 C CG2 . VAL B 1 111 ? 6.350   22.104  24.732  1.00 38.86  ? 142 VAL J CG2 1 
ATOM 1545 N N   . ASP B 1 112 ? 9.273   20.163  24.168  1.00 40.88  ? 143 ASP J N   1 
ATOM 1546 C CA  . ASP B 1 112 ? 10.472  20.471  24.994  1.00 39.14  ? 143 ASP J CA  1 
ATOM 1547 C C   . ASP B 1 112 ? 10.391  21.921  25.450  1.00 39.87  ? 143 ASP J C   1 
ATOM 1548 O O   . ASP B 1 112 ? 9.614   22.236  26.362  1.00 41.10  ? 143 ASP J O   1 
ATOM 1549 C CB  . ASP B 1 112 ? 11.797  20.225  24.267  1.00 36.02  ? 143 ASP J CB  1 
# 
